data_4CYB
#
_entry.id   4CYB
#
_cell.length_a   92.220
_cell.length_b   153.120
_cell.length_c   170.280
_cell.angle_alpha   90.00
_cell.angle_beta   90.00
_cell.angle_gamma   90.00
#
_symmetry.space_group_name_H-M   'P 21 21 21'
#
loop_
_entity.id
_entity.type
_entity.pdbx_description
1 polymer 'PUTATIVE DNA PROTECTION PROTEIN'
2 non-polymer 'FE (III) ION'
3 non-polymer 'SODIUM ION'
4 water water
#
_entity_poly.entity_id   1
_entity_poly.type   'polypeptide(L)'
_entity_poly.pdbx_seq_one_letter_code
;RTIQEFGTVKQFPVALTMDTRLYSCQRLNKVLADTRILHDLYKKYHWLMRGATFYQLHLLLDKHAGEQLELIDTVAERVQ
TLGGVAVGDPRHVAEITTVPRPPDGVEEVPSMLSRLLEAHELILTECHDAAARTQEYGDDGTNDLLVSEVLRTNELQAWF
VAEHLVDTPLVHA
;
_entity_poly.pdbx_strand_id   A,B,C,D,E,F,G,H,I,J,K,L
#
loop_
_chem_comp.id
_chem_comp.type
_chem_comp.name
_chem_comp.formula
FE non-polymer 'FE (III) ION' 'Fe 3'
NA non-polymer 'SODIUM ION' 'Na 1'
#
# COMPACT_ATOMS: atom_id res chain seq x y z
N ARG A 1 -19.81 42.36 -6.10
CA ARG A 1 -21.10 41.64 -5.85
C ARG A 1 -20.92 40.46 -4.87
N THR A 2 -21.37 40.67 -3.62
CA THR A 2 -21.45 39.62 -2.58
C THR A 2 -22.74 38.81 -2.77
N ILE A 3 -22.64 37.53 -3.07
CA ILE A 3 -23.86 36.72 -3.31
C ILE A 3 -24.50 36.04 -2.06
N GLN A 4 -23.82 36.15 -0.93
CA GLN A 4 -24.33 35.79 0.40
C GLN A 4 -23.46 36.50 1.42
N GLU A 5 -24.08 37.25 2.32
CA GLU A 5 -23.32 37.90 3.38
C GLU A 5 -22.90 36.91 4.47
N PHE A 6 -21.73 37.15 5.04
CA PHE A 6 -21.32 36.47 6.27
C PHE A 6 -22.37 36.68 7.38
N GLY A 7 -22.56 35.67 8.25
CA GLY A 7 -23.47 35.77 9.40
C GLY A 7 -24.92 35.51 9.02
N THR A 8 -25.18 34.99 7.82
CA THR A 8 -26.54 34.60 7.35
C THR A 8 -26.58 33.12 6.97
N VAL A 9 -27.79 32.55 6.82
CA VAL A 9 -27.90 31.18 6.30
C VAL A 9 -28.88 31.21 5.12
N LYS A 10 -28.69 30.36 4.13
CA LYS A 10 -29.62 30.39 3.02
C LYS A 10 -30.64 29.32 3.23
N GLN A 11 -31.74 29.41 2.49
CA GLN A 11 -32.78 28.38 2.50
C GLN A 11 -32.10 27.11 1.99
N PHE A 12 -32.15 26.04 2.77
CA PHE A 12 -31.37 24.85 2.48
C PHE A 12 -32.10 23.57 2.89
N PRO A 13 -32.09 22.54 2.02
CA PRO A 13 -32.91 21.33 2.28
C PRO A 13 -32.27 20.31 3.26
N VAL A 14 -32.13 20.72 4.53
CA VAL A 14 -31.50 19.84 5.54
C VAL A 14 -32.34 19.66 6.85
N ALA A 15 -33.67 19.80 6.77
CA ALA A 15 -34.60 19.43 7.90
C ALA A 15 -34.29 20.07 9.26
N LEU A 16 -33.82 21.31 9.26
CA LEU A 16 -33.52 22.05 10.48
C LEU A 16 -34.01 23.48 10.19
N THR A 17 -34.58 24.15 11.19
CA THR A 17 -35.13 25.50 10.93
C THR A 17 -34.02 26.51 10.70
N MET A 18 -34.37 27.60 10.03
CA MET A 18 -33.45 28.69 9.82
C MET A 18 -32.86 29.18 11.14
N ASP A 19 -33.68 29.33 12.17
CA ASP A 19 -33.12 29.81 13.47
C ASP A 19 -32.09 28.83 14.09
N THR A 20 -32.40 27.54 14.02
CA THR A 20 -31.50 26.47 14.48
C THR A 20 -30.19 26.53 13.70
N ARG A 21 -30.30 26.63 12.38
CA ARG A 21 -29.07 26.63 11.53
C ARG A 21 -28.23 27.86 11.75
N LEU A 22 -28.87 29.02 11.80
CA LEU A 22 -28.12 30.26 12.12
C LEU A 22 -27.32 30.17 13.43
N TYR A 23 -27.96 29.68 14.48
CA TYR A 23 -27.30 29.58 15.78
C TYR A 23 -26.09 28.60 15.74
N SER A 24 -26.30 27.42 15.18
CA SER A 24 -25.20 26.45 15.06
C SER A 24 -24.02 27.07 14.27
N CYS A 25 -24.30 27.85 13.24
CA CYS A 25 -23.28 28.47 12.41
C CYS A 25 -22.50 29.47 13.22
N GLN A 26 -23.21 30.26 14.04
CA GLN A 26 -22.54 31.17 14.97
C GLN A 26 -21.62 30.45 15.92
N ARG A 27 -22.08 29.38 16.54
CA ARG A 27 -21.25 28.71 17.53
C ARG A 27 -20.06 28.01 16.82
N LEU A 28 -20.34 27.34 15.70
CA LEU A 28 -19.25 26.67 14.92
C LEU A 28 -18.22 27.65 14.41
N ASN A 29 -18.61 28.85 13.99
CA ASN A 29 -17.60 29.79 13.52
C ASN A 29 -16.68 30.29 14.62
N LYS A 30 -17.19 30.37 15.83
CA LYS A 30 -16.32 30.73 16.96
C LYS A 30 -15.31 29.59 17.25
N VAL A 31 -15.78 28.33 17.31
CA VAL A 31 -14.88 27.17 17.44
C VAL A 31 -13.87 27.19 16.29
N LEU A 32 -14.33 27.50 15.07
CA LEU A 32 -13.47 27.44 13.90
C LEU A 32 -12.36 28.51 14.01
N ALA A 33 -12.72 29.74 14.42
CA ALA A 33 -11.73 30.82 14.57
C ALA A 33 -10.68 30.45 15.58
N ASP A 34 -11.13 29.97 16.75
CA ASP A 34 -10.19 29.54 17.79
C ASP A 34 -9.27 28.39 17.32
N THR A 35 -9.86 27.45 16.56
CA THR A 35 -9.10 26.27 16.09
C THR A 35 -8.07 26.65 15.04
N ARG A 36 -8.46 27.56 14.16
CA ARG A 36 -7.52 28.18 13.20
C ARG A 36 -6.30 28.78 13.89
N ILE A 37 -6.50 29.46 15.01
CA ILE A 37 -5.34 30.03 15.73
C ILE A 37 -4.52 28.90 16.33
N LEU A 38 -5.20 27.90 16.90
CA LEU A 38 -4.50 26.79 17.57
C LEU A 38 -3.72 25.96 16.52
N HIS A 39 -4.29 25.74 15.33
CA HIS A 39 -3.49 25.14 14.25
C HIS A 39 -2.21 25.91 13.99
N ASP A 40 -2.34 27.20 13.78
CA ASP A 40 -1.14 28.01 13.57
C ASP A 40 -0.15 28.04 14.75
N LEU A 41 -0.63 27.89 15.99
CA LEU A 41 0.29 27.85 17.14
C LEU A 41 1.11 26.57 17.12
N TYR A 42 0.42 25.46 16.84
CA TYR A 42 1.14 24.21 16.73
C TYR A 42 2.17 24.28 15.61
N LYS A 43 1.84 24.82 14.43
CA LYS A 43 2.87 24.91 13.34
C LYS A 43 4.01 25.89 13.74
N LYS A 44 3.64 27.04 14.28
CA LYS A 44 4.72 27.96 14.78
C LYS A 44 5.69 27.22 15.73
N TYR A 45 5.20 26.49 16.73
CA TYR A 45 6.07 25.80 17.64
C TYR A 45 6.81 24.58 17.06
N HIS A 46 6.16 23.90 16.09
CA HIS A 46 6.83 22.87 15.30
C HIS A 46 8.12 23.42 14.65
N TRP A 47 8.05 24.63 14.07
CA TRP A 47 9.20 25.26 13.43
C TRP A 47 10.15 25.87 14.42
N LEU A 48 9.62 26.60 15.43
CA LEU A 48 10.52 27.34 16.38
C LEU A 48 11.10 26.51 17.48
N MET A 49 10.72 25.24 17.56
CA MET A 49 11.16 24.38 18.69
C MET A 49 12.70 24.34 18.77
N ARG A 50 13.24 24.08 19.98
CA ARG A 50 14.69 23.87 20.13
C ARG A 50 14.94 23.21 21.49
N GLY A 51 16.16 22.73 21.71
CA GLY A 51 16.51 22.08 22.99
C GLY A 51 16.67 20.57 22.86
N ALA A 52 16.95 19.90 23.98
CA ALA A 52 17.37 18.47 23.93
C ALA A 52 16.24 17.53 23.48
N THR A 53 15.00 18.00 23.54
CA THR A 53 13.86 17.20 23.09
C THR A 53 13.27 17.72 21.78
N PHE A 54 14.09 18.43 20.97
CA PHE A 54 13.64 19.08 19.73
C PHE A 54 12.90 18.05 18.85
N TYR A 55 13.53 16.92 18.55
CA TYR A 55 12.90 16.01 17.52
C TYR A 55 11.58 15.48 17.99
N GLN A 56 11.56 15.04 19.24
CA GLN A 56 10.32 14.48 19.82
C GLN A 56 9.21 15.55 19.77
N LEU A 57 9.49 16.76 20.27
CA LEU A 57 8.41 17.74 20.24
C LEU A 57 8.06 18.26 18.85
N HIS A 58 9.06 18.37 17.95
CA HIS A 58 8.81 18.74 16.56
C HIS A 58 7.78 17.75 15.96
N LEU A 59 7.98 16.47 16.16
CA LEU A 59 7.03 15.45 15.58
C LEU A 59 5.67 15.52 16.27
N LEU A 60 5.66 15.62 17.59
CA LEU A 60 4.38 15.68 18.34
C LEU A 60 3.56 16.88 17.91
N LEU A 61 4.22 18.03 17.77
CA LEU A 61 3.47 19.25 17.42
C LEU A 61 2.90 19.18 16.00
N ASP A 62 3.63 18.56 15.10
CA ASP A 62 3.12 18.35 13.75
C ASP A 62 1.95 17.37 13.69
N LYS A 63 2.02 16.29 14.47
CA LYS A 63 0.90 15.37 14.60
C LYS A 63 -0.35 16.13 15.03
N HIS A 64 -0.21 16.93 16.10
CA HIS A 64 -1.36 17.69 16.54
C HIS A 64 -1.82 18.73 15.54
N ALA A 65 -0.92 19.43 14.85
CA ALA A 65 -1.33 20.35 13.82
C ALA A 65 -2.18 19.65 12.71
N GLY A 66 -1.73 18.47 12.32
CA GLY A 66 -2.46 17.78 11.19
C GLY A 66 -3.86 17.41 11.66
N GLU A 67 -4.02 17.08 12.93
CA GLU A 67 -5.34 16.78 13.47
C GLU A 67 -6.26 17.99 13.58
N GLN A 68 -5.68 19.14 14.03
CA GLN A 68 -6.43 20.37 14.01
C GLN A 68 -6.82 20.82 12.60
N LEU A 69 -5.95 20.59 11.60
CA LEU A 69 -6.24 21.03 10.24
C LEU A 69 -7.45 20.24 9.76
N GLU A 70 -7.51 18.93 10.09
CA GLU A 70 -8.71 18.17 9.66
C GLU A 70 -10.00 18.65 10.37
N LEU A 71 -9.88 19.00 11.65
CA LEU A 71 -11.03 19.53 12.37
C LEU A 71 -11.49 20.83 11.71
N ILE A 72 -10.57 21.70 11.33
CA ILE A 72 -10.94 22.99 10.66
C ILE A 72 -11.84 22.65 9.47
N ASP A 73 -11.40 21.73 8.67
CA ASP A 73 -12.11 21.45 7.42
C ASP A 73 -13.46 20.82 7.73
N THR A 74 -13.54 19.97 8.74
CA THR A 74 -14.84 19.31 9.07
C THR A 74 -15.84 20.29 9.64
N VAL A 75 -15.33 21.18 10.47
CA VAL A 75 -16.21 22.22 11.05
C VAL A 75 -16.69 23.21 10.00
N ALA A 76 -15.79 23.65 9.10
CA ALA A 76 -16.14 24.61 8.06
C ALA A 76 -17.17 23.99 7.13
N GLU A 77 -16.94 22.73 6.81
CA GLU A 77 -17.92 22.04 5.96
C GLU A 77 -19.28 21.91 6.64
N ARG A 78 -19.28 21.82 7.96
CA ARG A 78 -20.56 21.75 8.72
C ARG A 78 -21.28 23.09 8.63
N VAL A 79 -20.56 24.22 8.81
CA VAL A 79 -21.15 25.55 8.56
C VAL A 79 -21.78 25.61 7.18
N GLN A 80 -21.07 25.13 6.15
CA GLN A 80 -21.63 25.21 4.76
C GLN A 80 -22.82 24.28 4.57
N THR A 81 -22.75 23.10 5.16
CA THR A 81 -23.86 22.14 5.17
C THR A 81 -25.17 22.72 5.74
N LEU A 82 -25.02 23.57 6.76
CA LEU A 82 -26.14 24.21 7.39
C LEU A 82 -26.59 25.46 6.62
N GLY A 83 -25.91 25.81 5.53
CA GLY A 83 -26.30 26.94 4.67
C GLY A 83 -25.65 28.25 5.07
N GLY A 84 -24.68 28.18 5.97
CA GLY A 84 -23.93 29.32 6.49
C GLY A 84 -22.67 29.62 5.70
N VAL A 85 -21.85 30.51 6.26
CA VAL A 85 -20.62 30.97 5.61
C VAL A 85 -19.53 30.75 6.61
N ALA A 86 -18.57 29.86 6.31
CA ALA A 86 -17.48 29.60 7.27
C ALA A 86 -16.50 30.77 7.25
N VAL A 87 -15.89 31.06 8.40
CA VAL A 87 -14.85 32.15 8.45
C VAL A 87 -13.65 31.83 7.52
N GLY A 88 -13.24 32.79 6.70
CA GLY A 88 -12.26 32.52 5.64
C GLY A 88 -10.88 33.06 5.89
N ASP A 89 -10.66 34.30 5.47
CA ASP A 89 -9.33 34.94 5.65
C ASP A 89 -8.94 35.07 7.14
N PRO A 90 -7.62 34.88 7.46
CA PRO A 90 -7.20 34.89 8.85
C PRO A 90 -7.41 36.29 9.50
N ARG A 91 -7.60 37.32 8.66
CA ARG A 91 -7.83 38.68 9.26
C ARG A 91 -9.25 38.77 9.82
N HIS A 92 -10.15 37.96 9.28
CA HIS A 92 -11.48 37.75 9.88
C HIS A 92 -11.42 36.85 11.06
N VAL A 93 -10.74 35.70 10.96
CA VAL A 93 -10.43 34.91 12.15
C VAL A 93 -10.03 35.79 13.38
N ALA A 94 -9.12 36.74 13.14
CA ALA A 94 -8.54 37.59 14.21
C ALA A 94 -9.64 38.37 14.93
N GLU A 95 -10.68 38.74 14.20
CA GLU A 95 -11.81 39.51 14.79
C GLU A 95 -12.81 38.68 15.59
N ILE A 96 -12.87 37.37 15.31
CA ILE A 96 -13.74 36.43 16.01
C ILE A 96 -13.10 35.72 17.20
N THR A 97 -11.82 35.35 17.10
CA THR A 97 -11.21 34.43 18.05
C THR A 97 -11.02 35.11 19.41
N THR A 98 -10.93 34.31 20.45
CA THR A 98 -10.45 34.84 21.73
C THR A 98 -9.18 34.17 22.19
N VAL A 99 -8.50 33.44 21.30
CA VAL A 99 -7.16 32.91 21.67
C VAL A 99 -6.16 34.04 21.50
N PRO A 100 -5.44 34.38 22.58
CA PRO A 100 -4.56 35.55 22.48
C PRO A 100 -3.42 35.31 21.50
N ARG A 101 -2.92 36.41 20.95
CA ARG A 101 -1.73 36.40 20.10
C ARG A 101 -0.45 36.13 20.90
N PRO A 102 0.39 35.18 20.46
CA PRO A 102 1.65 34.95 21.15
C PRO A 102 2.67 35.98 20.74
N PRO A 103 3.83 36.01 21.40
CA PRO A 103 4.90 36.93 20.95
C PRO A 103 5.38 36.55 19.53
N ASP A 104 5.85 37.54 18.75
CA ASP A 104 6.34 37.31 17.37
C ASP A 104 7.54 36.36 17.32
N GLY A 105 8.41 36.44 18.34
CA GLY A 105 9.66 35.66 18.36
C GLY A 105 9.54 34.35 19.09
N VAL A 106 10.66 33.85 19.59
CA VAL A 106 10.76 32.49 20.11
C VAL A 106 10.65 32.51 21.64
N GLU A 107 9.59 31.90 22.19
CA GLU A 107 9.39 31.71 23.66
C GLU A 107 10.18 30.53 24.18
N GLU A 108 10.35 30.41 25.50
CA GLU A 108 10.95 29.21 26.07
C GLU A 108 9.98 28.01 25.87
N VAL A 109 10.54 26.82 25.79
CA VAL A 109 9.74 25.61 25.52
C VAL A 109 8.54 25.41 26.46
N PRO A 110 8.76 25.47 27.82
CA PRO A 110 7.63 25.35 28.70
C PRO A 110 6.55 26.43 28.47
N SER A 111 6.93 27.64 28.04
CA SER A 111 5.97 28.69 27.72
C SER A 111 5.13 28.35 26.46
N MET A 112 5.76 27.72 25.47
CA MET A 112 5.04 27.29 24.26
C MET A 112 3.97 26.28 24.65
N LEU A 113 4.39 25.30 25.41
CA LEU A 113 3.51 24.19 25.89
C LEU A 113 2.36 24.76 26.74
N SER A 114 2.67 25.65 27.68
CA SER A 114 1.60 26.28 28.47
C SER A 114 0.58 27.08 27.65
N ARG A 115 1.06 27.80 26.66
CA ARG A 115 0.18 28.53 25.78
C ARG A 115 -0.73 27.57 24.96
N LEU A 116 -0.19 26.47 24.45
CA LEU A 116 -1.09 25.49 23.77
C LEU A 116 -2.16 24.98 24.73
N LEU A 117 -1.79 24.64 25.95
CA LEU A 117 -2.78 24.15 26.94
C LEU A 117 -3.89 25.16 27.21
N GLU A 118 -3.51 26.43 27.27
CA GLU A 118 -4.50 27.48 27.40
C GLU A 118 -5.49 27.58 26.26
N ALA A 119 -5.00 27.43 25.04
CA ALA A 119 -5.86 27.47 23.87
C ALA A 119 -6.78 26.24 23.90
N HIS A 120 -6.24 25.07 24.19
CA HIS A 120 -7.10 23.85 24.30
C HIS A 120 -8.21 24.03 25.32
N GLU A 121 -7.88 24.61 26.47
CA GLU A 121 -8.92 24.74 27.50
C GLU A 121 -10.02 25.72 27.11
N LEU A 122 -9.65 26.77 26.43
CA LEU A 122 -10.61 27.72 25.98
C LEU A 122 -11.56 27.06 24.99
N ILE A 123 -10.99 26.22 24.11
CA ILE A 123 -11.80 25.58 23.08
C ILE A 123 -12.71 24.52 23.73
N LEU A 124 -12.19 23.78 24.68
CA LEU A 124 -12.96 22.78 25.40
C LEU A 124 -14.18 23.42 26.12
N THR A 125 -13.95 24.56 26.75
CA THR A 125 -14.98 25.26 27.48
C THR A 125 -16.11 25.70 26.56
N GLU A 126 -15.75 26.35 25.45
CA GLU A 126 -16.69 26.73 24.40
C GLU A 126 -17.43 25.52 23.85
N CYS A 127 -16.71 24.43 23.67
CA CYS A 127 -17.28 23.22 23.06
CA CYS A 127 -17.26 23.22 23.09
C CYS A 127 -18.37 22.57 23.93
N HIS A 128 -18.12 22.42 25.24
CA HIS A 128 -19.13 21.88 26.15
C HIS A 128 -20.40 22.68 26.08
N ASP A 129 -20.26 24.00 26.12
CA ASP A 129 -21.43 24.89 26.01
C ASP A 129 -22.18 24.79 24.68
N ALA A 130 -21.44 24.93 23.57
CA ALA A 130 -22.05 24.86 22.28
C ALA A 130 -22.71 23.50 22.04
N ALA A 131 -22.06 22.41 22.48
CA ALA A 131 -22.65 21.07 22.29
C ALA A 131 -24.01 21.02 23.00
N ALA A 132 -24.04 21.50 24.26
CA ALA A 132 -25.32 21.55 25.04
C ALA A 132 -26.40 22.37 24.33
N ARG A 133 -26.08 23.59 23.91
CA ARG A 133 -27.10 24.43 23.29
C ARG A 133 -27.56 23.99 21.92
N THR A 134 -26.64 23.52 21.06
CA THR A 134 -27.10 23.14 19.71
C THR A 134 -27.95 21.88 19.82
N GLN A 135 -27.63 21.03 20.78
CA GLN A 135 -28.48 19.85 21.09
C GLN A 135 -29.89 20.29 21.52
N GLU A 136 -29.96 21.27 22.44
CA GLU A 136 -31.29 21.86 22.84
C GLU A 136 -32.13 22.34 21.65
N TYR A 137 -31.50 22.95 20.64
CA TYR A 137 -32.25 23.39 19.44
C TYR A 137 -32.51 22.29 18.40
N GLY A 138 -32.11 21.06 18.72
CA GLY A 138 -32.41 19.88 17.86
C GLY A 138 -31.33 19.60 16.80
N ASP A 139 -30.18 20.30 16.86
CA ASP A 139 -29.14 20.08 15.85
C ASP A 139 -28.30 18.91 16.28
N ASP A 140 -28.84 17.70 16.07
CA ASP A 140 -28.13 16.48 16.55
C ASP A 140 -26.75 16.31 15.91
N GLY A 141 -26.68 16.56 14.60
CA GLY A 141 -25.41 16.32 13.85
C GLY A 141 -24.27 17.25 14.33
N THR A 142 -24.66 18.50 14.64
CA THR A 142 -23.67 19.50 15.13
C THR A 142 -23.19 19.13 16.52
N ASN A 143 -24.10 18.74 17.40
CA ASN A 143 -23.67 18.22 18.69
C ASN A 143 -22.71 17.05 18.55
N ASP A 144 -23.05 16.08 17.68
CA ASP A 144 -22.16 14.91 17.46
C ASP A 144 -20.75 15.28 16.97
N LEU A 145 -20.66 16.25 16.07
CA LEU A 145 -19.37 16.73 15.57
C LEU A 145 -18.59 17.38 16.70
N LEU A 146 -19.25 18.25 17.44
CA LEU A 146 -18.54 18.93 18.55
C LEU A 146 -18.00 18.02 19.61
N VAL A 147 -18.78 17.03 20.02
CA VAL A 147 -18.37 16.13 21.09
C VAL A 147 -17.39 15.07 20.55
N SER A 148 -17.75 14.39 19.44
CA SER A 148 -16.96 13.22 19.06
CA SER A 148 -16.99 13.21 19.04
C SER A 148 -15.65 13.59 18.38
N GLU A 149 -15.61 14.79 17.77
CA GLU A 149 -14.41 15.22 17.06
C GLU A 149 -13.70 16.34 17.76
N VAL A 150 -14.35 17.49 17.91
CA VAL A 150 -13.65 18.63 18.49
C VAL A 150 -13.28 18.40 19.96
N LEU A 151 -14.24 18.02 20.81
CA LEU A 151 -13.89 17.84 22.23
C LEU A 151 -12.91 16.73 22.42
N ARG A 152 -13.19 15.54 21.87
CA ARG A 152 -12.33 14.41 22.16
C ARG A 152 -10.89 14.60 21.67
N THR A 153 -10.73 15.24 20.51
CA THR A 153 -9.40 15.49 19.98
C THR A 153 -8.68 16.50 20.86
N ASN A 154 -9.38 17.56 21.25
CA ASN A 154 -8.67 18.58 22.09
C ASN A 154 -8.29 18.03 23.48
N GLU A 155 -9.18 17.21 24.08
CA GLU A 155 -8.88 16.60 25.37
C GLU A 155 -7.66 15.68 25.29
N LEU A 156 -7.62 14.78 24.30
CA LEU A 156 -6.46 13.93 24.12
C LEU A 156 -5.14 14.73 23.88
N GLN A 157 -5.20 15.76 23.04
CA GLN A 157 -3.97 16.50 22.69
C GLN A 157 -3.48 17.23 23.94
N ALA A 158 -4.44 17.76 24.71
CA ALA A 158 -4.04 18.50 25.98
C ALA A 158 -3.33 17.57 26.94
N TRP A 159 -3.80 16.32 27.01
CA TRP A 159 -3.08 15.28 27.78
C TRP A 159 -1.63 15.07 27.35
N PHE A 160 -1.41 14.82 26.04
CA PHE A 160 -0.07 14.65 25.51
C PHE A 160 0.81 15.84 25.83
N VAL A 161 0.30 17.03 25.64
CA VAL A 161 1.09 18.26 25.86
C VAL A 161 1.40 18.42 27.35
N ALA A 162 0.35 18.28 28.17
CA ALA A 162 0.50 18.50 29.63
C ALA A 162 1.50 17.57 30.31
N GLU A 163 1.61 16.32 29.85
CA GLU A 163 2.56 15.40 30.48
C GLU A 163 4.04 15.86 30.27
N HIS A 164 4.33 16.61 29.20
CA HIS A 164 5.70 17.08 28.99
C HIS A 164 6.09 18.21 29.93
N LEU A 165 5.12 18.79 30.59
CA LEU A 165 5.44 19.84 31.55
C LEU A 165 5.72 19.30 32.96
N VAL A 166 5.47 18.03 33.21
CA VAL A 166 5.74 17.44 34.54
C VAL A 166 7.26 17.43 34.82
N ASP A 167 7.67 18.12 35.89
CA ASP A 167 9.08 18.16 36.32
C ASP A 167 9.27 16.95 37.19
N THR A 168 10.01 15.96 36.69
CA THR A 168 10.16 14.68 37.37
C THR A 168 11.49 14.03 36.93
N PRO A 169 12.16 13.28 37.82
CA PRO A 169 13.46 12.70 37.42
C PRO A 169 13.30 11.69 36.27
N LEU A 170 14.27 11.68 35.36
CA LEU A 170 14.27 10.77 34.19
C LEU A 170 15.27 9.63 34.38
N VAL A 171 16.30 9.90 35.21
CA VAL A 171 17.37 8.97 35.57
C VAL A 171 17.45 8.95 37.11
N HIS A 172 17.96 7.86 37.68
CA HIS A 172 18.05 7.68 39.16
C HIS A 172 18.86 8.75 39.90
N ARG B 1 8.85 35.28 28.28
CA ARG B 1 10.28 35.57 27.97
C ARG B 1 10.62 35.08 26.56
N THR B 2 10.91 36.01 25.64
CA THR B 2 11.42 35.71 24.30
C THR B 2 12.93 35.38 24.34
N ILE B 3 13.35 34.23 23.85
CA ILE B 3 14.77 33.93 23.85
C ILE B 3 15.47 34.16 22.51
N GLN B 4 14.67 34.44 21.47
CA GLN B 4 15.16 34.98 20.19
C GLN B 4 14.09 35.89 19.61
N GLU B 5 14.46 37.13 19.31
CA GLU B 5 13.52 38.10 18.74
C GLU B 5 13.23 37.78 17.27
N PHE B 6 12.00 38.05 16.86
CA PHE B 6 11.67 38.03 15.43
C PHE B 6 12.55 39.00 14.67
N GLY B 7 12.94 38.65 13.44
CA GLY B 7 13.74 39.57 12.63
C GLY B 7 15.25 39.51 12.94
N THR B 8 15.66 38.55 13.77
CA THR B 8 17.08 38.28 13.96
C THR B 8 17.47 36.90 13.45
N VAL B 9 18.77 36.66 13.29
CA VAL B 9 19.30 35.28 13.06
C VAL B 9 20.30 35.00 14.14
N LYS B 10 20.39 33.76 14.56
CA LYS B 10 21.38 33.41 15.54
C LYS B 10 22.64 32.94 14.83
N GLN B 11 23.74 32.92 15.56
CA GLN B 11 24.96 32.29 15.11
C GLN B 11 24.61 30.82 14.75
N PHE B 12 24.90 30.38 13.53
CA PHE B 12 24.46 29.06 13.07
C PHE B 12 25.45 28.41 12.12
N PRO B 13 25.72 27.09 12.31
CA PRO B 13 26.81 26.41 11.57
C PRO B 13 26.49 25.94 10.11
N VAL B 14 25.89 26.82 9.29
CA VAL B 14 25.52 26.45 7.91
C VAL B 14 26.30 27.17 6.78
N ALA B 15 27.59 27.51 7.03
CA ALA B 15 28.48 28.10 5.99
C ALA B 15 27.93 29.29 5.20
N LEU B 16 27.11 30.15 5.80
CA LEU B 16 26.67 31.37 5.14
C LEU B 16 26.84 32.49 6.19
N THR B 17 27.18 33.68 5.72
CA THR B 17 27.41 34.79 6.68
C THR B 17 26.14 35.27 7.31
N MET B 18 26.28 35.94 8.43
CA MET B 18 25.12 36.47 9.11
C MET B 18 24.31 37.40 8.19
N ASP B 19 24.97 38.29 7.45
CA ASP B 19 24.26 39.19 6.59
C ASP B 19 23.46 38.48 5.52
N THR B 20 24.06 37.43 4.96
CA THR B 20 23.40 36.65 3.91
C THR B 20 22.18 35.97 4.50
N ARG B 21 22.32 35.33 5.66
CA ARG B 21 21.18 34.61 6.29
C ARG B 21 20.08 35.56 6.73
N LEU B 22 20.42 36.73 7.33
CA LEU B 22 19.39 37.70 7.66
C LEU B 22 18.56 38.15 6.45
N TYR B 23 19.21 38.41 5.33
CA TYR B 23 18.51 38.89 4.15
C TYR B 23 17.60 37.77 3.59
N SER B 24 18.14 36.58 3.48
CA SER B 24 17.26 35.47 3.00
C SER B 24 16.02 35.33 3.86
N CYS B 25 16.17 35.39 5.19
CA CYS B 25 15.09 35.24 6.10
C CYS B 25 14.04 36.34 5.95
N GLN B 26 14.51 37.57 5.72
CA GLN B 26 13.54 38.62 5.32
C GLN B 26 12.71 38.33 4.09
N ARG B 27 13.33 37.88 3.03
CA ARG B 27 12.66 37.68 1.76
C ARG B 27 11.75 36.48 1.93
N LEU B 28 12.28 35.42 2.58
CA LEU B 28 11.46 34.20 2.78
C LEU B 28 10.25 34.46 3.66
N ASN B 29 10.36 35.31 4.68
CA ASN B 29 9.18 35.60 5.51
C ASN B 29 8.10 36.36 4.75
N LYS B 30 8.49 37.19 3.78
CA LYS B 30 7.49 37.86 2.97
C LYS B 30 6.75 36.85 2.08
N VAL B 31 7.51 36.00 1.37
CA VAL B 31 6.90 34.92 0.59
C VAL B 31 6.02 34.08 1.50
N LEU B 32 6.51 33.73 2.68
CA LEU B 32 5.74 32.94 3.64
C LEU B 32 4.40 33.58 4.05
N ALA B 33 4.43 34.88 4.41
CA ALA B 33 3.20 35.58 4.79
C ALA B 33 2.21 35.59 3.63
N ASP B 34 2.68 35.85 2.43
CA ASP B 34 1.73 35.92 1.31
C ASP B 34 1.15 34.51 1.00
N THR B 35 2.00 33.50 1.15
CA THR B 35 1.59 32.11 0.85
C THR B 35 0.58 31.66 1.90
N ARG B 36 0.76 32.06 3.15
CA ARG B 36 -0.22 31.79 4.21
C ARG B 36 -1.59 32.34 3.84
N ILE B 37 -1.66 33.59 3.37
CA ILE B 37 -2.95 34.17 2.92
C ILE B 37 -3.50 33.33 1.75
N LEU B 38 -2.61 32.98 0.82
CA LEU B 38 -3.07 32.25 -0.37
C LEU B 38 -3.65 30.85 0.02
N HIS B 39 -2.96 30.14 0.90
CA HIS B 39 -3.51 28.84 1.35
C HIS B 39 -4.90 29.05 1.92
N ASP B 40 -5.06 30.07 2.76
CA ASP B 40 -6.37 30.31 3.36
C ASP B 40 -7.43 30.75 2.36
N LEU B 41 -7.05 31.51 1.31
CA LEU B 41 -7.97 31.79 0.23
C LEU B 41 -8.41 30.49 -0.48
N TYR B 42 -7.46 29.58 -0.73
CA TYR B 42 -7.85 28.34 -1.41
C TYR B 42 -8.83 27.53 -0.52
N LYS B 43 -8.55 27.44 0.78
CA LYS B 43 -9.50 26.77 1.69
C LYS B 43 -10.86 27.51 1.78
N LYS B 44 -10.85 28.84 1.89
CA LYS B 44 -12.11 29.62 1.89
C LYS B 44 -12.96 29.26 0.66
N TYR B 45 -12.35 29.21 -0.52
CA TYR B 45 -13.12 28.98 -1.75
C TYR B 45 -13.50 27.50 -1.91
N HIS B 46 -12.67 26.60 -1.39
CA HIS B 46 -13.01 25.17 -1.27
C HIS B 46 -14.34 25.01 -0.53
N TRP B 47 -14.53 25.74 0.56
CA TRP B 47 -15.78 25.64 1.32
C TRP B 47 -16.90 26.45 0.72
N LEU B 48 -16.64 27.71 0.30
CA LEU B 48 -17.68 28.60 -0.21
C LEU B 48 -18.15 28.31 -1.62
N MET B 49 -17.41 27.48 -2.34
CA MET B 49 -17.79 27.18 -3.74
C MET B 49 -19.28 26.77 -3.89
N ARG B 50 -19.83 27.10 -5.07
CA ARG B 50 -21.22 26.68 -5.45
C ARG B 50 -21.37 26.80 -6.96
N GLY B 51 -22.37 26.13 -7.53
CA GLY B 51 -22.69 26.25 -8.92
C GLY B 51 -22.49 24.91 -9.58
N ALA B 52 -22.70 24.91 -10.87
CA ALA B 52 -22.78 23.67 -11.67
C ALA B 52 -21.43 22.91 -11.73
N THR B 53 -20.32 23.59 -11.43
CA THR B 53 -18.97 22.91 -11.39
C THR B 53 -18.47 22.82 -9.97
N PHE B 54 -19.40 22.82 -8.99
CA PHE B 54 -19.01 22.79 -7.59
C PHE B 54 -17.95 21.70 -7.29
N TYR B 55 -18.25 20.44 -7.63
CA TYR B 55 -17.42 19.38 -7.12
C TYR B 55 -16.04 19.48 -7.76
N GLN B 56 -15.98 19.76 -9.08
CA GLN B 56 -14.71 19.92 -9.76
CA GLN B 56 -14.74 19.95 -9.77
C GLN B 56 -13.85 21.00 -9.10
N LEU B 57 -14.44 22.17 -8.86
CA LEU B 57 -13.68 23.26 -8.27
C LEU B 57 -13.36 23.02 -6.80
N HIS B 58 -14.30 22.49 -6.03
CA HIS B 58 -14.01 22.06 -4.67
C HIS B 58 -12.77 21.17 -4.61
N LEU B 59 -12.67 20.19 -5.50
CA LEU B 59 -11.50 19.30 -5.48
C LEU B 59 -10.20 20.01 -5.94
N LEU B 60 -10.27 20.79 -6.99
CA LEU B 60 -9.08 21.48 -7.54
C LEU B 60 -8.55 22.43 -6.44
N LEU B 61 -9.46 23.18 -5.82
CA LEU B 61 -9.00 24.15 -4.79
C LEU B 61 -8.35 23.45 -3.59
N ASP B 62 -8.85 22.28 -3.22
CA ASP B 62 -8.22 21.49 -2.17
C ASP B 62 -6.86 20.98 -2.57
N LYS B 63 -6.73 20.54 -3.83
CA LYS B 63 -5.44 20.08 -4.30
C LYS B 63 -4.42 21.23 -4.18
N HIS B 64 -4.80 22.41 -4.66
CA HIS B 64 -3.87 23.59 -4.57
C HIS B 64 -3.60 23.97 -3.15
N ALA B 65 -4.62 23.95 -2.29
CA ALA B 65 -4.37 24.23 -0.83
C ALA B 65 -3.34 23.29 -0.23
N GLY B 66 -3.46 21.99 -0.51
CA GLY B 66 -2.52 21.09 0.05
C GLY B 66 -1.08 21.33 -0.41
N GLU B 67 -0.92 21.74 -1.68
CA GLU B 67 0.40 22.02 -2.23
C GLU B 67 1.00 23.29 -1.57
N GLN B 68 0.11 24.26 -1.38
CA GLN B 68 0.55 25.51 -0.68
C GLN B 68 0.92 25.24 0.75
N LEU B 69 0.18 24.35 1.42
CA LEU B 69 0.52 24.03 2.80
C LEU B 69 1.93 23.44 2.93
N GLU B 70 2.28 22.56 2.01
CA GLU B 70 3.62 22.00 1.97
C GLU B 70 4.69 23.09 1.70
N LEU B 71 4.39 24.05 0.81
CA LEU B 71 5.38 25.12 0.57
C LEU B 71 5.58 25.92 1.84
N ILE B 72 4.48 26.19 2.53
CA ILE B 72 4.55 26.93 3.83
C ILE B 72 5.51 26.24 4.77
N ASP B 73 5.36 24.92 4.92
CA ASP B 73 6.21 24.22 5.86
C ASP B 73 7.67 24.25 5.37
N THR B 74 7.89 24.07 4.06
CA THR B 74 9.28 23.99 3.56
C THR B 74 9.98 25.36 3.66
N VAL B 75 9.26 26.38 3.34
CA VAL B 75 9.82 27.74 3.47
C VAL B 75 10.09 28.11 4.95
N ALA B 76 9.13 27.83 5.81
CA ALA B 76 9.28 28.09 7.27
C ALA B 76 10.52 27.32 7.79
N GLU B 77 10.66 26.06 7.39
CA GLU B 77 11.83 25.34 7.84
C GLU B 77 13.11 25.96 7.26
N ARG B 78 13.08 26.55 6.08
CA ARG B 78 14.28 27.11 5.50
C ARG B 78 14.72 28.34 6.36
N VAL B 79 13.72 29.07 6.78
CA VAL B 79 14.02 30.26 7.65
C VAL B 79 14.75 29.76 8.94
N GLN B 80 14.22 28.70 9.57
CA GLN B 80 14.77 28.12 10.78
C GLN B 80 16.15 27.58 10.53
N THR B 81 16.36 26.97 9.35
CA THR B 81 17.63 26.40 9.00
C THR B 81 18.68 27.51 8.90
N LEU B 82 18.24 28.69 8.49
CA LEU B 82 19.17 29.82 8.32
C LEU B 82 19.40 30.53 9.69
N GLY B 83 18.77 30.01 10.71
CA GLY B 83 18.88 30.55 12.10
C GLY B 83 17.94 31.71 12.35
N GLY B 84 16.97 31.90 11.45
CA GLY B 84 15.92 32.90 11.64
C GLY B 84 14.68 32.45 12.41
N VAL B 85 13.65 33.29 12.34
CA VAL B 85 12.39 33.09 13.03
C VAL B 85 11.28 33.21 11.99
N ALA B 86 10.62 32.08 11.71
CA ALA B 86 9.55 32.11 10.69
C ALA B 86 8.30 32.77 11.26
N VAL B 87 7.55 33.45 10.38
CA VAL B 87 6.29 34.12 10.79
C VAL B 87 5.26 33.10 11.35
N GLY B 88 4.69 33.37 12.54
CA GLY B 88 3.93 32.32 13.25
C GLY B 88 2.45 32.57 13.22
N ASP B 89 1.98 33.34 14.19
CA ASP B 89 0.56 33.65 14.28
C ASP B 89 0.00 34.47 13.09
N PRO B 90 -1.26 34.19 12.67
CA PRO B 90 -1.81 34.80 11.49
C PRO B 90 -2.00 36.34 11.67
N ARG B 91 -2.04 36.78 12.93
CA ARG B 91 -2.09 38.22 13.17
C ARG B 91 -0.77 38.92 12.84
N HIS B 92 0.35 38.20 12.94
CA HIS B 92 1.59 38.71 12.44
C HIS B 92 1.67 38.59 10.94
N VAL B 93 1.25 37.44 10.38
CA VAL B 93 1.14 37.35 8.92
C VAL B 93 0.45 38.58 8.33
N ALA B 94 -0.64 39.02 8.95
CA ALA B 94 -1.48 40.08 8.39
C ALA B 94 -0.67 41.40 8.33
N GLU B 95 0.29 41.53 9.23
CA GLU B 95 1.17 42.76 9.26
C GLU B 95 2.23 42.76 8.19
N ILE B 96 2.45 41.62 7.51
CA ILE B 96 3.62 41.47 6.61
C ILE B 96 3.15 41.34 5.18
N THR B 97 2.05 40.61 5.01
CA THR B 97 1.58 40.31 3.70
C THR B 97 1.10 41.54 2.88
N THR B 98 1.17 41.44 1.58
CA THR B 98 0.51 42.44 0.72
C THR B 98 -0.63 41.84 -0.08
N VAL B 99 -1.05 40.63 0.25
CA VAL B 99 -2.21 40.06 -0.44
C VAL B 99 -3.44 40.66 0.24
N PRO B 100 -4.29 41.37 -0.53
CA PRO B 100 -5.44 42.02 0.07
C PRO B 100 -6.48 41.09 0.69
N ARG B 101 -7.20 41.59 1.70
CA ARG B 101 -8.24 40.81 2.37
C ARG B 101 -9.50 40.75 1.51
N PRO B 102 -10.08 39.53 1.30
CA PRO B 102 -11.27 39.41 0.49
C PRO B 102 -12.50 39.82 1.33
N PRO B 103 -13.69 39.93 0.72
CA PRO B 103 -14.92 40.08 1.49
C PRO B 103 -15.11 38.95 2.48
N ASP B 104 -15.80 39.22 3.59
CA ASP B 104 -16.01 38.18 4.56
C ASP B 104 -16.98 37.11 4.04
N GLY B 105 -17.89 37.54 3.18
CA GLY B 105 -18.96 36.66 2.66
C GLY B 105 -18.56 35.96 1.36
N VAL B 106 -19.59 35.55 0.61
CA VAL B 106 -19.36 34.78 -0.63
CA VAL B 106 -19.42 34.78 -0.63
C VAL B 106 -19.40 35.68 -1.88
N GLU B 107 -18.31 35.62 -2.65
CA GLU B 107 -18.16 36.41 -3.88
C GLU B 107 -18.68 35.56 -5.01
N GLU B 108 -18.91 36.17 -6.18
CA GLU B 108 -19.17 35.41 -7.42
C GLU B 108 -17.98 34.49 -7.74
N VAL B 109 -18.29 33.33 -8.30
CA VAL B 109 -17.25 32.30 -8.64
C VAL B 109 -16.08 32.91 -9.43
N PRO B 110 -16.38 33.66 -10.50
CA PRO B 110 -15.22 34.11 -11.24
C PRO B 110 -14.40 35.16 -10.53
N SER B 111 -15.02 35.91 -9.62
CA SER B 111 -14.24 36.80 -8.75
C SER B 111 -13.35 36.08 -7.75
N MET B 112 -13.82 34.96 -7.19
CA MET B 112 -12.90 34.08 -6.40
C MET B 112 -11.69 33.66 -7.23
N LEU B 113 -11.92 33.12 -8.45
CA LEU B 113 -10.80 32.67 -9.27
C LEU B 113 -9.85 33.81 -9.62
N SER B 114 -10.40 34.98 -9.99
CA SER B 114 -9.57 36.13 -10.27
C SER B 114 -8.69 36.55 -9.09
N ARG B 115 -9.26 36.44 -7.89
CA ARG B 115 -8.52 36.86 -6.69
C ARG B 115 -7.34 35.91 -6.43
N LEU B 116 -7.55 34.60 -6.63
CA LEU B 116 -6.45 33.65 -6.53
C LEU B 116 -5.35 34.02 -7.53
N LEU B 117 -5.72 34.28 -8.80
CA LEU B 117 -4.72 34.60 -9.84
C LEU B 117 -3.91 35.83 -9.45
N GLU B 118 -4.59 36.81 -8.90
CA GLU B 118 -3.86 38.02 -8.45
C GLU B 118 -2.90 37.73 -7.32
N ALA B 119 -3.28 36.83 -6.41
CA ALA B 119 -2.39 36.39 -5.37
C ALA B 119 -1.18 35.61 -5.96
N HIS B 120 -1.42 34.64 -6.86
CA HIS B 120 -0.31 33.98 -7.50
C HIS B 120 0.65 34.96 -8.14
N GLU B 121 0.14 35.94 -8.86
CA GLU B 121 1.00 36.88 -9.61
C GLU B 121 1.88 37.71 -8.66
N LEU B 122 1.29 38.17 -7.57
CA LEU B 122 2.02 38.86 -6.53
C LEU B 122 3.17 38.01 -6.00
N ILE B 123 2.87 36.75 -5.66
CA ILE B 123 3.89 35.82 -5.15
C ILE B 123 4.99 35.59 -6.19
N LEU B 124 4.58 35.36 -7.45
CA LEU B 124 5.52 35.09 -8.54
C LEU B 124 6.48 36.28 -8.74
N THR B 125 5.91 37.47 -8.73
CA THR B 125 6.75 38.70 -8.86
C THR B 125 7.79 38.80 -7.73
N GLU B 126 7.37 38.65 -6.47
CA GLU B 126 8.29 38.64 -5.30
C GLU B 126 9.35 37.56 -5.45
N CYS B 127 8.92 36.39 -5.88
CA CYS B 127 9.82 35.23 -6.00
CA CYS B 127 9.80 35.25 -6.00
C CYS B 127 10.96 35.42 -6.98
N HIS B 128 10.67 35.94 -8.17
CA HIS B 128 11.74 36.16 -9.15
C HIS B 128 12.76 37.10 -8.58
N ASP B 129 12.28 38.19 -7.96
CA ASP B 129 13.21 39.15 -7.34
C ASP B 129 14.01 38.55 -6.18
N ALA B 130 13.32 37.85 -5.25
CA ALA B 130 14.03 37.20 -4.11
C ALA B 130 15.03 36.15 -4.57
N ALA B 131 14.66 35.39 -5.62
CA ALA B 131 15.54 34.33 -6.14
C ALA B 131 16.86 34.98 -6.66
N ALA B 132 16.74 36.05 -7.45
CA ALA B 132 17.89 36.76 -8.00
C ALA B 132 18.80 37.30 -6.90
N ARG B 133 18.22 37.98 -5.92
CA ARG B 133 19.03 38.65 -4.89
CA ARG B 133 19.02 38.66 -4.90
C ARG B 133 19.65 37.66 -3.94
N THR B 134 18.89 36.63 -3.52
CA THR B 134 19.55 35.60 -2.64
C THR B 134 20.67 34.88 -3.35
N GLN B 135 20.54 34.69 -4.66
CA GLN B 135 21.61 34.03 -5.40
C GLN B 135 22.87 34.91 -5.39
N GLU B 136 22.67 36.19 -5.66
CA GLU B 136 23.75 37.21 -5.60
C GLU B 136 24.50 37.16 -4.28
N TYR B 137 23.79 36.93 -3.18
CA TYR B 137 24.44 36.91 -1.88
C TYR B 137 25.09 35.54 -1.53
N GLY B 138 24.93 34.60 -2.47
CA GLY B 138 25.55 33.24 -2.33
C GLY B 138 24.69 32.19 -1.63
N ASP B 139 23.41 32.48 -1.39
CA ASP B 139 22.53 31.53 -0.71
C ASP B 139 21.90 30.61 -1.80
N ASP B 140 22.73 29.68 -2.28
CA ASP B 140 22.31 28.82 -3.40
C ASP B 140 21.07 27.99 -3.02
N GLY B 141 21.01 27.56 -1.77
CA GLY B 141 19.93 26.62 -1.30
C GLY B 141 18.60 27.39 -1.31
N THR B 142 18.61 28.66 -0.87
CA THR B 142 17.38 29.43 -0.87
C THR B 142 16.91 29.76 -2.30
N ASN B 143 17.82 30.11 -3.20
CA ASN B 143 17.45 30.34 -4.57
C ASN B 143 16.80 29.07 -5.14
N ASP B 144 17.40 27.93 -4.85
CA ASP B 144 16.85 26.64 -5.42
C ASP B 144 15.43 26.37 -4.91
N LEU B 145 15.20 26.58 -3.60
CA LEU B 145 13.86 26.43 -3.05
C LEU B 145 12.88 27.42 -3.73
N LEU B 146 13.27 28.71 -3.83
CA LEU B 146 12.33 29.68 -4.36
C LEU B 146 11.93 29.33 -5.84
N VAL B 147 12.90 28.86 -6.61
CA VAL B 147 12.68 28.65 -8.04
C VAL B 147 11.99 27.27 -8.23
N SER B 148 12.58 26.23 -7.69
CA SER B 148 12.14 24.86 -8.03
C SER B 148 10.82 24.51 -7.35
N GLU B 149 10.52 25.14 -6.21
CA GLU B 149 9.30 24.84 -5.43
C GLU B 149 8.29 25.94 -5.47
N VAL B 150 8.64 27.12 -4.93
CA VAL B 150 7.63 28.16 -4.86
C VAL B 150 7.24 28.68 -6.25
N LEU B 151 8.19 29.01 -7.11
CA LEU B 151 7.88 29.59 -8.36
C LEU B 151 7.15 28.55 -9.25
N ARG B 152 7.73 27.38 -9.37
CA ARG B 152 7.14 26.41 -10.32
C ARG B 152 5.73 25.97 -9.89
N THR B 153 5.52 25.79 -8.59
CA THR B 153 4.17 25.40 -8.10
C THR B 153 3.17 26.53 -8.35
N ASN B 154 3.53 27.77 -8.03
CA ASN B 154 2.57 28.85 -8.30
C ASN B 154 2.26 29.07 -9.78
N GLU B 155 3.27 28.94 -10.64
CA GLU B 155 3.06 29.11 -12.07
C GLU B 155 2.11 28.01 -12.58
N LEU B 156 2.36 26.75 -12.20
CA LEU B 156 1.43 25.67 -12.65
C LEU B 156 0.00 25.89 -12.07
N GLN B 157 -0.12 26.23 -10.80
CA GLN B 157 -1.44 26.41 -10.23
C GLN B 157 -2.20 27.56 -10.95
N ALA B 158 -1.46 28.64 -11.28
CA ALA B 158 -2.12 29.81 -11.95
C ALA B 158 -2.72 29.37 -13.26
N TRP B 159 -2.00 28.50 -13.97
CA TRP B 159 -2.51 27.95 -15.27
C TRP B 159 -3.81 27.21 -15.06
N PHE B 160 -3.84 26.23 -14.14
CA PHE B 160 -5.09 25.52 -13.91
C PHE B 160 -6.24 26.45 -13.57
N VAL B 161 -6.00 27.45 -12.71
CA VAL B 161 -7.07 28.32 -12.29
C VAL B 161 -7.52 29.17 -13.49
N ALA B 162 -6.56 29.78 -14.19
CA ALA B 162 -6.90 30.64 -15.34
C ALA B 162 -7.76 30.00 -16.38
N GLU B 163 -7.48 28.72 -16.70
CA GLU B 163 -8.25 28.07 -17.74
C GLU B 163 -9.75 28.03 -17.44
N HIS B 164 -10.13 27.97 -16.15
CA HIS B 164 -11.56 27.89 -15.77
C HIS B 164 -12.27 29.19 -16.00
N LEU B 165 -11.48 30.27 -16.19
CA LEU B 165 -12.13 31.57 -16.49
C LEU B 165 -12.42 31.79 -17.99
N VAL B 166 -11.95 30.92 -18.86
CA VAL B 166 -12.18 31.10 -20.28
C VAL B 166 -13.65 30.82 -20.70
N ASP B 167 -14.31 31.79 -21.37
CA ASP B 167 -15.69 31.59 -21.80
C ASP B 167 -15.65 30.97 -23.19
N THR B 168 -15.98 29.69 -23.33
CA THR B 168 -15.82 29.08 -24.66
C THR B 168 -16.99 28.09 -24.81
N PRO B 169 -17.53 27.88 -26.03
CA PRO B 169 -18.59 26.84 -26.07
C PRO B 169 -18.10 25.45 -25.60
N LEU B 170 -18.92 24.73 -24.83
CA LEU B 170 -18.58 23.34 -24.39
C LEU B 170 -19.37 22.24 -25.10
N VAL B 171 -20.52 22.55 -25.70
CA VAL B 171 -21.41 21.49 -26.20
C VAL B 171 -21.70 21.65 -27.69
N HIS B 172 -22.34 20.67 -28.33
CA HIS B 172 -22.59 20.93 -29.76
C HIS B 172 -23.78 21.77 -30.10
N ARG C 1 36.31 13.90 26.55
CA ARG C 1 36.27 12.74 27.50
C ARG C 1 35.58 11.52 26.85
N THR C 2 36.29 10.39 26.78
CA THR C 2 35.70 9.10 26.41
C THR C 2 34.88 8.54 27.58
N ILE C 3 33.57 8.34 27.39
CA ILE C 3 32.75 7.76 28.46
C ILE C 3 32.76 6.22 28.43
N GLN C 4 33.26 5.61 27.35
CA GLN C 4 33.50 4.15 27.29
C GLN C 4 34.53 3.80 26.24
N GLU C 5 35.55 3.02 26.63
CA GLU C 5 36.64 2.63 25.70
C GLU C 5 36.18 1.53 24.75
N PHE C 6 36.60 1.60 23.49
CA PHE C 6 36.51 0.48 22.55
C PHE C 6 37.18 -0.73 23.16
N GLY C 7 36.61 -1.92 22.93
CA GLY C 7 37.20 -3.19 23.39
C GLY C 7 36.80 -3.56 24.81
N THR C 8 35.90 -2.79 25.43
CA THR C 8 35.33 -3.11 26.74
C THR C 8 33.81 -3.34 26.72
N VAL C 9 33.31 -4.04 27.74
CA VAL C 9 31.86 -4.11 27.96
C VAL C 9 31.47 -3.49 29.29
N LYS C 10 30.28 -2.94 29.36
CA LYS C 10 29.79 -2.40 30.60
C LYS C 10 28.98 -3.43 31.37
N GLN C 11 28.73 -3.17 32.66
CA GLN C 11 27.73 -3.91 33.40
C GLN C 11 26.38 -3.80 32.66
N PHE C 12 25.76 -4.91 32.32
CA PHE C 12 24.49 -4.84 31.60
C PHE C 12 23.55 -5.96 32.05
N PRO C 13 22.24 -5.64 32.26
CA PRO C 13 21.21 -6.61 32.69
C PRO C 13 20.72 -7.64 31.61
N VAL C 14 21.64 -8.35 30.94
CA VAL C 14 21.24 -9.29 29.88
C VAL C 14 21.59 -10.77 30.13
N ALA C 15 21.73 -11.14 31.41
CA ALA C 15 21.83 -12.54 31.85
C ALA C 15 22.97 -13.32 31.21
N LEU C 16 24.08 -12.65 30.94
CA LEU C 16 25.28 -13.31 30.42
C LEU C 16 26.45 -12.69 31.13
N THR C 17 27.46 -13.49 31.43
CA THR C 17 28.62 -12.96 32.20
C THR C 17 29.44 -11.92 31.41
N MET C 18 30.17 -11.06 32.13
CA MET C 18 31.14 -10.16 31.51
C MET C 18 32.11 -10.82 30.51
N ASP C 19 32.71 -11.95 30.87
CA ASP C 19 33.59 -12.66 29.98
C ASP C 19 32.89 -13.10 28.72
N THR C 20 31.69 -13.65 28.85
CA THR C 20 30.91 -14.09 27.67
C THR C 20 30.65 -12.92 26.72
N ARG C 21 30.19 -11.82 27.28
CA ARG C 21 29.83 -10.64 26.49
C ARG C 21 31.05 -10.01 25.84
N LEU C 22 32.16 -9.88 26.58
CA LEU C 22 33.38 -9.40 25.93
C LEU C 22 33.83 -10.27 24.74
N TYR C 23 33.81 -11.58 24.90
CA TYR C 23 34.21 -12.48 23.81
C TYR C 23 33.27 -12.33 22.56
N SER C 24 31.96 -12.37 22.80
CA SER C 24 31.01 -12.23 21.69
C SER C 24 31.25 -10.89 20.97
N CYS C 25 31.45 -9.82 21.74
CA CYS C 25 31.74 -8.54 21.13
C CYS C 25 33.00 -8.50 20.25
N GLN C 26 34.07 -9.13 20.69
CA GLN C 26 35.26 -9.29 19.86
C GLN C 26 34.95 -10.05 18.58
N ARG C 27 34.23 -11.16 18.67
CA ARG C 27 33.94 -11.94 17.47
C ARG C 27 32.98 -11.17 16.54
N LEU C 28 31.96 -10.55 17.10
CA LEU C 28 30.97 -9.78 16.29
C LEU C 28 31.65 -8.58 15.60
N ASN C 29 32.54 -7.88 16.28
CA ASN C 29 33.28 -6.77 15.65
C ASN C 29 34.18 -7.14 14.50
N LYS C 30 34.73 -8.35 14.50
CA LYS C 30 35.50 -8.81 13.36
C LYS C 30 34.56 -9.07 12.18
N VAL C 31 33.46 -9.79 12.41
CA VAL C 31 32.46 -10.06 11.37
C VAL C 31 31.90 -8.71 10.89
N LEU C 32 31.71 -7.77 11.82
CA LEU C 32 31.19 -6.44 11.50
C LEU C 32 32.14 -5.66 10.61
N ALA C 33 33.44 -5.66 10.94
CA ALA C 33 34.42 -4.99 10.09
C ALA C 33 34.48 -5.62 8.69
N ASP C 34 34.48 -6.95 8.57
CA ASP C 34 34.60 -7.53 7.26
C ASP C 34 33.31 -7.24 6.42
N THR C 35 32.18 -7.26 7.11
CA THR C 35 30.89 -6.98 6.45
C THR C 35 30.83 -5.53 5.94
N ARG C 36 31.33 -4.56 6.74
CA ARG C 36 31.48 -3.18 6.26
C ARG C 36 32.23 -3.11 4.97
N ILE C 37 33.37 -3.85 4.80
CA ILE C 37 34.12 -3.82 3.58
C ILE C 37 33.28 -4.46 2.49
N LEU C 38 32.61 -5.54 2.83
CA LEU C 38 31.86 -6.29 1.75
C LEU C 38 30.66 -5.43 1.24
N HIS C 39 30.01 -4.70 2.16
CA HIS C 39 28.93 -3.74 1.72
C HIS C 39 29.53 -2.75 0.72
N ASP C 40 30.68 -2.16 1.04
CA ASP C 40 31.28 -1.17 0.21
C ASP C 40 31.78 -1.76 -1.10
N LEU C 41 32.18 -3.03 -1.13
CA LEU C 41 32.59 -3.68 -2.37
C LEU C 41 31.35 -3.84 -3.24
N TYR C 42 30.24 -4.32 -2.66
CA TYR C 42 29.04 -4.44 -3.48
C TYR C 42 28.60 -3.07 -4.06
N LYS C 43 28.66 -2.01 -3.27
CA LYS C 43 28.30 -0.68 -3.87
C LYS C 43 29.34 -0.23 -4.93
N LYS C 44 30.64 -0.43 -4.66
CA LYS C 44 31.67 -0.06 -5.59
C LYS C 44 31.29 -0.70 -6.92
N TYR C 45 31.00 -2.02 -6.88
CA TYR C 45 30.73 -2.65 -8.12
C TYR C 45 29.38 -2.36 -8.76
N HIS C 46 28.40 -2.05 -7.91
CA HIS C 46 27.10 -1.53 -8.40
C HIS C 46 27.35 -0.30 -9.27
N TRP C 47 28.24 0.60 -8.82
CA TRP C 47 28.54 1.79 -9.60
C TRP C 47 29.43 1.55 -10.80
N LEU C 48 30.50 0.76 -10.63
CA LEU C 48 31.54 0.64 -11.65
C LEU C 48 31.22 -0.38 -12.74
N MET C 49 30.13 -1.13 -12.56
CA MET C 49 29.77 -2.19 -13.51
C MET C 49 29.71 -1.64 -14.94
N ARG C 50 30.01 -2.55 -15.89
CA ARG C 50 29.85 -2.24 -17.32
C ARG C 50 29.75 -3.54 -18.11
N GLY C 51 29.38 -3.49 -19.38
CA GLY C 51 29.32 -4.68 -20.21
C GLY C 51 27.89 -5.05 -20.58
N ALA C 52 27.73 -6.16 -21.33
CA ALA C 52 26.39 -6.47 -21.88
C ALA C 52 25.35 -6.89 -20.82
N THR C 53 25.78 -7.18 -19.59
CA THR C 53 24.82 -7.54 -18.52
C THR C 53 24.79 -6.45 -17.42
N PHE C 54 25.09 -5.21 -17.80
CA PHE C 54 25.22 -4.13 -16.80
C PHE C 54 23.97 -4.01 -15.92
N TYR C 55 22.79 -3.93 -16.52
CA TYR C 55 21.57 -3.65 -15.72
C TYR C 55 21.26 -4.80 -14.78
N GLN C 56 21.39 -6.03 -15.24
CA GLN C 56 21.20 -7.21 -14.40
C GLN C 56 22.19 -7.19 -13.20
N LEU C 57 23.47 -6.97 -13.44
CA LEU C 57 24.46 -7.06 -12.36
C LEU C 57 24.33 -5.78 -11.49
N HIS C 58 24.02 -4.67 -12.14
CA HIS C 58 23.82 -3.42 -11.30
C HIS C 58 22.73 -3.65 -10.27
N LEU C 59 21.63 -4.26 -10.72
CA LEU C 59 20.56 -4.57 -9.79
C LEU C 59 20.84 -5.63 -8.76
N LEU C 60 21.46 -6.72 -9.16
CA LEU C 60 21.77 -7.81 -8.24
C LEU C 60 22.73 -7.30 -7.17
N LEU C 61 23.77 -6.57 -7.59
CA LEU C 61 24.75 -6.07 -6.61
C LEU C 61 24.09 -5.14 -5.60
N ASP C 62 23.18 -4.32 -6.09
CA ASP C 62 22.41 -3.46 -5.15
C ASP C 62 21.51 -4.25 -4.17
N LYS C 63 20.89 -5.33 -4.66
CA LYS C 63 20.10 -6.14 -3.76
C LYS C 63 21.01 -6.69 -2.66
N HIS C 64 22.20 -7.18 -3.04
CA HIS C 64 23.07 -7.78 -2.01
C HIS C 64 23.63 -6.70 -1.09
N ALA C 65 23.92 -5.51 -1.62
CA ALA C 65 24.37 -4.41 -0.74
C ALA C 65 23.32 -4.11 0.33
N GLY C 66 22.05 -4.02 -0.07
CA GLY C 66 20.98 -3.69 0.87
C GLY C 66 20.85 -4.72 1.93
N GLU C 67 20.98 -5.99 1.53
CA GLU C 67 21.04 -7.07 2.56
C GLU C 67 22.25 -6.99 3.50
N GLN C 68 23.42 -6.64 2.99
CA GLN C 68 24.63 -6.50 3.84
C GLN C 68 24.45 -5.33 4.81
N LEU C 69 23.78 -4.25 4.35
CA LEU C 69 23.67 -3.03 5.19
C LEU C 69 22.81 -3.36 6.42
N GLU C 70 21.73 -4.12 6.22
CA GLU C 70 20.89 -4.65 7.28
C GLU C 70 21.66 -5.56 8.24
N LEU C 71 22.51 -6.43 7.70
CA LEU C 71 23.39 -7.26 8.56
C LEU C 71 24.31 -6.38 9.45
N ILE C 72 24.92 -5.36 8.85
CA ILE C 72 25.76 -4.38 9.58
C ILE C 72 24.98 -3.85 10.79
N ASP C 73 23.77 -3.34 10.52
CA ASP C 73 23.04 -2.70 11.57
C ASP C 73 22.66 -3.71 12.64
N THR C 74 22.24 -4.93 12.24
CA THR C 74 21.81 -5.85 13.30
C THR C 74 23.01 -6.44 14.15
N VAL C 75 24.17 -6.62 13.52
CA VAL C 75 25.37 -7.14 14.25
C VAL C 75 25.85 -6.00 15.15
N ALA C 76 25.83 -4.78 14.63
CA ALA C 76 26.26 -3.65 15.48
C ALA C 76 25.35 -3.47 16.70
N GLU C 77 24.04 -3.56 16.48
CA GLU C 77 23.11 -3.46 17.57
C GLU C 77 23.30 -4.62 18.54
N ARG C 78 23.69 -5.78 18.06
CA ARG C 78 23.97 -6.90 18.96
C ARG C 78 25.16 -6.57 19.88
N VAL C 79 26.18 -5.95 19.32
CA VAL C 79 27.39 -5.58 20.11
C VAL C 79 26.97 -4.62 21.19
N GLN C 80 26.17 -3.64 20.82
CA GLN C 80 25.66 -2.69 21.82
C GLN C 80 24.77 -3.34 22.87
N THR C 81 23.97 -4.31 22.45
CA THR C 81 23.05 -5.02 23.35
C THR C 81 23.86 -5.79 24.44
N LEU C 82 25.00 -6.30 24.04
CA LEU C 82 25.91 -7.06 24.91
C LEU C 82 26.73 -6.15 25.81
N GLY C 83 26.50 -4.85 25.68
CA GLY C 83 27.21 -3.82 26.43
C GLY C 83 28.52 -3.39 25.81
N GLY C 84 28.83 -3.81 24.57
CA GLY C 84 30.11 -3.46 23.91
C GLY C 84 30.09 -2.17 23.09
N VAL C 85 31.12 -1.99 22.29
CA VAL C 85 31.23 -0.81 21.42
C VAL C 85 31.41 -1.36 20.00
N ALA C 86 30.43 -1.07 19.12
CA ALA C 86 30.49 -1.50 17.71
C ALA C 86 31.54 -0.67 16.98
N VAL C 87 32.29 -1.29 16.08
CA VAL C 87 33.26 -0.55 15.24
CA VAL C 87 33.25 -0.55 15.26
C VAL C 87 32.56 0.59 14.46
N GLY C 88 33.17 1.80 14.50
CA GLY C 88 32.49 3.05 14.02
C GLY C 88 32.98 3.55 12.68
N ASP C 89 33.97 4.43 12.75
CA ASP C 89 34.60 5.05 11.59
C ASP C 89 35.30 3.99 10.72
N PRO C 90 35.25 4.16 9.39
CA PRO C 90 35.83 3.16 8.50
C PRO C 90 37.37 3.08 8.61
N ARG C 91 38.01 4.13 9.10
CA ARG C 91 39.46 4.04 9.40
C ARG C 91 39.74 3.04 10.54
N HIS C 92 38.76 2.85 11.44
CA HIS C 92 38.86 1.80 12.45
C HIS C 92 38.55 0.46 11.85
N VAL C 93 37.48 0.38 11.05
CA VAL C 93 37.22 -0.83 10.31
C VAL C 93 38.47 -1.36 9.61
N ALA C 94 39.21 -0.47 8.94
CA ALA C 94 40.42 -0.80 8.18
C ALA C 94 41.47 -1.55 9.05
N GLU C 95 41.55 -1.16 10.32
CA GLU C 95 42.50 -1.77 11.27
C GLU C 95 42.06 -3.15 11.79
N ILE C 96 40.81 -3.53 11.59
CA ILE C 96 40.27 -4.76 12.17
C ILE C 96 40.03 -5.77 11.06
N THR C 97 39.58 -5.34 9.89
CA THR C 97 39.19 -6.29 8.83
C THR C 97 40.33 -7.11 8.26
N THR C 98 40.03 -8.32 7.73
CA THR C 98 41.05 -8.99 6.89
C THR C 98 40.63 -9.11 5.44
N VAL C 99 39.56 -8.38 5.05
CA VAL C 99 39.18 -8.38 3.63
C VAL C 99 40.14 -7.42 2.92
N PRO C 100 40.90 -7.90 1.95
CA PRO C 100 41.88 -7.06 1.26
C PRO C 100 41.26 -5.86 0.51
N ARG C 101 42.04 -4.79 0.44
CA ARG C 101 41.64 -3.63 -0.34
C ARG C 101 41.71 -3.92 -1.84
N PRO C 102 40.62 -3.60 -2.59
CA PRO C 102 40.59 -3.78 -4.04
C PRO C 102 41.39 -2.64 -4.75
N PRO C 103 41.65 -2.75 -6.03
CA PRO C 103 42.25 -1.63 -6.75
C PRO C 103 41.35 -0.41 -6.70
N ASP C 104 41.96 0.78 -6.73
CA ASP C 104 41.18 2.03 -6.67
C ASP C 104 40.32 2.17 -7.93
N GLY C 105 40.77 1.62 -9.05
CA GLY C 105 40.06 1.80 -10.33
C GLY C 105 39.12 0.66 -10.68
N VAL C 106 38.90 0.46 -11.96
CA VAL C 106 37.89 -0.46 -12.47
C VAL C 106 38.56 -1.76 -12.89
N GLU C 107 38.18 -2.85 -12.24
CA GLU C 107 38.66 -4.21 -12.60
C GLU C 107 37.78 -4.81 -13.69
N GLU C 108 38.26 -5.88 -14.31
CA GLU C 108 37.43 -6.69 -15.20
C GLU C 108 36.25 -7.27 -14.40
N VAL C 109 35.09 -7.36 -15.04
CA VAL C 109 33.86 -7.89 -14.39
C VAL C 109 34.08 -9.23 -13.66
N PRO C 110 34.69 -10.25 -14.33
CA PRO C 110 34.88 -11.49 -13.56
C PRO C 110 35.77 -11.36 -12.33
N SER C 111 36.75 -10.45 -12.36
CA SER C 111 37.58 -10.17 -11.18
C SER C 111 36.78 -9.55 -10.05
N MET C 112 35.87 -8.64 -10.40
CA MET C 112 34.97 -8.09 -9.36
C MET C 112 34.16 -9.21 -8.72
N LEU C 113 33.57 -10.06 -9.56
CA LEU C 113 32.74 -11.13 -8.99
C LEU C 113 33.58 -12.11 -8.17
N SER C 114 34.79 -12.44 -8.65
CA SER C 114 35.66 -13.37 -7.88
C SER C 114 36.06 -12.75 -6.55
N ARG C 115 36.27 -11.43 -6.53
CA ARG C 115 36.63 -10.77 -5.29
C ARG C 115 35.48 -10.78 -4.25
N LEU C 116 34.25 -10.57 -4.73
CA LEU C 116 33.09 -10.72 -3.85
C LEU C 116 33.06 -12.16 -3.26
N LEU C 117 33.29 -13.19 -4.09
CA LEU C 117 33.23 -14.59 -3.57
C LEU C 117 34.31 -14.85 -2.52
N GLU C 118 35.53 -14.33 -2.75
CA GLU C 118 36.56 -14.40 -1.71
C GLU C 118 36.21 -13.77 -0.41
N ALA C 119 35.57 -12.59 -0.48
CA ALA C 119 35.11 -11.94 0.71
C ALA C 119 33.98 -12.71 1.42
N HIS C 120 33.01 -13.21 0.67
CA HIS C 120 31.99 -14.14 1.25
C HIS C 120 32.63 -15.30 1.99
N GLU C 121 33.55 -15.99 1.32
CA GLU C 121 34.14 -17.20 1.90
C GLU C 121 34.91 -16.88 3.18
N LEU C 122 35.60 -15.74 3.20
CA LEU C 122 36.29 -15.30 4.40
C LEU C 122 35.30 -15.10 5.57
N ILE C 123 34.18 -14.39 5.28
CA ILE C 123 33.20 -14.12 6.33
C ILE C 123 32.51 -15.42 6.77
N LEU C 124 32.23 -16.34 5.83
CA LEU C 124 31.56 -17.58 6.16
C LEU C 124 32.46 -18.41 7.11
N THR C 125 33.76 -18.47 6.75
CA THR C 125 34.71 -19.19 7.60
C THR C 125 34.75 -18.65 9.04
N GLU C 126 34.81 -17.32 9.18
CA GLU C 126 34.78 -16.72 10.49
C GLU C 126 33.46 -16.97 11.18
N CYS C 127 32.36 -16.93 10.45
CA CYS C 127 31.04 -17.11 11.05
CA CYS C 127 31.06 -17.09 11.06
C CYS C 127 30.87 -18.49 11.67
N HIS C 128 31.29 -19.51 10.94
CA HIS C 128 31.14 -20.90 11.47
C HIS C 128 31.89 -21.05 12.79
N ASP C 129 33.11 -20.49 12.83
CA ASP C 129 33.95 -20.57 14.02
C ASP C 129 33.35 -19.75 15.16
N ALA C 130 33.01 -18.48 14.87
CA ALA C 130 32.40 -17.65 15.88
C ALA C 130 31.06 -18.21 16.45
N ALA C 131 30.24 -18.79 15.59
CA ALA C 131 28.96 -19.36 16.02
C ALA C 131 29.26 -20.54 16.99
N ALA C 132 30.21 -21.42 16.66
CA ALA C 132 30.57 -22.55 17.57
C ALA C 132 31.12 -22.07 18.92
N ARG C 133 32.11 -21.17 18.88
CA ARG C 133 32.66 -20.59 20.13
C ARG C 133 31.68 -19.79 21.01
N THR C 134 30.89 -18.87 20.43
CA THR C 134 29.91 -18.15 21.23
C THR C 134 28.85 -19.09 21.86
N GLN C 135 28.44 -20.13 21.14
CA GLN C 135 27.47 -21.13 21.64
C GLN C 135 28.04 -21.80 22.92
N GLU C 136 29.32 -22.19 22.83
CA GLU C 136 30.04 -22.86 23.93
C GLU C 136 30.05 -22.02 25.19
N TYR C 137 30.23 -20.70 25.05
CA TYR C 137 30.15 -19.80 26.21
C TYR C 137 28.76 -19.45 26.64
N GLY C 138 27.75 -20.02 25.97
CA GLY C 138 26.39 -19.79 26.39
C GLY C 138 25.65 -18.60 25.77
N ASP C 139 26.23 -17.95 24.75
CA ASP C 139 25.55 -16.79 24.11
C ASP C 139 24.68 -17.30 22.96
N ASP C 140 23.50 -17.82 23.30
CA ASP C 140 22.61 -18.49 22.30
C ASP C 140 22.12 -17.49 21.28
N GLY C 141 21.84 -16.26 21.71
CA GLY C 141 21.31 -15.20 20.84
C GLY C 141 22.33 -14.79 19.77
N THR C 142 23.61 -14.74 20.14
CA THR C 142 24.67 -14.38 19.19
C THR C 142 24.86 -15.50 18.22
N ASN C 143 24.84 -16.73 18.72
CA ASN C 143 24.97 -17.85 17.81
C ASN C 143 23.80 -17.85 16.77
N ASP C 144 22.58 -17.64 17.24
CA ASP C 144 21.41 -17.58 16.33
C ASP C 144 21.57 -16.48 15.24
N LEU C 145 22.02 -15.28 15.66
CA LEU C 145 22.24 -14.18 14.71
C LEU C 145 23.26 -14.57 13.68
N LEU C 146 24.38 -15.15 14.13
CA LEU C 146 25.45 -15.47 13.24
C LEU C 146 25.03 -16.55 12.23
N VAL C 147 24.25 -17.50 12.67
CA VAL C 147 23.87 -18.59 11.77
C VAL C 147 22.66 -18.19 10.89
N SER C 148 21.60 -17.71 11.51
CA SER C 148 20.32 -17.56 10.77
C SER C 148 20.37 -16.34 9.83
N GLU C 149 21.12 -15.31 10.22
CA GLU C 149 21.22 -14.11 9.40
C GLU C 149 22.54 -13.99 8.67
N VAL C 150 23.68 -13.92 9.38
CA VAL C 150 24.90 -13.64 8.67
C VAL C 150 25.31 -14.81 7.80
N LEU C 151 25.30 -16.02 8.36
CA LEU C 151 25.77 -17.15 7.57
C LEU C 151 24.83 -17.41 6.38
N ARG C 152 23.55 -17.56 6.66
CA ARG C 152 22.64 -17.89 5.58
C ARG C 152 22.57 -16.84 4.45
N THR C 153 22.65 -15.56 4.81
CA THR C 153 22.64 -14.52 3.80
C THR C 153 23.85 -14.60 2.91
N ASN C 154 25.02 -14.75 3.51
CA ASN C 154 26.24 -14.79 2.72
C ASN C 154 26.33 -16.05 1.88
N GLU C 155 25.77 -17.16 2.36
CA GLU C 155 25.75 -18.40 1.50
C GLU C 155 24.90 -18.20 0.27
N LEU C 156 23.69 -17.69 0.47
CA LEU C 156 22.78 -17.46 -0.64
C LEU C 156 23.39 -16.47 -1.65
N GLN C 157 23.97 -15.37 -1.14
CA GLN C 157 24.54 -14.37 -2.03
C GLN C 157 25.70 -14.95 -2.85
N ALA C 158 26.56 -15.74 -2.20
CA ALA C 158 27.69 -16.33 -2.91
C ALA C 158 27.18 -17.22 -4.04
N TRP C 159 26.05 -17.94 -3.81
CA TRP C 159 25.42 -18.75 -4.89
C TRP C 159 25.06 -17.88 -6.07
N PHE C 160 24.31 -16.80 -5.84
CA PHE C 160 23.91 -15.94 -6.94
C PHE C 160 25.13 -15.38 -7.69
N VAL C 161 26.19 -14.96 -6.96
CA VAL C 161 27.35 -14.37 -7.62
C VAL C 161 28.11 -15.46 -8.39
N ALA C 162 28.30 -16.60 -7.75
CA ALA C 162 29.08 -17.72 -8.38
C ALA C 162 28.48 -18.17 -9.71
N GLU C 163 27.13 -18.26 -9.80
CA GLU C 163 26.52 -18.72 -11.08
C GLU C 163 26.83 -17.85 -12.31
N HIS C 164 27.08 -16.55 -12.12
CA HIS C 164 27.35 -15.66 -13.24
C HIS C 164 28.74 -15.84 -13.77
N LEU C 165 29.60 -16.51 -13.00
CA LEU C 165 30.98 -16.82 -13.41
C LEU C 165 31.06 -18.11 -14.27
N VAL C 166 29.99 -18.90 -14.28
CA VAL C 166 29.90 -20.10 -15.16
C VAL C 166 29.98 -19.77 -16.66
N ASP C 167 30.98 -20.32 -17.34
CA ASP C 167 31.12 -20.11 -18.73
C ASP C 167 30.42 -21.28 -19.44
N THR C 168 29.29 -20.99 -20.09
CA THR C 168 28.44 -22.02 -20.64
C THR C 168 27.65 -21.34 -21.79
N PRO C 169 27.30 -22.09 -22.87
CA PRO C 169 26.61 -21.48 -23.99
C PRO C 169 25.22 -20.96 -23.54
N LEU C 170 24.79 -19.87 -24.14
CA LEU C 170 23.47 -19.28 -23.83
C LEU C 170 22.53 -19.48 -25.01
N VAL C 171 23.08 -19.70 -26.20
CA VAL C 171 22.33 -19.89 -27.44
C VAL C 171 22.88 -21.22 -28.05
N HIS C 172 22.10 -21.89 -28.90
CA HIS C 172 22.51 -23.20 -29.51
C HIS C 172 23.69 -23.13 -30.45
N THR D 2 43.27 -4.04 -14.41
CA THR D 2 42.56 -2.73 -14.32
C THR D 2 42.21 -2.18 -15.70
N ILE D 3 40.91 -2.01 -15.98
CA ILE D 3 40.43 -1.55 -17.28
C ILE D 3 40.16 -0.03 -17.32
N GLN D 4 40.16 0.63 -16.16
CA GLN D 4 40.11 2.12 -16.15
C GLN D 4 40.70 2.60 -14.85
N GLU D 5 41.65 3.53 -14.93
CA GLU D 5 42.32 3.99 -13.74
C GLU D 5 41.47 4.99 -12.99
N PHE D 6 41.60 5.00 -11.65
CA PHE D 6 40.97 6.01 -10.85
C PHE D 6 41.56 7.37 -11.29
N GLY D 7 40.77 8.44 -11.21
CA GLY D 7 41.29 9.80 -11.51
C GLY D 7 41.26 10.09 -13.00
N THR D 8 40.66 9.22 -13.79
CA THR D 8 40.49 9.42 -15.25
C THR D 8 39.02 9.41 -15.65
N VAL D 9 38.73 9.99 -16.80
CA VAL D 9 37.45 9.85 -17.42
C VAL D 9 37.61 9.22 -18.75
N LYS D 10 36.70 8.32 -19.12
CA LYS D 10 36.70 7.76 -20.46
C LYS D 10 35.85 8.58 -21.42
N GLN D 11 36.08 8.36 -22.71
CA GLN D 11 35.18 8.89 -23.77
C GLN D 11 33.77 8.38 -23.47
N PHE D 12 32.79 9.30 -23.48
CA PHE D 12 31.44 8.93 -22.99
C PHE D 12 30.37 9.84 -23.61
N PRO D 13 29.22 9.27 -24.03
CA PRO D 13 28.25 10.06 -24.82
C PRO D 13 27.26 10.90 -23.97
N VAL D 14 27.79 11.88 -23.22
CA VAL D 14 26.93 12.67 -22.37
C VAL D 14 27.05 14.17 -22.70
N ALA D 15 27.56 14.49 -23.90
CA ALA D 15 27.46 15.86 -24.44
C ALA D 15 28.22 16.86 -23.57
N LEU D 16 29.29 16.43 -22.94
CA LEU D 16 30.14 17.34 -22.13
C LEU D 16 31.59 17.08 -22.48
N THR D 17 32.41 18.13 -22.52
CA THR D 17 33.84 17.94 -22.85
C THR D 17 34.58 17.10 -21.79
N MET D 18 35.68 16.48 -22.23
CA MET D 18 36.54 15.74 -21.29
C MET D 18 37.02 16.62 -20.11
N ASP D 19 37.47 17.85 -20.39
CA ASP D 19 37.99 18.68 -19.27
C ASP D 19 36.88 18.97 -18.24
N THR D 20 35.67 19.30 -18.71
CA THR D 20 34.58 19.58 -17.76
C THR D 20 34.23 18.35 -16.95
N ARG D 21 34.12 17.20 -17.63
CA ARG D 21 33.76 15.95 -16.92
C ARG D 21 34.84 15.60 -15.90
N LEU D 22 36.12 15.73 -16.30
CA LEU D 22 37.20 15.37 -15.38
C LEU D 22 37.15 16.25 -14.12
N TYR D 23 36.94 17.54 -14.30
CA TYR D 23 36.91 18.42 -13.15
C TYR D 23 35.71 18.12 -12.22
N SER D 24 34.55 18.01 -12.81
CA SER D 24 33.36 17.54 -12.07
C SER D 24 33.63 16.28 -11.26
N CYS D 25 34.22 15.24 -11.88
CA CYS D 25 34.48 14.01 -11.15
C CYS D 25 35.42 14.25 -9.96
N GLN D 26 36.43 15.12 -10.15
CA GLN D 26 37.37 15.44 -9.06
C GLN D 26 36.63 16.09 -7.90
N ARG D 27 35.77 17.06 -8.20
CA ARG D 27 35.07 17.69 -7.09
C ARG D 27 34.06 16.75 -6.44
N LEU D 28 33.35 15.95 -7.24
CA LEU D 28 32.32 15.08 -6.70
C LEU D 28 32.96 14.01 -5.82
N ASN D 29 34.16 13.53 -6.19
CA ASN D 29 34.82 12.44 -5.42
C ASN D 29 35.20 12.97 -4.04
N LYS D 30 35.50 14.27 -3.96
CA LYS D 30 35.82 14.86 -2.64
C LYS D 30 34.56 14.94 -1.79
N VAL D 31 33.47 15.44 -2.38
CA VAL D 31 32.18 15.48 -1.68
C VAL D 31 31.77 14.06 -1.24
N LEU D 32 32.00 13.10 -2.14
CA LEU D 32 31.61 11.76 -1.88
C LEU D 32 32.42 11.12 -0.73
N ALA D 33 33.74 11.33 -0.70
CA ALA D 33 34.53 10.80 0.41
C ALA D 33 34.08 11.39 1.74
N ASP D 34 33.85 12.69 1.79
CA ASP D 34 33.43 13.33 3.03
C ASP D 34 32.05 12.79 3.45
N THR D 35 31.16 12.57 2.47
CA THR D 35 29.82 12.13 2.77
C THR D 35 29.85 10.71 3.28
N ARG D 36 30.76 9.93 2.69
CA ARG D 36 30.96 8.51 3.15
C ARG D 36 31.33 8.50 4.64
N ILE D 37 32.21 9.40 5.06
CA ILE D 37 32.54 9.48 6.48
C ILE D 37 31.36 9.94 7.32
N LEU D 38 30.63 10.94 6.85
CA LEU D 38 29.50 11.47 7.58
C LEU D 38 28.39 10.39 7.75
N HIS D 39 28.18 9.60 6.71
CA HIS D 39 27.18 8.49 6.85
C HIS D 39 27.63 7.57 7.97
N ASP D 40 28.91 7.17 7.94
CA ASP D 40 29.41 6.30 9.00
C ASP D 40 29.39 6.93 10.41
N LEU D 41 29.58 8.26 10.50
CA LEU D 41 29.41 8.93 11.80
C LEU D 41 27.97 8.83 12.32
N TYR D 42 27.01 9.13 11.45
CA TYR D 42 25.63 8.94 11.81
C TYR D 42 25.31 7.52 12.24
N LYS D 43 25.76 6.51 11.50
CA LYS D 43 25.51 5.14 11.96
C LYS D 43 26.23 4.82 13.31
N LYS D 44 27.48 5.28 13.40
CA LYS D 44 28.23 5.08 14.66
C LYS D 44 27.42 5.64 15.83
N TYR D 45 26.94 6.87 15.70
CA TYR D 45 26.21 7.48 16.79
C TYR D 45 24.78 6.93 17.04
N HIS D 46 24.09 6.48 15.97
CA HIS D 46 22.85 5.66 16.10
C HIS D 46 23.09 4.51 17.06
N TRP D 47 24.21 3.78 16.91
CA TRP D 47 24.46 2.59 17.75
C TRP D 47 24.99 2.98 19.10
N LEU D 48 25.91 3.94 19.15
CA LEU D 48 26.55 4.31 20.47
C LEU D 48 25.74 5.21 21.38
N MET D 49 24.66 5.78 20.86
CA MET D 49 23.81 6.71 21.64
C MET D 49 23.39 6.17 23.04
N ARG D 50 23.23 7.06 24.02
CA ARG D 50 22.76 6.67 25.33
C ARG D 50 22.25 7.91 26.03
N GLY D 51 21.53 7.74 27.14
CA GLY D 51 20.98 8.84 27.88
C GLY D 51 19.48 8.96 27.74
N ALA D 52 18.94 10.01 28.39
CA ALA D 52 17.50 10.21 28.55
C ALA D 52 16.76 10.41 27.23
N THR D 53 17.50 10.80 26.19
CA THR D 53 16.88 11.05 24.86
C THR D 53 17.33 10.00 23.87
N PHE D 54 17.70 8.82 24.39
CA PHE D 54 18.23 7.76 23.52
C PHE D 54 17.33 7.51 22.28
N TYR D 55 16.06 7.20 22.48
CA TYR D 55 15.23 6.68 21.35
C TYR D 55 15.04 7.78 20.31
N GLN D 56 14.74 8.99 20.79
CA GLN D 56 14.68 10.16 19.93
C GLN D 56 15.91 10.38 19.04
N LEU D 57 17.09 10.41 19.66
CA LEU D 57 18.30 10.61 18.88
C LEU D 57 18.66 9.40 18.04
N HIS D 58 18.38 8.20 18.55
CA HIS D 58 18.67 6.94 17.78
C HIS D 58 17.88 7.05 16.46
N LEU D 59 16.62 7.44 16.56
CA LEU D 59 15.74 7.56 15.36
C LEU D 59 16.17 8.71 14.43
N LEU D 60 16.50 9.87 15.01
CA LEU D 60 16.95 11.01 14.22
C LEU D 60 18.24 10.70 13.43
N LEU D 61 19.23 10.07 14.07
CA LEU D 61 20.50 9.82 13.45
C LEU D 61 20.34 8.77 12.34
N ASP D 62 19.46 7.81 12.57
CA ASP D 62 19.11 6.87 11.49
C ASP D 62 18.37 7.54 10.31
N LYS D 63 17.47 8.50 10.56
CA LYS D 63 16.84 9.24 9.43
C LYS D 63 17.91 9.92 8.62
N HIS D 64 18.81 10.64 9.32
CA HIS D 64 19.88 11.30 8.58
C HIS D 64 20.84 10.38 7.89
N ALA D 65 21.16 9.24 8.50
CA ALA D 65 22.05 8.30 7.82
C ALA D 65 21.38 7.83 6.52
N GLY D 66 20.09 7.51 6.61
CA GLY D 66 19.35 7.03 5.38
C GLY D 66 19.40 8.06 4.26
N GLU D 67 19.28 9.34 4.61
CA GLU D 67 19.35 10.38 3.62
C GLU D 67 20.77 10.53 3.02
N GLN D 68 21.80 10.44 3.87
CA GLN D 68 23.18 10.52 3.39
C GLN D 68 23.48 9.31 2.49
N LEU D 69 22.95 8.16 2.84
CA LEU D 69 23.25 6.97 2.02
C LEU D 69 22.70 7.17 0.59
N GLU D 70 21.52 7.79 0.49
CA GLU D 70 20.96 8.08 -0.84
C GLU D 70 21.83 9.09 -1.58
N LEU D 71 22.33 10.09 -0.86
CA LEU D 71 23.26 11.05 -1.47
C LEU D 71 24.53 10.43 -1.99
N ILE D 72 25.09 9.49 -1.22
CA ILE D 72 26.28 8.74 -1.70
C ILE D 72 25.98 8.08 -3.04
N ASP D 73 24.85 7.41 -3.10
CA ASP D 73 24.54 6.61 -4.29
C ASP D 73 24.31 7.57 -5.47
N THR D 74 23.63 8.68 -5.22
CA THR D 74 23.38 9.63 -6.32
C THR D 74 24.68 10.32 -6.83
N VAL D 75 25.51 10.78 -5.89
CA VAL D 75 26.79 11.39 -6.27
C VAL D 75 27.69 10.39 -6.95
N ALA D 76 27.77 9.16 -6.47
CA ALA D 76 28.62 8.16 -7.15
C ALA D 76 28.14 7.86 -8.54
N GLU D 77 26.81 7.73 -8.71
CA GLU D 77 26.30 7.50 -10.05
C GLU D 77 26.52 8.70 -10.97
N ARG D 78 26.52 9.90 -10.40
CA ARG D 78 26.91 11.05 -11.21
C ARG D 78 28.37 10.96 -11.73
N VAL D 79 29.28 10.55 -10.89
CA VAL D 79 30.69 10.34 -11.33
C VAL D 79 30.74 9.36 -12.48
N GLN D 80 29.98 8.26 -12.34
CA GLN D 80 29.96 7.27 -13.42
C GLN D 80 29.32 7.78 -14.70
N THR D 81 28.28 8.57 -14.56
CA THR D 81 27.56 9.15 -15.67
C THR D 81 28.49 10.04 -16.51
N LEU D 82 29.45 10.67 -15.82
CA LEU D 82 30.41 11.54 -16.48
C LEU D 82 31.62 10.77 -17.02
N GLY D 83 31.55 9.44 -16.95
CA GLY D 83 32.65 8.58 -17.46
C GLY D 83 33.83 8.44 -16.51
N GLY D 84 33.65 8.87 -15.26
CA GLY D 84 34.69 8.85 -14.23
C GLY D 84 34.62 7.59 -13.36
N VAL D 85 35.38 7.59 -12.28
CA VAL D 85 35.44 6.45 -11.35
C VAL D 85 35.16 6.94 -9.95
N ALA D 86 34.02 6.50 -9.37
CA ALA D 86 33.59 6.85 -8.02
C ALA D 86 34.51 6.17 -6.99
N VAL D 87 34.92 6.87 -5.94
CA VAL D 87 35.66 6.29 -4.82
CA VAL D 87 35.67 6.27 -4.87
C VAL D 87 34.93 5.06 -4.26
N GLY D 88 35.64 3.96 -4.13
CA GLY D 88 35.03 2.65 -3.73
C GLY D 88 35.31 2.24 -2.29
N ASP D 89 36.43 1.54 -2.06
CA ASP D 89 36.70 1.03 -0.71
C ASP D 89 36.92 2.17 0.33
N PRO D 90 36.51 1.99 1.60
CA PRO D 90 36.68 3.04 2.60
C PRO D 90 38.16 3.37 2.88
N ARG D 91 39.09 2.48 2.49
CA ARG D 91 40.53 2.77 2.71
C ARG D 91 40.97 3.81 1.69
N HIS D 92 40.31 3.87 0.53
CA HIS D 92 40.51 4.97 -0.44
C HIS D 92 39.81 6.20 0.04
N VAL D 93 38.56 6.07 0.51
CA VAL D 93 37.86 7.21 1.12
C VAL D 93 38.77 7.95 2.14
N ALA D 94 39.41 7.15 3.01
CA ALA D 94 40.29 7.71 4.07
C ALA D 94 41.46 8.58 3.52
N GLU D 95 41.88 8.31 2.30
CA GLU D 95 42.99 9.08 1.72
C GLU D 95 42.50 10.35 1.07
N ILE D 96 41.21 10.45 0.79
CA ILE D 96 40.63 11.66 0.14
C ILE D 96 39.95 12.61 1.11
N THR D 97 39.28 12.06 2.12
CA THR D 97 38.44 12.87 3.03
C THR D 97 39.25 13.85 3.85
N THR D 98 38.65 14.99 4.23
CA THR D 98 39.25 15.83 5.25
C THR D 98 38.38 15.84 6.47
N VAL D 99 37.39 14.94 6.54
CA VAL D 99 36.61 14.82 7.78
C VAL D 99 37.46 14.03 8.81
N PRO D 100 37.78 14.63 9.96
CA PRO D 100 38.66 13.91 10.91
C PRO D 100 38.11 12.58 11.50
N ARG D 101 39.01 11.69 11.86
CA ARG D 101 38.61 10.45 12.55
C ARG D 101 38.15 10.71 13.97
N PRO D 102 36.96 10.22 14.38
CA PRO D 102 36.58 10.37 15.77
C PRO D 102 37.34 9.34 16.65
N PRO D 103 37.26 9.50 17.98
CA PRO D 103 37.74 8.40 18.85
C PRO D 103 37.09 7.04 18.53
N ASP D 104 37.83 5.95 18.75
CA ASP D 104 37.28 4.60 18.55
C ASP D 104 36.11 4.28 19.48
N GLY D 105 36.10 4.91 20.65
CA GLY D 105 35.16 4.58 21.72
C GLY D 105 33.93 5.47 21.71
N VAL D 106 33.25 5.57 22.84
CA VAL D 106 32.05 6.36 22.95
C VAL D 106 32.40 7.75 23.55
N GLU D 107 32.07 8.83 22.83
CA GLU D 107 32.23 10.23 23.37
C GLU D 107 30.97 10.68 24.11
N GLU D 108 31.02 11.84 24.75
CA GLU D 108 29.82 12.39 25.35
C GLU D 108 28.82 12.75 24.24
N VAL D 109 27.53 12.67 24.57
CA VAL D 109 26.45 13.04 23.59
C VAL D 109 26.64 14.41 22.86
N PRO D 110 26.81 15.50 23.62
CA PRO D 110 27.03 16.79 22.94
C PRO D 110 28.27 16.83 22.06
N SER D 111 29.30 16.04 22.38
CA SER D 111 30.46 15.91 21.50
C SER D 111 30.16 15.19 20.20
N MET D 112 29.40 14.10 20.26
CA MET D 112 28.90 13.48 19.01
C MET D 112 28.16 14.46 18.12
N LEU D 113 27.16 15.15 18.68
CA LEU D 113 26.39 16.17 17.94
C LEU D 113 27.28 17.24 17.31
N SER D 114 28.23 17.80 18.11
CA SER D 114 29.20 18.77 17.54
C SER D 114 30.04 18.25 16.41
N ARG D 115 30.51 17.00 16.50
CA ARG D 115 31.31 16.44 15.48
C ARG D 115 30.50 16.32 14.16
N LEU D 116 29.22 15.95 14.26
CA LEU D 116 28.33 15.89 13.10
C LEU D 116 28.21 17.26 12.48
N LEU D 117 27.96 18.28 13.29
CA LEU D 117 27.87 19.64 12.74
C LEU D 117 29.13 20.09 12.01
N GLU D 118 30.28 19.79 12.62
CA GLU D 118 31.54 20.15 11.98
C GLU D 118 31.71 19.48 10.64
N ALA D 119 31.26 18.24 10.57
CA ALA D 119 31.29 17.54 9.30
C ALA D 119 30.32 18.15 8.25
N HIS D 120 29.09 18.41 8.65
CA HIS D 120 28.13 19.16 7.81
C HIS D 120 28.72 20.43 7.31
N GLU D 121 29.41 21.16 8.17
CA GLU D 121 29.88 22.47 7.74
C GLU D 121 31.01 22.39 6.74
N LEU D 122 31.86 21.39 6.89
CA LEU D 122 32.93 21.18 5.96
C LEU D 122 32.34 20.82 4.58
N ILE D 123 31.32 19.96 4.56
CA ILE D 123 30.66 19.58 3.30
C ILE D 123 29.95 20.75 2.64
N LEU D 124 29.24 21.56 3.42
CA LEU D 124 28.57 22.69 2.89
C LEU D 124 29.57 23.63 2.24
N THR D 125 30.69 23.86 2.93
CA THR D 125 31.71 24.75 2.39
C THR D 125 32.24 24.30 1.04
N GLU D 126 32.51 23.00 0.92
CA GLU D 126 33.06 22.49 -0.32
CA GLU D 126 33.02 22.39 -0.31
C GLU D 126 31.97 22.54 -1.37
N CYS D 127 30.72 22.27 -0.97
CA CYS D 127 29.57 22.28 -1.91
CA CYS D 127 29.59 22.30 -1.88
C CYS D 127 29.35 23.63 -2.56
N HIS D 128 29.40 24.71 -1.78
CA HIS D 128 29.14 26.03 -2.40
C HIS D 128 30.18 26.29 -3.43
N ASP D 129 31.43 25.94 -3.11
CA ASP D 129 32.53 26.19 -4.05
C ASP D 129 32.42 25.28 -5.29
N ALA D 130 32.22 23.98 -5.09
CA ALA D 130 32.10 23.06 -6.23
C ALA D 130 30.92 23.42 -7.16
N ALA D 131 29.80 23.84 -6.57
CA ALA D 131 28.61 24.17 -7.36
C ALA D 131 28.90 25.35 -8.25
N ALA D 132 29.57 26.38 -7.70
CA ALA D 132 29.91 27.54 -8.54
C ALA D 132 30.90 27.19 -9.66
N ARG D 133 31.94 26.42 -9.34
CA ARG D 133 32.97 26.10 -10.32
C ARG D 133 32.43 25.16 -11.41
N THR D 134 31.68 24.11 -11.01
CA THR D 134 31.13 23.21 -12.05
C THR D 134 30.16 23.91 -12.97
N GLN D 135 29.37 24.82 -12.43
CA GLN D 135 28.45 25.59 -13.30
C GLN D 135 29.23 26.43 -14.33
N GLU D 136 30.29 27.10 -13.86
CA GLU D 136 31.14 27.94 -14.73
C GLU D 136 31.72 27.10 -15.86
N TYR D 137 32.05 25.83 -15.61
CA TYR D 137 32.51 24.91 -16.67
C TYR D 137 31.41 24.31 -17.57
N GLY D 138 30.15 24.64 -17.34
CA GLY D 138 29.08 24.19 -18.22
C GLY D 138 28.37 22.93 -17.73
N ASP D 139 28.71 22.42 -16.55
CA ASP D 139 28.08 21.15 -16.04
C ASP D 139 26.88 21.44 -15.15
N ASP D 140 25.78 21.77 -15.82
CA ASP D 140 24.53 22.21 -15.21
C ASP D 140 24.00 21.13 -14.28
N GLY D 141 24.08 19.87 -14.72
CA GLY D 141 23.44 18.82 -13.93
C GLY D 141 24.19 18.59 -12.65
N THR D 142 25.52 18.74 -12.69
CA THR D 142 26.29 18.53 -11.49
C THR D 142 26.05 19.68 -10.53
N ASN D 143 25.97 20.89 -11.06
CA ASN D 143 25.59 21.99 -10.19
C ASN D 143 24.19 21.75 -9.51
N ASP D 144 23.20 21.32 -10.29
CA ASP D 144 21.89 21.06 -9.74
C ASP D 144 21.92 19.98 -8.63
N LEU D 145 22.70 18.92 -8.85
CA LEU D 145 22.80 17.86 -7.86
C LEU D 145 23.41 18.40 -6.57
N LEU D 146 24.48 19.15 -6.72
CA LEU D 146 25.18 19.72 -5.56
C LEU D 146 24.30 20.68 -4.75
N VAL D 147 23.57 21.53 -5.44
CA VAL D 147 22.72 22.53 -4.75
C VAL D 147 21.40 21.95 -4.23
N SER D 148 20.67 21.28 -5.12
CA SER D 148 19.31 20.84 -4.78
C SER D 148 19.30 19.66 -3.83
N GLU D 149 20.35 18.80 -3.89
CA GLU D 149 20.38 17.62 -3.09
C GLU D 149 21.40 17.71 -2.01
N VAL D 150 22.67 17.87 -2.36
CA VAL D 150 23.70 17.72 -1.33
C VAL D 150 23.64 18.92 -0.35
N LEU D 151 23.59 20.10 -0.91
CA LEU D 151 23.61 21.32 -0.03
C LEU D 151 22.31 21.40 0.80
N ARG D 152 21.15 21.38 0.15
CA ARG D 152 19.91 21.49 0.91
C ARG D 152 19.70 20.37 1.93
N THR D 153 20.14 19.14 1.63
CA THR D 153 20.01 18.08 2.64
C THR D 153 20.91 18.36 3.86
N ASN D 154 22.15 18.71 3.59
CA ASN D 154 23.05 18.90 4.72
C ASN D 154 22.63 20.16 5.51
N GLU D 155 22.09 21.17 4.84
CA GLU D 155 21.67 22.38 5.63
C GLU D 155 20.54 22.03 6.60
N LEU D 156 19.54 21.31 6.08
CA LEU D 156 18.42 20.87 6.88
C LEU D 156 18.86 19.94 8.01
N GLN D 157 19.75 19.00 7.73
CA GLN D 157 20.16 18.07 8.78
C GLN D 157 20.87 18.82 9.88
N ALA D 158 21.72 19.74 9.44
CA ALA D 158 22.54 20.52 10.41
C ALA D 158 21.60 21.29 11.34
N TRP D 159 20.50 21.84 10.81
CA TRP D 159 19.50 22.54 11.67
C TRP D 159 18.94 21.59 12.72
N PHE D 160 18.48 20.40 12.29
CA PHE D 160 17.88 19.47 13.23
C PHE D 160 18.92 19.09 14.33
N VAL D 161 20.19 18.85 13.94
CA VAL D 161 21.17 18.40 14.91
C VAL D 161 21.48 19.58 15.87
N ALA D 162 21.65 20.76 15.31
CA ALA D 162 22.06 21.93 16.12
C ALA D 162 21.04 22.33 17.15
N GLU D 163 19.74 22.19 16.85
CA GLU D 163 18.73 22.49 17.85
C GLU D 163 18.81 21.66 19.14
N HIS D 164 19.30 20.42 19.04
CA HIS D 164 19.42 19.54 20.20
C HIS D 164 20.52 19.99 21.12
N LEU D 165 21.39 20.87 20.64
CA LEU D 165 22.47 21.38 21.47
C LEU D 165 22.08 22.57 22.31
N VAL D 166 20.92 23.15 22.04
CA VAL D 166 20.52 24.39 22.70
C VAL D 166 20.18 24.10 24.16
N ASP D 167 20.98 24.67 25.06
CA ASP D 167 20.75 24.53 26.51
C ASP D 167 19.64 25.48 26.91
N THR D 168 18.41 24.97 27.06
CA THR D 168 17.25 25.83 27.37
C THR D 168 16.31 25.00 28.31
N PRO D 169 15.52 25.65 29.19
CA PRO D 169 14.68 24.82 30.11
C PRO D 169 13.60 24.00 29.36
N LEU D 170 13.26 22.81 29.86
CA LEU D 170 12.20 22.00 29.22
C LEU D 170 10.90 22.00 30.04
N VAL D 171 11.01 22.27 31.34
CA VAL D 171 9.85 22.34 32.27
C VAL D 171 9.95 23.68 33.06
N HIS D 172 8.87 24.14 33.68
CA HIS D 172 8.90 25.45 34.39
C HIS D 172 9.81 25.51 35.60
N THR E 2 5.91 6.35 44.92
CA THR E 2 4.61 6.65 44.24
C THR E 2 4.29 8.15 44.17
N ILE E 3 4.42 8.72 42.98
CA ILE E 3 4.10 10.12 42.76
C ILE E 3 2.59 10.39 42.55
N GLN E 4 1.78 9.35 42.29
CA GLN E 4 0.32 9.53 42.20
C GLN E 4 -0.43 8.23 42.58
N GLU E 5 -1.32 8.32 43.56
CA GLU E 5 -2.01 7.11 44.05
C GLU E 5 -3.10 6.71 43.09
N PHE E 6 -3.30 5.40 42.92
CA PHE E 6 -4.47 4.91 42.21
C PHE E 6 -5.74 5.43 42.88
N GLY E 7 -6.75 5.79 42.07
CA GLY E 7 -8.02 6.26 42.64
C GLY E 7 -8.02 7.74 42.91
N THR E 8 -6.98 8.44 42.46
CA THR E 8 -7.02 9.91 42.52
C THR E 8 -6.99 10.52 41.10
N VAL E 9 -7.38 11.77 40.98
CA VAL E 9 -7.15 12.56 39.77
C VAL E 9 -6.29 13.74 40.13
N LYS E 10 -5.39 14.13 39.24
CA LYS E 10 -4.59 15.33 39.47
C LYS E 10 -5.30 16.54 38.89
N GLN E 11 -4.85 17.73 39.25
CA GLN E 11 -5.36 18.95 38.63
C GLN E 11 -4.91 18.93 37.16
N PHE E 12 -5.81 19.21 36.23
CA PHE E 12 -5.56 18.99 34.81
C PHE E 12 -6.43 19.96 34.01
N PRO E 13 -5.84 20.67 33.01
CA PRO E 13 -6.47 21.76 32.23
C PRO E 13 -7.45 21.29 31.10
N VAL E 14 -8.31 20.33 31.45
CA VAL E 14 -9.27 19.72 30.52
C VAL E 14 -10.74 20.07 30.85
N ALA E 15 -10.97 21.27 31.41
CA ALA E 15 -12.32 21.86 31.52
C ALA E 15 -13.43 21.01 32.15
N LEU E 16 -13.09 20.17 33.12
CA LEU E 16 -14.09 19.36 33.82
C LEU E 16 -13.65 19.45 35.28
N THR E 17 -14.61 19.46 36.20
CA THR E 17 -14.25 19.58 37.64
C THR E 17 -13.60 18.32 38.15
N MET E 18 -12.84 18.44 39.24
CA MET E 18 -12.19 17.28 39.83
C MET E 18 -13.23 16.20 40.09
N ASP E 19 -14.37 16.61 40.65
CA ASP E 19 -15.41 15.65 41.01
C ASP E 19 -15.93 14.83 39.80
N THR E 20 -16.21 15.54 38.72
CA THR E 20 -16.68 14.90 37.49
C THR E 20 -15.58 13.92 37.01
N ARG E 21 -14.32 14.37 37.07
CA ARG E 21 -13.22 13.59 36.52
C ARG E 21 -12.98 12.34 37.33
N LEU E 22 -13.07 12.47 38.66
CA LEU E 22 -12.89 11.32 39.53
C LEU E 22 -13.97 10.29 39.25
N TYR E 23 -15.21 10.73 39.08
CA TYR E 23 -16.30 9.78 38.88
C TYR E 23 -16.16 9.02 37.53
N SER E 24 -15.89 9.79 36.48
CA SER E 24 -15.64 9.18 35.14
C SER E 24 -14.52 8.19 35.24
N CYS E 25 -13.38 8.57 35.84
CA CYS E 25 -12.30 7.56 35.98
C CYS E 25 -12.67 6.24 36.71
N GLN E 26 -13.42 6.36 37.83
CA GLN E 26 -13.92 5.19 38.55
C GLN E 26 -14.77 4.31 37.61
N ARG E 27 -15.66 4.94 36.86
CA ARG E 27 -16.55 4.18 35.95
C ARG E 27 -15.73 3.52 34.80
N LEU E 28 -14.80 4.29 34.21
CA LEU E 28 -13.94 3.79 33.11
C LEU E 28 -13.04 2.70 33.57
N ASN E 29 -12.45 2.83 34.77
CA ASN E 29 -11.60 1.73 35.25
C ASN E 29 -12.33 0.41 35.46
N LYS E 30 -13.61 0.49 35.85
CA LYS E 30 -14.40 -0.74 35.98
C LYS E 30 -14.63 -1.37 34.56
N VAL E 31 -15.01 -0.54 33.60
CA VAL E 31 -15.16 -1.00 32.18
C VAL E 31 -13.84 -1.58 31.69
N LEU E 32 -12.76 -0.86 31.98
CA LEU E 32 -11.41 -1.30 31.58
C LEU E 32 -11.02 -2.66 32.17
N ALA E 33 -11.28 -2.89 33.49
CA ALA E 33 -10.90 -4.17 34.12
C ALA E 33 -11.70 -5.27 33.50
N ASP E 34 -13.00 -5.03 33.28
CA ASP E 34 -13.84 -6.09 32.68
C ASP E 34 -13.39 -6.37 31.22
N THR E 35 -13.02 -5.31 30.51
CA THR E 35 -12.52 -5.42 29.11
C THR E 35 -11.20 -6.17 29.01
N ARG E 36 -10.29 -5.91 29.97
CA ARG E 36 -9.06 -6.69 30.06
C ARG E 36 -9.34 -8.19 30.16
N ILE E 37 -10.32 -8.59 31.01
CA ILE E 37 -10.61 -9.97 31.20
C ILE E 37 -11.17 -10.52 29.89
N LEU E 38 -12.04 -9.72 29.26
CA LEU E 38 -12.69 -10.18 28.02
C LEU E 38 -11.64 -10.33 26.88
N HIS E 39 -10.73 -9.37 26.75
CA HIS E 39 -9.59 -9.55 25.78
C HIS E 39 -8.89 -10.89 25.99
N ASP E 40 -8.56 -11.17 27.26
CA ASP E 40 -7.89 -12.42 27.57
C ASP E 40 -8.73 -13.67 27.37
N LEU E 41 -10.05 -13.57 27.57
CA LEU E 41 -10.92 -14.69 27.22
C LEU E 41 -10.93 -14.97 25.72
N TYR E 42 -11.01 -13.91 24.91
CA TYR E 42 -10.97 -14.11 23.45
C TYR E 42 -9.65 -14.77 23.00
N LYS E 43 -8.51 -14.31 23.56
CA LYS E 43 -7.20 -14.94 23.24
C LYS E 43 -7.15 -16.38 23.72
N LYS E 44 -7.63 -16.60 24.96
CA LYS E 44 -7.66 -17.96 25.54
C LYS E 44 -8.37 -18.92 24.54
N TYR E 45 -9.57 -18.53 24.14
CA TYR E 45 -10.34 -19.37 23.25
C TYR E 45 -9.84 -19.45 21.80
N HIS E 46 -9.24 -18.37 21.29
CA HIS E 46 -8.53 -18.41 20.02
C HIS E 46 -7.50 -19.54 20.05
N TRP E 47 -6.77 -19.67 21.16
CA TRP E 47 -5.74 -20.74 21.26
C TRP E 47 -6.35 -22.12 21.56
N LEU E 48 -7.33 -22.20 22.45
CA LEU E 48 -7.85 -23.55 22.88
C LEU E 48 -8.94 -24.12 21.97
N MET E 49 -9.33 -23.35 20.98
CA MET E 49 -10.42 -23.77 20.10
C MET E 49 -10.13 -25.12 19.44
N ARG E 50 -11.21 -25.86 19.19
CA ARG E 50 -11.08 -27.11 18.47
C ARG E 50 -12.40 -27.50 17.83
N GLY E 51 -12.38 -28.51 16.97
CA GLY E 51 -13.60 -28.96 16.34
C GLY E 51 -13.72 -28.60 14.86
N ALA E 52 -14.84 -28.99 14.24
CA ALA E 52 -14.97 -28.89 12.79
C ALA E 52 -14.99 -27.41 12.31
N THR E 53 -15.21 -26.47 13.23
CA THR E 53 -15.26 -25.06 12.81
C THR E 53 -14.02 -24.29 13.38
N PHE E 54 -12.96 -25.03 13.62
CA PHE E 54 -11.77 -24.48 14.26
C PHE E 54 -11.27 -23.21 13.58
N TYR E 55 -11.01 -23.28 12.28
CA TYR E 55 -10.31 -22.14 11.64
C TYR E 55 -11.24 -20.92 11.64
N GLN E 56 -12.51 -21.15 11.38
CA GLN E 56 -13.53 -20.10 11.43
CA GLN E 56 -13.49 -20.08 11.40
C GLN E 56 -13.55 -19.37 12.77
N LEU E 57 -13.67 -20.15 13.87
CA LEU E 57 -13.78 -19.55 15.18
C LEU E 57 -12.44 -19.00 15.63
N HIS E 58 -11.35 -19.67 15.28
CA HIS E 58 -9.99 -19.15 15.62
C HIS E 58 -9.83 -17.75 15.01
N LEU E 59 -10.25 -17.59 13.75
CA LEU E 59 -10.16 -16.25 13.14
C LEU E 59 -11.12 -15.22 13.74
N LEU E 60 -12.36 -15.62 14.02
CA LEU E 60 -13.36 -14.67 14.56
C LEU E 60 -12.88 -14.17 15.96
N LEU E 61 -12.43 -15.09 16.80
CA LEU E 61 -12.04 -14.69 18.17
C LEU E 61 -10.84 -13.75 18.13
N ASP E 62 -9.94 -13.97 17.18
CA ASP E 62 -8.79 -13.07 17.04
C ASP E 62 -9.22 -11.71 16.54
N LYS E 63 -10.22 -11.69 15.64
CA LYS E 63 -10.71 -10.40 15.15
C LYS E 63 -11.32 -9.63 16.36
N HIS E 64 -12.13 -10.33 17.18
CA HIS E 64 -12.68 -9.67 18.34
C HIS E 64 -11.63 -9.27 19.39
N ALA E 65 -10.65 -10.10 19.64
CA ALA E 65 -9.55 -9.74 20.56
C ALA E 65 -8.88 -8.44 20.10
N GLY E 66 -8.55 -8.34 18.80
CA GLY E 66 -7.86 -7.11 18.36
C GLY E 66 -8.72 -5.87 18.59
N GLU E 67 -10.03 -5.95 18.34
CA GLU E 67 -10.91 -4.83 18.61
C GLU E 67 -10.97 -4.51 20.12
N GLN E 68 -11.03 -5.54 20.97
CA GLN E 68 -11.01 -5.33 22.45
C GLN E 68 -9.68 -4.65 22.90
N LEU E 69 -8.58 -5.03 22.29
CA LEU E 69 -7.25 -4.46 22.65
C LEU E 69 -7.22 -2.98 22.35
N GLU E 70 -7.83 -2.57 21.23
CA GLU E 70 -7.93 -1.16 20.92
C GLU E 70 -8.84 -0.40 21.89
N LEU E 71 -9.94 -1.05 22.31
CA LEU E 71 -10.85 -0.42 23.28
C LEU E 71 -10.10 -0.23 24.60
N ILE E 72 -9.31 -1.25 24.97
CA ILE E 72 -8.48 -1.12 26.24
C ILE E 72 -7.62 0.11 26.16
N ASP E 73 -6.93 0.28 25.04
CA ASP E 73 -5.99 1.40 24.93
C ASP E 73 -6.72 2.75 24.93
N THR E 74 -7.86 2.80 24.22
CA THR E 74 -8.63 4.06 24.17
C THR E 74 -9.22 4.43 25.54
N VAL E 75 -9.76 3.44 26.21
CA VAL E 75 -10.33 3.64 27.55
C VAL E 75 -9.25 4.07 28.58
N ALA E 76 -8.13 3.37 28.57
CA ALA E 76 -7.01 3.71 29.47
C ALA E 76 -6.54 5.11 29.17
N GLU E 77 -6.41 5.47 27.89
CA GLU E 77 -5.97 6.84 27.56
C GLU E 77 -6.97 7.92 28.01
N ARG E 78 -8.27 7.61 27.98
CA ARG E 78 -9.30 8.52 28.47
C ARG E 78 -9.14 8.75 30.01
N VAL E 79 -8.90 7.67 30.76
CA VAL E 79 -8.55 7.73 32.22
C VAL E 79 -7.40 8.73 32.42
N GLN E 80 -6.32 8.54 31.67
CA GLN E 80 -5.18 9.47 31.79
C GLN E 80 -5.51 10.90 31.41
N THR E 81 -6.29 11.05 30.34
CA THR E 81 -6.68 12.33 29.82
C THR E 81 -7.48 13.13 30.89
N LEU E 82 -8.26 12.41 31.70
CA LEU E 82 -9.02 13.01 32.82
C LEU E 82 -8.16 13.27 34.05
N GLY E 83 -6.87 12.92 33.97
CA GLY E 83 -5.89 13.08 35.06
C GLY E 83 -5.89 11.97 36.10
N GLY E 84 -6.51 10.83 35.77
CA GLY E 84 -6.60 9.69 36.65
C GLY E 84 -5.48 8.70 36.39
N VAL E 85 -5.62 7.50 36.93
CA VAL E 85 -4.66 6.45 36.79
C VAL E 85 -5.33 5.20 36.24
N ALA E 86 -4.96 4.77 35.04
CA ALA E 86 -5.55 3.52 34.51
C ALA E 86 -5.12 2.26 35.24
N VAL E 87 -6.04 1.31 35.40
CA VAL E 87 -5.67 -0.01 35.92
C VAL E 87 -4.53 -0.68 35.11
N GLY E 88 -3.49 -1.11 35.84
CA GLY E 88 -2.23 -1.55 35.20
C GLY E 88 -2.02 -3.04 35.18
N ASP E 89 -1.39 -3.56 36.24
CA ASP E 89 -1.03 -4.97 36.30
C ASP E 89 -2.31 -5.83 36.37
N PRO E 90 -2.29 -7.03 35.77
CA PRO E 90 -3.52 -7.83 35.78
C PRO E 90 -3.96 -8.31 37.18
N ARG E 91 -3.01 -8.37 38.12
CA ARG E 91 -3.34 -8.69 39.52
C ARG E 91 -4.20 -7.61 40.15
N HIS E 92 -4.04 -6.36 39.69
CA HIS E 92 -4.99 -5.32 40.05
C HIS E 92 -6.35 -5.41 39.33
N VAL E 93 -6.33 -5.63 38.01
CA VAL E 93 -7.57 -5.92 37.26
C VAL E 93 -8.46 -6.94 38.00
N ALA E 94 -7.82 -8.02 38.45
CA ALA E 94 -8.48 -9.12 39.17
C ALA E 94 -9.27 -8.65 40.42
N GLU E 95 -8.81 -7.61 41.07
CA GLU E 95 -9.48 -7.03 42.23
C GLU E 95 -10.64 -6.11 41.88
N ILE E 96 -10.72 -5.64 40.65
CA ILE E 96 -11.74 -4.65 40.26
C ILE E 96 -12.84 -5.36 39.43
N THR E 97 -12.43 -6.33 38.61
CA THR E 97 -13.35 -6.93 37.65
C THR E 97 -14.50 -7.68 38.31
N THR E 98 -15.65 -7.72 37.65
CA THR E 98 -16.65 -8.70 38.06
C THR E 98 -16.85 -9.79 37.04
N VAL E 99 -16.00 -9.88 36.01
CA VAL E 99 -16.13 -11.04 35.05
C VAL E 99 -15.52 -12.29 35.73
N PRO E 100 -16.29 -13.36 35.90
CA PRO E 100 -15.76 -14.53 36.62
C PRO E 100 -14.60 -15.24 35.92
N ARG E 101 -13.77 -15.92 36.71
CA ARG E 101 -12.67 -16.68 36.18
C ARG E 101 -13.14 -17.99 35.51
N PRO E 102 -12.67 -18.29 34.28
CA PRO E 102 -13.03 -19.56 33.62
C PRO E 102 -12.17 -20.72 34.19
N PRO E 103 -12.49 -21.99 33.83
CA PRO E 103 -11.59 -23.08 34.17
C PRO E 103 -10.22 -22.81 33.58
N ASP E 104 -9.20 -23.35 34.24
CA ASP E 104 -7.85 -23.28 33.72
C ASP E 104 -7.71 -24.02 32.39
N GLY E 105 -8.50 -25.09 32.25
CA GLY E 105 -8.38 -26.02 31.15
C GLY E 105 -9.33 -25.69 30.02
N VAL E 106 -9.67 -26.70 29.22
CA VAL E 106 -10.38 -26.49 27.95
C VAL E 106 -11.86 -26.82 28.17
N GLU E 107 -12.74 -25.85 27.98
CA GLU E 107 -14.20 -26.09 28.03
C GLU E 107 -14.75 -26.52 26.69
N GLU E 108 -16.01 -26.96 26.69
CA GLU E 108 -16.66 -27.33 25.46
C GLU E 108 -16.90 -26.06 24.66
N VAL E 109 -16.91 -26.20 23.34
CA VAL E 109 -17.04 -25.02 22.44
C VAL E 109 -18.26 -24.12 22.77
N PRO E 110 -19.45 -24.71 22.94
CA PRO E 110 -20.58 -23.85 23.27
C PRO E 110 -20.50 -23.24 24.62
N SER E 111 -19.79 -23.86 25.58
CA SER E 111 -19.60 -23.08 26.83
C SER E 111 -18.62 -21.93 26.72
N MET E 112 -17.60 -22.08 25.87
CA MET E 112 -16.71 -20.96 25.56
C MET E 112 -17.54 -19.77 25.05
N LEU E 113 -18.36 -20.02 24.04
CA LEU E 113 -19.13 -18.93 23.42
C LEU E 113 -20.09 -18.34 24.40
N SER E 114 -20.78 -19.18 25.19
CA SER E 114 -21.69 -18.70 26.20
C SER E 114 -20.97 -17.78 27.20
N ARG E 115 -19.76 -18.16 27.58
CA ARG E 115 -19.01 -17.34 28.57
C ARG E 115 -18.63 -15.98 27.96
N LEU E 116 -18.24 -15.97 26.68
CA LEU E 116 -17.99 -14.68 25.98
C LEU E 116 -19.25 -13.77 26.03
N LEU E 117 -20.40 -14.38 25.72
CA LEU E 117 -21.66 -13.63 25.73
C LEU E 117 -21.98 -13.09 27.16
N GLU E 118 -21.72 -13.90 28.18
CA GLU E 118 -21.96 -13.40 29.57
C GLU E 118 -21.07 -12.21 29.88
N ALA E 119 -19.83 -12.28 29.41
CA ALA E 119 -18.89 -11.15 29.53
C ALA E 119 -19.34 -9.90 28.73
N HIS E 120 -19.75 -10.08 27.46
CA HIS E 120 -20.31 -8.94 26.71
C HIS E 120 -21.47 -8.29 27.41
N GLU E 121 -22.39 -9.13 27.91
CA GLU E 121 -23.61 -8.62 28.50
C GLU E 121 -23.30 -7.80 29.77
N LEU E 122 -22.35 -8.26 30.58
CA LEU E 122 -21.93 -7.57 31.84
C LEU E 122 -21.37 -6.19 31.48
N ILE E 123 -20.53 -6.17 30.43
CA ILE E 123 -19.94 -4.90 29.97
C ILE E 123 -20.99 -3.97 29.39
N LEU E 124 -21.90 -4.50 28.58
CA LEU E 124 -22.95 -3.66 27.94
C LEU E 124 -23.80 -3.02 29.03
N THR E 125 -24.15 -3.82 30.04
CA THR E 125 -25.04 -3.29 31.09
C THR E 125 -24.38 -2.15 31.83
N GLU E 126 -23.09 -2.31 32.08
CA GLU E 126 -22.31 -1.27 32.75
C GLU E 126 -22.17 -0.02 31.93
N CYS E 127 -21.93 -0.21 30.63
CA CYS E 127 -21.82 0.92 29.73
C CYS E 127 -23.05 1.75 29.65
N HIS E 128 -24.24 1.13 29.59
CA HIS E 128 -25.43 1.96 29.48
C HIS E 128 -25.52 2.86 30.69
N ASP E 129 -25.29 2.24 31.86
CA ASP E 129 -25.39 3.03 33.11
C ASP E 129 -24.30 4.11 33.21
N ALA E 130 -23.04 3.70 32.99
CA ALA E 130 -21.95 4.67 33.01
C ALA E 130 -22.11 5.78 31.96
N ALA E 131 -22.57 5.44 30.76
CA ALA E 131 -22.79 6.51 29.76
C ALA E 131 -23.80 7.54 30.25
N ALA E 132 -24.91 7.06 30.82
CA ALA E 132 -25.94 7.98 31.29
C ALA E 132 -25.39 8.84 32.45
N ARG E 133 -24.66 8.24 33.39
CA ARG E 133 -24.22 8.98 34.59
C ARG E 133 -23.13 10.02 34.28
N THR E 134 -22.19 9.62 33.42
CA THR E 134 -21.13 10.54 33.02
C THR E 134 -21.68 11.70 32.22
N GLN E 135 -22.71 11.46 31.39
CA GLN E 135 -23.34 12.53 30.62
C GLN E 135 -23.98 13.53 31.58
N GLU E 136 -24.74 13.00 32.57
CA GLU E 136 -25.37 13.88 33.55
C GLU E 136 -24.36 14.77 34.29
N TYR E 137 -23.16 14.30 34.57
CA TYR E 137 -22.19 15.15 35.20
C TYR E 137 -21.43 16.09 34.26
N GLY E 138 -21.79 16.08 32.95
CA GLY E 138 -21.19 16.95 31.92
C GLY E 138 -19.98 16.37 31.18
N ASP E 139 -19.68 15.08 31.33
CA ASP E 139 -18.44 14.54 30.69
C ASP E 139 -18.87 13.96 29.33
N ASP E 140 -19.10 14.89 28.40
CA ASP E 140 -19.64 14.59 27.06
C ASP E 140 -18.72 13.60 26.33
N GLY E 141 -17.40 13.82 26.46
CA GLY E 141 -16.37 13.00 25.77
C GLY E 141 -16.39 11.58 26.24
N THR E 142 -16.54 11.40 27.57
CA THR E 142 -16.61 10.05 28.08
C THR E 142 -17.88 9.33 27.66
N ASN E 143 -18.99 10.04 27.66
CA ASN E 143 -20.22 9.41 27.20
C ASN E 143 -20.07 8.96 25.73
N ASP E 144 -19.41 9.77 24.91
CA ASP E 144 -19.33 9.43 23.44
C ASP E 144 -18.44 8.22 23.30
N LEU E 145 -17.37 8.16 24.09
CA LEU E 145 -16.49 7.01 24.01
C LEU E 145 -17.21 5.76 24.46
N LEU E 146 -17.96 5.87 25.56
CA LEU E 146 -18.65 4.67 26.05
C LEU E 146 -19.70 4.16 25.06
N VAL E 147 -20.42 5.09 24.41
CA VAL E 147 -21.50 4.74 23.49
C VAL E 147 -20.98 4.32 22.11
N SER E 148 -20.26 5.22 21.46
CA SER E 148 -19.83 4.99 20.06
C SER E 148 -18.80 3.90 19.90
N GLU E 149 -17.93 3.71 20.89
CA GLU E 149 -16.90 2.66 20.80
C GLU E 149 -17.21 1.41 21.62
N VAL E 150 -17.25 1.56 22.94
CA VAL E 150 -17.39 0.41 23.81
C VAL E 150 -18.75 -0.31 23.59
N LEU E 151 -19.86 0.43 23.67
CA LEU E 151 -21.17 -0.20 23.60
C LEU E 151 -21.36 -0.79 22.19
N ARG E 152 -21.11 0.04 21.19
CA ARG E 152 -21.40 -0.46 19.81
C ARG E 152 -20.50 -1.61 19.38
N THR E 153 -19.26 -1.63 19.83
CA THR E 153 -18.38 -2.79 19.46
C THR E 153 -18.85 -4.06 20.15
N ASN E 154 -19.15 -3.96 21.44
CA ASN E 154 -19.55 -5.14 22.18
C ASN E 154 -20.88 -5.69 21.70
N GLU E 155 -21.80 -4.80 21.34
CA GLU E 155 -23.11 -5.26 20.79
C GLU E 155 -22.89 -6.05 19.49
N LEU E 156 -22.10 -5.48 18.58
CA LEU E 156 -21.85 -6.18 17.28
C LEU E 156 -21.10 -7.49 17.50
N GLN E 157 -20.12 -7.51 18.39
CA GLN E 157 -19.42 -8.77 18.71
C GLN E 157 -20.36 -9.84 19.28
N ALA E 158 -21.24 -9.43 20.21
CA ALA E 158 -22.24 -10.35 20.80
C ALA E 158 -23.09 -11.01 19.72
N TRP E 159 -23.50 -10.21 18.74
CA TRP E 159 -24.28 -10.70 17.59
C TRP E 159 -23.49 -11.78 16.87
N PHE E 160 -22.24 -11.48 16.50
CA PHE E 160 -21.47 -12.46 15.72
C PHE E 160 -21.27 -13.71 16.54
N VAL E 161 -20.97 -13.57 17.84
CA VAL E 161 -20.80 -14.80 18.69
C VAL E 161 -22.12 -15.57 18.89
N ALA E 162 -23.20 -14.87 19.22
CA ALA E 162 -24.47 -15.54 19.58
C ALA E 162 -25.04 -16.33 18.39
N GLU E 163 -24.83 -15.85 17.17
CA GLU E 163 -25.42 -16.58 16.04
C GLU E 163 -24.81 -17.97 15.89
N HIS E 164 -23.56 -18.18 16.36
CA HIS E 164 -22.88 -19.47 16.24
C HIS E 164 -23.50 -20.52 17.18
N LEU E 165 -24.26 -20.06 18.16
CA LEU E 165 -24.90 -20.96 19.09
C LEU E 165 -26.26 -21.44 18.59
N VAL E 166 -26.79 -20.85 17.51
CA VAL E 166 -28.10 -21.27 16.97
C VAL E 166 -28.04 -22.68 16.39
N ASP E 167 -28.90 -23.55 16.93
CA ASP E 167 -28.85 -24.94 16.50
C ASP E 167 -29.86 -25.05 15.37
N THR E 168 -29.39 -25.14 14.13
CA THR E 168 -30.29 -25.10 12.99
C THR E 168 -29.64 -25.96 11.90
N PRO E 169 -30.45 -26.62 11.05
CA PRO E 169 -29.78 -27.45 10.00
C PRO E 169 -28.95 -26.59 9.01
N LEU E 170 -27.91 -27.21 8.46
CA LEU E 170 -27.00 -26.55 7.52
C LEU E 170 -27.14 -27.17 6.14
N VAL E 171 -27.63 -28.43 6.12
CA VAL E 171 -27.84 -29.18 4.90
C VAL E 171 -29.31 -29.67 4.91
N HIS E 172 -29.83 -30.01 3.74
CA HIS E 172 -31.26 -30.44 3.59
C HIS E 172 -31.55 -31.80 4.17
N ARG F 1 -17.88 -30.39 32.93
CA ARG F 1 -17.32 -31.16 31.79
C ARG F 1 -16.25 -30.33 31.08
N THR F 2 -15.01 -30.40 31.56
CA THR F 2 -13.86 -29.85 30.81
C THR F 2 -13.33 -30.97 29.91
N ILE F 3 -12.92 -30.64 28.68
CA ILE F 3 -12.53 -31.66 27.73
C ILE F 3 -11.01 -31.92 27.71
N GLN F 4 -10.23 -31.08 28.40
CA GLN F 4 -8.78 -31.32 28.63
C GLN F 4 -8.30 -30.46 29.79
N GLU F 5 -7.67 -31.10 30.78
CA GLU F 5 -7.16 -30.39 31.95
C GLU F 5 -5.87 -29.64 31.62
N PHE F 6 -5.68 -28.53 32.31
CA PHE F 6 -4.45 -27.76 32.25
C PHE F 6 -3.33 -28.68 32.79
N GLY F 7 -2.15 -28.65 32.17
CA GLY F 7 -1.01 -29.40 32.67
C GLY F 7 -0.92 -30.77 32.03
N THR F 8 -1.76 -31.02 31.03
CA THR F 8 -1.67 -32.28 30.31
C THR F 8 -1.41 -32.01 28.84
N VAL F 9 -1.01 -33.04 28.12
CA VAL F 9 -0.96 -32.96 26.68
C VAL F 9 -1.79 -34.08 26.11
N LYS F 10 -2.42 -33.86 24.97
CA LYS F 10 -3.18 -34.91 24.34
C LYS F 10 -2.26 -35.59 23.39
N GLN F 11 -2.61 -36.80 22.99
CA GLN F 11 -1.82 -37.50 21.96
C GLN F 11 -1.97 -36.72 20.65
N PHE F 12 -0.84 -36.45 20.00
CA PHE F 12 -0.82 -35.44 18.94
C PHE F 12 0.25 -35.81 17.91
N PRO F 13 -0.11 -35.76 16.60
CA PRO F 13 0.75 -36.26 15.50
C PRO F 13 1.94 -35.30 15.09
N VAL F 14 2.68 -34.78 16.07
CA VAL F 14 3.82 -33.88 15.81
C VAL F 14 5.21 -34.50 16.07
N ALA F 15 5.36 -35.82 15.87
CA ALA F 15 6.67 -36.55 16.00
C ALA F 15 7.56 -36.19 17.22
N LEU F 16 6.95 -35.96 18.39
CA LEU F 16 7.65 -35.74 19.65
C LEU F 16 6.93 -36.58 20.70
N THR F 17 7.68 -37.26 21.56
CA THR F 17 7.07 -38.13 22.60
C THR F 17 6.25 -37.32 23.63
N MET F 18 5.23 -37.95 24.24
CA MET F 18 4.44 -37.26 25.24
C MET F 18 5.28 -36.60 26.34
N ASP F 19 6.35 -37.27 26.78
CA ASP F 19 7.23 -36.75 27.85
C ASP F 19 7.86 -35.45 27.40
N THR F 20 8.41 -35.45 26.18
CA THR F 20 9.07 -34.27 25.61
C THR F 20 8.06 -33.11 25.54
N ARG F 21 6.86 -33.38 24.97
CA ARG F 21 5.83 -32.33 24.81
C ARG F 21 5.38 -31.75 26.14
N LEU F 22 5.13 -32.60 27.12
CA LEU F 22 4.68 -32.15 28.40
C LEU F 22 5.67 -31.20 29.08
N TYR F 23 6.94 -31.59 29.05
CA TYR F 23 8.02 -30.76 29.59
C TYR F 23 8.12 -29.40 28.85
N SER F 24 8.21 -29.41 27.50
CA SER F 24 8.20 -28.16 26.73
C SER F 24 7.00 -27.26 27.12
N CYS F 25 5.79 -27.83 27.23
CA CYS F 25 4.62 -27.05 27.63
C CYS F 25 4.78 -26.43 28.98
N GLN F 26 5.37 -27.16 29.92
CA GLN F 26 5.58 -26.59 31.23
C GLN F 26 6.51 -25.39 31.18
N ARG F 27 7.61 -25.54 30.47
CA ARG F 27 8.56 -24.41 30.34
C ARG F 27 7.95 -23.26 29.57
N LEU F 28 7.29 -23.55 28.46
CA LEU F 28 6.67 -22.48 27.65
C LEU F 28 5.61 -21.69 28.40
N ASN F 29 4.82 -22.41 29.21
CA ASN F 29 3.86 -21.75 30.06
C ASN F 29 4.44 -20.85 31.11
N LYS F 30 5.63 -21.18 31.64
CA LYS F 30 6.26 -20.26 32.56
C LYS F 30 6.72 -18.96 31.82
N VAL F 31 7.38 -19.13 30.68
CA VAL F 31 7.78 -17.98 29.82
C VAL F 31 6.53 -17.14 29.46
N LEU F 32 5.45 -17.84 29.09
CA LEU F 32 4.15 -17.20 28.73
C LEU F 32 3.58 -16.35 29.85
N ALA F 33 3.61 -16.87 31.08
CA ALA F 33 3.04 -16.12 32.18
C ALA F 33 3.87 -14.90 32.46
N ASP F 34 5.19 -15.04 32.50
CA ASP F 34 6.05 -13.86 32.71
C ASP F 34 5.89 -12.78 31.60
N THR F 35 5.79 -13.24 30.36
CA THR F 35 5.68 -12.35 29.18
C THR F 35 4.32 -11.61 29.24
N ARG F 36 3.28 -12.31 29.70
CA ARG F 36 1.97 -11.68 29.92
C ARG F 36 2.06 -10.52 30.89
N ILE F 37 2.77 -10.72 32.01
CA ILE F 37 2.95 -9.64 32.94
C ILE F 37 3.77 -8.55 32.29
N LEU F 38 4.84 -8.91 31.57
CA LEU F 38 5.73 -7.90 30.95
C LEU F 38 4.96 -7.04 29.92
N HIS F 39 4.17 -7.69 29.06
CA HIS F 39 3.28 -6.91 28.13
C HIS F 39 2.45 -5.93 28.89
N ASP F 40 1.84 -6.39 29.98
CA ASP F 40 0.95 -5.46 30.71
C ASP F 40 1.74 -4.39 31.47
N LEU F 41 3.02 -4.67 31.80
CA LEU F 41 3.87 -3.60 32.39
C LEU F 41 4.17 -2.54 31.36
N TYR F 42 4.54 -3.00 30.16
CA TYR F 42 4.75 -2.03 29.06
C TYR F 42 3.51 -1.18 28.78
N LYS F 43 2.33 -1.80 28.76
CA LYS F 43 1.12 -0.96 28.52
C LYS F 43 0.88 -0.01 29.68
N LYS F 44 1.07 -0.48 30.90
CA LYS F 44 0.77 0.38 32.07
C LYS F 44 1.64 1.64 31.95
N TYR F 45 2.94 1.43 31.67
CA TYR F 45 3.88 2.55 31.63
C TYR F 45 3.70 3.43 30.35
N HIS F 46 3.29 2.81 29.24
CA HIS F 46 2.79 3.60 28.06
C HIS F 46 1.71 4.61 28.48
N TRP F 47 0.72 4.20 29.28
CA TRP F 47 -0.37 5.07 29.71
C TRP F 47 0.06 6.02 30.83
N LEU F 48 0.80 5.51 31.81
CA LEU F 48 1.13 6.33 33.01
C LEU F 48 2.35 7.19 32.84
N MET F 49 3.11 7.03 31.76
CA MET F 49 4.25 7.94 31.50
C MET F 49 4.00 9.45 31.68
N ARG F 50 5.03 10.19 32.10
CA ARG F 50 5.00 11.63 32.16
C ARG F 50 6.41 12.15 32.21
N GLY F 51 6.57 13.44 32.02
CA GLY F 51 7.90 14.08 32.06
C GLY F 51 8.34 14.56 30.68
N ALA F 52 9.52 15.18 30.64
CA ALA F 52 10.03 15.90 29.46
C ALA F 52 10.21 14.94 28.26
N THR F 53 10.30 13.65 28.54
CA THR F 53 10.48 12.67 27.44
C THR F 53 9.23 11.82 27.21
N PHE F 54 8.07 12.36 27.60
CA PHE F 54 6.81 11.61 27.56
C PHE F 54 6.57 10.97 26.17
N TYR F 55 6.57 11.81 25.13
CA TYR F 55 6.18 11.24 23.79
C TYR F 55 7.18 10.16 23.31
N GLN F 56 8.46 10.43 23.49
CA GLN F 56 9.45 9.43 23.13
C GLN F 56 9.25 8.09 23.86
N LEU F 57 9.06 8.15 25.19
CA LEU F 57 8.91 6.91 25.92
C LEU F 57 7.56 6.24 25.70
N HIS F 58 6.52 7.06 25.60
CA HIS F 58 5.20 6.59 25.25
C HIS F 58 5.29 5.74 23.97
N LEU F 59 5.94 6.27 22.94
CA LEU F 59 6.12 5.48 21.67
C LEU F 59 6.96 4.24 21.83
N LEU F 60 8.09 4.36 22.48
CA LEU F 60 8.98 3.17 22.72
C LEU F 60 8.29 2.02 23.46
N LEU F 61 7.55 2.35 24.51
CA LEU F 61 6.95 1.34 25.34
C LEU F 61 5.82 0.68 24.55
N ASP F 62 5.15 1.45 23.70
CA ASP F 62 4.12 0.76 22.85
C ASP F 62 4.73 -0.15 21.83
N LYS F 63 5.88 0.28 21.24
CA LYS F 63 6.59 -0.51 20.29
C LYS F 63 6.93 -1.81 20.98
N HIS F 64 7.50 -1.71 22.18
CA HIS F 64 7.86 -2.99 22.91
C HIS F 64 6.66 -3.87 23.28
N ALA F 65 5.58 -3.24 23.71
CA ALA F 65 4.35 -3.95 24.03
C ALA F 65 3.89 -4.74 22.82
N GLY F 66 3.86 -4.07 21.66
CA GLY F 66 3.37 -4.76 20.45
C GLY F 66 4.22 -5.99 20.17
N GLU F 67 5.52 -5.91 20.39
CA GLU F 67 6.42 -7.05 20.10
C GLU F 67 6.17 -8.19 21.12
N GLN F 68 6.00 -7.84 22.39
CA GLN F 68 5.64 -8.83 23.44
C GLN F 68 4.29 -9.51 23.17
N LEU F 69 3.29 -8.73 22.68
CA LEU F 69 1.98 -9.36 22.35
C LEU F 69 2.12 -10.43 21.27
N GLU F 70 2.99 -10.21 20.29
CA GLU F 70 3.21 -11.20 19.22
C GLU F 70 3.94 -12.37 19.82
N LEU F 71 4.84 -12.12 20.77
CA LEU F 71 5.56 -13.27 21.38
C LEU F 71 4.53 -14.16 22.17
N ILE F 72 3.62 -13.49 22.86
CA ILE F 72 2.54 -14.18 23.59
C ILE F 72 1.77 -15.16 22.68
N ASP F 73 1.31 -14.67 21.54
CA ASP F 73 0.59 -15.52 20.62
C ASP F 73 1.42 -16.63 20.06
N THR F 74 2.68 -16.38 19.72
CA THR F 74 3.52 -17.43 19.17
C THR F 74 3.81 -18.58 20.15
N VAL F 75 4.14 -18.18 21.36
CA VAL F 75 4.40 -19.10 22.49
C VAL F 75 3.14 -19.90 22.87
N ALA F 76 1.99 -19.21 23.01
CA ALA F 76 0.73 -19.89 23.25
C ALA F 76 0.39 -20.86 22.16
N GLU F 77 0.58 -20.46 20.90
CA GLU F 77 0.32 -21.39 19.80
C GLU F 77 1.27 -22.57 19.81
N ARG F 78 2.49 -22.36 20.27
CA ARG F 78 3.44 -23.48 20.34
C ARG F 78 2.95 -24.50 21.38
N VAL F 79 2.45 -24.01 22.49
CA VAL F 79 1.87 -24.91 23.57
C VAL F 79 0.76 -25.77 22.98
N GLN F 80 -0.18 -25.10 22.29
CA GLN F 80 -1.23 -25.86 21.58
C GLN F 80 -0.69 -26.82 20.51
N THR F 81 0.37 -26.41 19.79
CA THR F 81 0.94 -27.25 18.72
C THR F 81 1.47 -28.57 19.34
N LEU F 82 1.93 -28.45 20.57
CA LEU F 82 2.55 -29.59 21.30
C LEU F 82 1.45 -30.39 22.00
N GLY F 83 0.20 -29.95 21.89
CA GLY F 83 -0.93 -30.75 22.41
C GLY F 83 -1.28 -30.32 23.83
N GLY F 84 -0.65 -29.26 24.31
CA GLY F 84 -0.88 -28.74 25.63
C GLY F 84 -1.97 -27.69 25.78
N VAL F 85 -1.98 -27.03 26.92
CA VAL F 85 -2.98 -26.01 27.18
C VAL F 85 -2.26 -24.75 27.60
N ALA F 86 -2.37 -23.70 26.80
CA ALA F 86 -1.73 -22.43 27.09
C ALA F 86 -2.42 -21.75 28.26
N VAL F 87 -1.67 -21.06 29.13
CA VAL F 87 -2.27 -20.30 30.24
CA VAL F 87 -2.28 -20.34 30.24
C VAL F 87 -3.23 -19.26 29.69
N GLY F 88 -4.46 -19.22 30.25
CA GLY F 88 -5.54 -18.32 29.74
C GLY F 88 -5.79 -17.05 30.52
N ASP F 89 -6.64 -17.14 31.53
CA ASP F 89 -7.09 -15.94 32.25
C ASP F 89 -5.90 -15.36 33.05
N PRO F 90 -5.83 -14.00 33.23
CA PRO F 90 -4.69 -13.44 33.92
C PRO F 90 -4.67 -13.84 35.39
N ARG F 91 -5.79 -14.29 35.93
CA ARG F 91 -5.73 -14.82 37.34
C ARG F 91 -4.97 -16.16 37.45
N HIS F 92 -4.96 -16.97 36.37
CA HIS F 92 -4.08 -18.15 36.30
C HIS F 92 -2.65 -17.74 36.05
N VAL F 93 -2.44 -16.76 35.15
CA VAL F 93 -1.12 -16.16 34.95
C VAL F 93 -0.51 -15.76 36.32
N ALA F 94 -1.29 -15.11 37.14
CA ALA F 94 -0.82 -14.62 38.43
C ALA F 94 -0.30 -15.75 39.35
N GLU F 95 -0.68 -17.01 39.09
CA GLU F 95 -0.28 -18.12 39.97
C GLU F 95 1.00 -18.75 39.48
N ILE F 96 1.31 -18.53 38.20
CA ILE F 96 2.47 -19.11 37.54
C ILE F 96 3.64 -18.14 37.49
N THR F 97 3.36 -16.84 37.36
CA THR F 97 4.44 -15.91 37.07
C THR F 97 5.33 -15.72 38.29
N THR F 98 6.60 -15.36 38.07
CA THR F 98 7.43 -14.88 39.18
C THR F 98 7.80 -13.42 38.98
N VAL F 99 7.15 -12.76 38.01
CA VAL F 99 7.45 -11.34 37.84
C VAL F 99 6.65 -10.62 38.92
N PRO F 100 7.32 -9.79 39.78
CA PRO F 100 6.64 -9.11 40.92
C PRO F 100 5.57 -8.14 40.48
N ARG F 101 4.56 -7.97 41.33
CA ARG F 101 3.52 -7.00 41.06
C ARG F 101 4.04 -5.59 41.32
N PRO F 102 3.88 -4.61 40.36
CA PRO F 102 4.23 -3.20 40.66
C PRO F 102 3.20 -2.50 41.53
N PRO F 103 3.46 -1.27 42.01
CA PRO F 103 2.41 -0.55 42.69
C PRO F 103 1.21 -0.31 41.78
N ASP F 104 0.05 -0.16 42.39
CA ASP F 104 -1.16 0.20 41.64
C ASP F 104 -1.10 1.59 40.98
N GLY F 105 -0.43 2.54 41.64
CA GLY F 105 -0.34 3.92 41.20
C GLY F 105 0.89 4.15 40.32
N VAL F 106 1.36 5.39 40.31
CA VAL F 106 2.40 5.81 39.36
CA VAL F 106 2.36 5.88 39.36
C VAL F 106 3.73 5.97 40.08
N GLU F 107 4.72 5.25 39.56
CA GLU F 107 6.10 5.28 40.09
C GLU F 107 6.85 6.42 39.40
N GLU F 108 8.02 6.78 39.92
CA GLU F 108 8.91 7.61 39.14
C GLU F 108 9.35 6.93 37.86
N VAL F 109 9.67 7.72 36.84
CA VAL F 109 10.08 7.19 35.57
C VAL F 109 11.24 6.19 35.61
N PRO F 110 12.38 6.55 36.28
CA PRO F 110 13.46 5.60 36.38
C PRO F 110 13.07 4.30 37.05
N SER F 111 12.12 4.31 37.98
CA SER F 111 11.67 3.07 38.60
C SER F 111 10.86 2.20 37.64
N MET F 112 9.99 2.82 36.86
CA MET F 112 9.28 2.05 35.81
C MET F 112 10.31 1.38 34.91
N LEU F 113 11.31 2.13 34.43
CA LEU F 113 12.31 1.55 33.53
C LEU F 113 13.09 0.42 34.20
N SER F 114 13.45 0.59 35.47
CA SER F 114 14.22 -0.48 36.14
C SER F 114 13.36 -1.71 36.33
N ARG F 115 12.07 -1.54 36.61
CA ARG F 115 11.19 -2.66 36.76
C ARG F 115 11.07 -3.47 35.45
N LEU F 116 10.88 -2.76 34.31
CA LEU F 116 10.98 -3.43 32.99
C LEU F 116 12.24 -4.26 32.85
N LEU F 117 13.38 -3.65 33.18
CA LEU F 117 14.66 -4.38 33.02
C LEU F 117 14.74 -5.60 33.90
N GLU F 118 14.17 -5.49 35.09
CA GLU F 118 14.19 -6.65 36.00
C GLU F 118 13.33 -7.83 35.46
N ALA F 119 12.19 -7.47 34.84
CA ALA F 119 11.33 -8.44 34.18
C ALA F 119 12.04 -9.10 32.99
N HIS F 120 12.65 -8.26 32.14
CA HIS F 120 13.47 -8.78 31.03
C HIS F 120 14.51 -9.75 31.51
N GLU F 121 15.23 -9.38 32.56
CA GLU F 121 16.32 -10.28 33.02
C GLU F 121 15.82 -11.65 33.53
N LEU F 122 14.73 -11.63 34.27
CA LEU F 122 14.04 -12.84 34.71
C LEU F 122 13.61 -13.73 33.54
N ILE F 123 12.97 -13.16 32.51
CA ILE F 123 12.64 -13.94 31.29
C ILE F 123 13.88 -14.51 30.58
N LEU F 124 14.90 -13.69 30.43
CA LEU F 124 16.12 -14.13 29.74
C LEU F 124 16.78 -15.30 30.48
N THR F 125 16.88 -15.18 31.80
CA THR F 125 17.42 -16.28 32.65
C THR F 125 16.59 -17.57 32.41
N GLU F 126 15.27 -17.47 32.52
CA GLU F 126 14.40 -18.63 32.20
C GLU F 126 14.59 -19.16 30.78
N CYS F 127 14.73 -18.25 29.82
CA CYS F 127 14.91 -18.66 28.42
C CYS F 127 16.14 -19.46 28.14
N HIS F 128 17.29 -19.01 28.67
CA HIS F 128 18.54 -19.74 28.46
C HIS F 128 18.40 -21.18 28.96
N ASP F 129 17.88 -21.32 30.17
CA ASP F 129 17.72 -22.64 30.76
C ASP F 129 16.69 -23.51 30.01
N ALA F 130 15.51 -22.94 29.70
CA ALA F 130 14.54 -23.76 28.93
C ALA F 130 15.04 -24.13 27.55
N ALA F 131 15.78 -23.21 26.88
CA ALA F 131 16.27 -23.54 25.54
C ALA F 131 17.22 -24.74 25.62
N ALA F 132 18.12 -24.72 26.60
CA ALA F 132 19.06 -25.84 26.76
C ALA F 132 18.35 -27.18 27.04
N ARG F 133 17.37 -27.16 27.94
CA ARG F 133 16.69 -28.41 28.36
C ARG F 133 15.75 -28.95 27.29
N THR F 134 14.95 -28.07 26.65
CA THR F 134 14.08 -28.55 25.55
C THR F 134 14.91 -29.11 24.42
N GLN F 135 16.07 -28.50 24.18
CA GLN F 135 16.98 -29.03 23.17
C GLN F 135 17.45 -30.42 23.56
N GLU F 136 17.82 -30.61 24.83
CA GLU F 136 18.21 -31.96 25.31
C GLU F 136 17.10 -32.99 25.03
N TYR F 137 15.84 -32.62 25.25
CA TYR F 137 14.75 -33.57 25.02
C TYR F 137 14.37 -33.76 23.57
N GLY F 138 15.07 -33.05 22.70
CA GLY F 138 14.92 -33.20 21.27
C GLY F 138 13.86 -32.28 20.66
N ASP F 139 13.40 -31.28 21.42
CA ASP F 139 12.35 -30.40 20.87
C ASP F 139 13.02 -29.19 20.16
N ASP F 140 13.47 -29.47 18.95
CA ASP F 140 14.26 -28.53 18.13
C ASP F 140 13.48 -27.22 17.87
N GLY F 141 12.20 -27.37 17.54
CA GLY F 141 11.32 -26.22 17.27
C GLY F 141 11.14 -25.32 18.45
N THR F 142 11.00 -25.91 19.65
CA THR F 142 10.80 -25.07 20.82
C THR F 142 12.07 -24.34 21.18
N ASN F 143 13.20 -25.00 21.02
CA ASN F 143 14.48 -24.34 21.33
C ASN F 143 14.61 -23.13 20.37
N ASP F 144 14.27 -23.35 19.10
CA ASP F 144 14.45 -22.29 18.10
C ASP F 144 13.56 -21.09 18.39
N LEU F 145 12.32 -21.36 18.82
CA LEU F 145 11.42 -20.26 19.21
C LEU F 145 11.96 -19.51 20.41
N LEU F 146 12.47 -20.22 21.41
CA LEU F 146 12.88 -19.55 22.62
C LEU F 146 14.13 -18.72 22.35
N VAL F 147 14.99 -19.19 21.49
CA VAL F 147 16.23 -18.45 21.25
C VAL F 147 16.03 -17.31 20.21
N SER F 148 15.51 -17.67 19.02
CA SER F 148 15.47 -16.72 17.91
C SER F 148 14.43 -15.63 18.14
N GLU F 149 13.35 -15.94 18.83
CA GLU F 149 12.30 -14.93 19.03
C GLU F 149 12.27 -14.45 20.47
N VAL F 150 12.02 -15.37 21.42
CA VAL F 150 11.88 -14.84 22.81
C VAL F 150 13.17 -14.22 23.36
N LEU F 151 14.27 -14.96 23.27
CA LEU F 151 15.49 -14.42 23.85
C LEU F 151 15.98 -13.16 23.13
N ARG F 152 16.03 -13.22 21.80
CA ARG F 152 16.63 -12.09 21.09
C ARG F 152 15.79 -10.85 21.19
N THR F 153 14.47 -11.00 21.19
CA THR F 153 13.60 -9.83 21.41
C THR F 153 13.84 -9.21 22.76
N ASN F 154 13.91 -10.02 23.82
CA ASN F 154 14.04 -9.39 25.15
C ASN F 154 15.41 -8.76 25.32
N GLU F 155 16.41 -9.40 24.74
CA GLU F 155 17.80 -8.82 24.77
C GLU F 155 17.82 -7.41 24.15
N LEU F 156 17.22 -7.27 22.99
CA LEU F 156 17.24 -5.96 22.31
C LEU F 156 16.42 -4.95 23.06
N GLN F 157 15.24 -5.36 23.54
CA GLN F 157 14.38 -4.44 24.28
C GLN F 157 15.07 -3.93 25.53
N ALA F 158 15.76 -4.83 26.23
CA ALA F 158 16.42 -4.43 27.48
C ALA F 158 17.49 -3.39 27.17
N TRP F 159 18.17 -3.54 26.03
CA TRP F 159 19.17 -2.56 25.57
C TRP F 159 18.52 -1.21 25.38
N PHE F 160 17.46 -1.14 24.57
CA PHE F 160 16.78 0.15 24.36
C PHE F 160 16.35 0.79 25.71
N VAL F 161 15.79 0.00 26.63
CA VAL F 161 15.32 0.55 27.89
C VAL F 161 16.51 1.01 28.78
N ALA F 162 17.52 0.14 28.89
CA ALA F 162 18.67 0.41 29.75
C ALA F 162 19.40 1.70 29.34
N GLU F 163 19.49 1.99 28.03
CA GLU F 163 20.20 3.22 27.60
C GLU F 163 19.51 4.48 28.09
N HIS F 164 18.19 4.46 28.33
CA HIS F 164 17.48 5.65 28.84
C HIS F 164 17.81 5.98 30.29
N LEU F 165 18.36 5.00 31.00
CA LEU F 165 18.69 5.20 32.40
C LEU F 165 20.13 5.77 32.58
N VAL F 166 20.91 5.82 31.50
CA VAL F 166 22.30 6.37 31.57
C VAL F 166 22.27 7.88 31.87
N ASP F 167 22.84 8.26 33.01
CA ASP F 167 22.90 9.66 33.41
C ASP F 167 24.14 10.30 32.79
N THR F 168 23.94 11.14 31.78
CA THR F 168 25.03 11.66 30.97
C THR F 168 24.60 13.03 30.44
N PRO F 169 25.55 13.96 30.25
CA PRO F 169 25.06 15.29 29.75
C PRO F 169 24.47 15.20 28.31
N LEU F 170 23.45 16.01 28.01
CA LEU F 170 22.89 16.06 26.65
C LEU F 170 23.33 17.29 25.88
N VAL F 171 23.70 18.35 26.61
CA VAL F 171 24.15 19.62 26.03
C VAL F 171 25.51 20.01 26.60
N HIS F 172 26.29 20.82 25.86
CA HIS F 172 27.49 21.52 26.37
C HIS F 172 26.98 22.71 27.13
N ARG G 1 -12.31 -45.28 0.97
CA ARG G 1 -13.68 -44.94 0.49
C ARG G 1 -13.73 -43.66 -0.40
N THR G 2 -14.26 -43.81 -1.61
CA THR G 2 -14.35 -42.73 -2.60
C THR G 2 -15.77 -42.22 -2.70
N ILE G 3 -15.96 -40.92 -2.49
CA ILE G 3 -17.27 -40.30 -2.62
C ILE G 3 -17.55 -39.79 -4.05
N GLN G 4 -16.51 -39.54 -4.85
CA GLN G 4 -16.67 -39.31 -6.29
C GLN G 4 -15.47 -39.83 -7.05
N GLU G 5 -15.73 -40.66 -8.06
CA GLU G 5 -14.67 -41.18 -8.92
C GLU G 5 -14.09 -40.13 -9.85
N PHE G 6 -12.78 -40.23 -10.08
CA PHE G 6 -12.19 -39.49 -11.16
C PHE G 6 -12.82 -39.82 -12.52
N GLY G 7 -13.00 -38.82 -13.39
CA GLY G 7 -13.54 -39.00 -14.75
C GLY G 7 -15.07 -39.06 -14.74
N THR G 8 -15.68 -38.63 -13.63
CA THR G 8 -17.13 -38.46 -13.58
C THR G 8 -17.50 -36.98 -13.28
N VAL G 9 -18.74 -36.59 -13.57
CA VAL G 9 -19.29 -35.29 -13.14
C VAL G 9 -20.54 -35.54 -12.32
N LYS G 10 -20.76 -34.71 -11.31
CA LYS G 10 -21.96 -34.84 -10.51
C LYS G 10 -23.10 -34.05 -11.15
N GLN G 11 -24.32 -34.36 -10.73
CA GLN G 11 -25.47 -33.50 -11.00
C GLN G 11 -25.10 -32.10 -10.44
N PHE G 12 -25.10 -31.06 -11.27
CA PHE G 12 -24.72 -29.72 -10.80
C PHE G 12 -25.61 -28.62 -11.43
N PRO G 13 -25.95 -27.57 -10.63
CA PRO G 13 -26.85 -26.50 -11.09
C PRO G 13 -26.20 -25.38 -11.95
N VAL G 14 -25.51 -25.75 -13.04
CA VAL G 14 -24.79 -24.77 -13.88
C VAL G 14 -25.23 -24.69 -15.34
N ALA G 15 -26.49 -25.07 -15.65
CA ALA G 15 -27.07 -24.88 -17.02
C ALA G 15 -26.21 -25.41 -18.17
N LEU G 16 -25.45 -26.48 -17.93
CA LEU G 16 -24.79 -27.22 -19.00
C LEU G 16 -25.15 -28.69 -18.86
N THR G 17 -25.34 -29.40 -19.96
CA THR G 17 -25.66 -30.86 -19.85
C THR G 17 -24.53 -31.70 -19.26
N MET G 18 -24.86 -32.81 -18.61
CA MET G 18 -23.83 -33.73 -18.17
C MET G 18 -22.80 -34.07 -19.27
N ASP G 19 -23.24 -34.28 -20.50
CA ASP G 19 -22.34 -34.61 -21.62
C ASP G 19 -21.29 -33.52 -21.88
N THR G 20 -21.81 -32.30 -21.93
CA THR G 20 -20.99 -31.13 -22.18
C THR G 20 -19.97 -31.00 -21.04
N ARG G 21 -20.44 -31.15 -19.82
CA ARG G 21 -19.55 -30.97 -18.64
C ARG G 21 -18.50 -32.05 -18.57
N LEU G 22 -18.87 -33.28 -18.89
CA LEU G 22 -17.89 -34.34 -18.88
C LEU G 22 -16.79 -34.10 -19.92
N TYR G 23 -17.18 -33.70 -21.11
CA TYR G 23 -16.23 -33.46 -22.16
C TYR G 23 -15.30 -32.23 -21.80
N SER G 24 -15.88 -31.15 -21.31
CA SER G 24 -15.01 -29.99 -20.92
C SER G 24 -14.03 -30.39 -19.84
N CYS G 25 -14.51 -31.13 -18.85
CA CYS G 25 -13.61 -31.67 -17.82
C CYS G 25 -12.48 -32.51 -18.33
N GLN G 26 -12.73 -33.36 -19.34
CA GLN G 26 -11.67 -34.16 -19.84
CA GLN G 26 -11.69 -34.18 -19.93
C GLN G 26 -10.59 -33.29 -20.51
N ARG G 27 -11.01 -32.31 -21.32
CA ARG G 27 -10.08 -31.48 -22.08
C ARG G 27 -9.35 -30.59 -21.04
N LEU G 28 -10.06 -30.09 -20.03
CA LEU G 28 -9.38 -29.23 -19.02
C LEU G 28 -8.34 -30.01 -18.24
N ASN G 29 -8.62 -31.28 -17.93
CA ASN G 29 -7.68 -32.06 -17.17
C ASN G 29 -6.40 -32.36 -17.96
N LYS G 30 -6.52 -32.51 -19.30
CA LYS G 30 -5.30 -32.64 -20.14
C LYS G 30 -4.43 -31.36 -20.07
N VAL G 31 -5.09 -30.23 -20.30
CA VAL G 31 -4.44 -28.93 -20.18
C VAL G 31 -3.82 -28.74 -18.77
N LEU G 32 -4.56 -29.09 -17.72
CA LEU G 32 -4.10 -28.99 -16.33
C LEU G 32 -2.88 -29.86 -16.13
N ALA G 33 -2.93 -31.12 -16.60
CA ALA G 33 -1.78 -31.96 -16.49
C ALA G 33 -0.55 -31.42 -17.23
N ASP G 34 -0.69 -30.89 -18.46
CA ASP G 34 0.50 -30.46 -19.16
C ASP G 34 1.00 -29.17 -18.47
N THR G 35 0.05 -28.42 -17.96
CA THR G 35 0.41 -27.12 -17.28
C THR G 35 1.17 -27.36 -15.97
N ARG G 36 0.76 -28.37 -15.18
CA ARG G 36 1.45 -28.80 -13.99
C ARG G 36 2.90 -29.17 -14.30
N ILE G 37 3.13 -29.91 -15.40
CA ILE G 37 4.50 -30.23 -15.74
C ILE G 37 5.30 -28.93 -16.11
N LEU G 38 4.66 -28.08 -16.90
CA LEU G 38 5.29 -26.79 -17.33
C LEU G 38 5.66 -25.91 -16.13
N HIS G 39 4.75 -25.76 -15.19
CA HIS G 39 5.08 -25.02 -13.96
C HIS G 39 6.32 -25.60 -13.35
N ASP G 40 6.33 -26.92 -13.16
CA ASP G 40 7.49 -27.56 -12.55
C ASP G 40 8.77 -27.46 -13.39
N LEU G 41 8.67 -27.38 -14.73
CA LEU G 41 9.84 -27.15 -15.59
C LEU G 41 10.36 -25.71 -15.31
N TYR G 42 9.46 -24.75 -15.28
CA TYR G 42 9.90 -23.37 -14.94
C TYR G 42 10.60 -23.33 -13.60
N LYS G 43 10.05 -23.91 -12.53
CA LYS G 43 10.77 -23.88 -11.23
C LYS G 43 12.12 -24.62 -11.26
N LYS G 44 12.14 -25.80 -11.89
CA LYS G 44 13.41 -26.54 -12.10
C LYS G 44 14.49 -25.63 -12.71
N TYR G 45 14.17 -24.93 -13.79
CA TYR G 45 15.14 -24.07 -14.48
C TYR G 45 15.43 -22.78 -13.69
N HIS G 46 14.44 -22.30 -12.95
CA HIS G 46 14.66 -21.16 -11.98
C HIS G 46 15.78 -21.55 -11.01
N TRP G 47 15.74 -22.76 -10.46
CA TRP G 47 16.79 -23.21 -9.55
C TRP G 47 18.10 -23.57 -10.21
N LEU G 48 18.03 -24.28 -11.37
CA LEU G 48 19.26 -24.89 -11.97
C LEU G 48 19.99 -23.96 -12.89
N MET G 49 19.44 -22.76 -13.09
CA MET G 49 20.03 -21.78 -14.06
C MET G 49 21.48 -21.49 -13.64
N ARG G 50 22.30 -21.16 -14.63
CA ARG G 50 23.69 -20.71 -14.41
C ARG G 50 24.16 -19.95 -15.62
N GLY G 51 25.31 -19.25 -15.49
CA GLY G 51 25.87 -18.55 -16.62
C GLY G 51 25.73 -17.03 -16.49
N ALA G 52 26.27 -16.32 -17.49
CA ALA G 52 26.40 -14.85 -17.46
C ALA G 52 25.02 -14.12 -17.36
N THR G 53 23.93 -14.79 -17.72
CA THR G 53 22.61 -14.21 -17.60
C THR G 53 21.77 -14.82 -16.49
N PHE G 54 22.43 -15.35 -15.49
CA PHE G 54 21.73 -16.04 -14.41
C PHE G 54 20.57 -15.26 -13.80
N TYR G 55 20.84 -14.04 -13.33
CA TYR G 55 19.81 -13.39 -12.54
C TYR G 55 18.61 -13.05 -13.43
N GLN G 56 18.87 -12.54 -14.63
CA GLN G 56 17.89 -12.27 -15.61
C GLN G 56 16.98 -13.48 -15.82
N LEU G 57 17.57 -14.62 -16.15
CA LEU G 57 16.71 -15.80 -16.47
C LEU G 57 16.06 -16.39 -15.22
N HIS G 58 16.76 -16.30 -14.08
CA HIS G 58 16.22 -16.72 -12.78
C HIS G 58 14.96 -15.97 -12.52
N LEU G 59 14.98 -14.65 -12.74
CA LEU G 59 13.76 -13.86 -12.51
C LEU G 59 12.64 -14.12 -13.51
N LEU G 60 12.99 -14.20 -14.78
CA LEU G 60 12.04 -14.42 -15.84
C LEU G 60 11.35 -15.75 -15.60
N LEU G 61 12.13 -16.79 -15.28
CA LEU G 61 11.52 -18.12 -15.16
C LEU G 61 10.56 -18.12 -13.96
N ASP G 62 10.92 -17.43 -12.88
CA ASP G 62 9.97 -17.34 -11.74
C ASP G 62 8.70 -16.61 -12.08
N LYS G 63 8.82 -15.52 -12.84
CA LYS G 63 7.65 -14.76 -13.30
C LYS G 63 6.69 -15.72 -14.04
N HIS G 64 7.26 -16.50 -14.94
CA HIS G 64 6.43 -17.45 -15.75
C HIS G 64 5.88 -18.55 -14.87
N ALA G 65 6.67 -19.09 -13.95
CA ALA G 65 6.14 -20.07 -13.00
C ALA G 65 4.95 -19.50 -12.22
N GLY G 66 5.05 -18.26 -11.70
CA GLY G 66 3.91 -17.75 -10.95
C GLY G 66 2.64 -17.65 -11.78
N GLU G 67 2.80 -17.33 -13.04
CA GLU G 67 1.63 -17.15 -13.92
C GLU G 67 1.04 -18.52 -14.22
N GLN G 68 1.92 -19.48 -14.41
CA GLN G 68 1.43 -20.87 -14.64
C GLN G 68 0.71 -21.44 -13.41
N LEU G 69 1.17 -21.13 -12.21
CA LEU G 69 0.54 -21.59 -10.98
C LEU G 69 -0.89 -21.09 -10.89
N GLU G 70 -1.09 -19.80 -11.21
CA GLU G 70 -2.45 -19.21 -11.23
CA GLU G 70 -2.44 -19.26 -11.18
C GLU G 70 -3.34 -19.88 -12.28
N LEU G 71 -2.78 -20.15 -13.44
CA LEU G 71 -3.56 -20.88 -14.50
C LEU G 71 -3.98 -22.25 -13.94
N ILE G 72 -3.08 -22.92 -13.25
CA ILE G 72 -3.38 -24.28 -12.70
C ILE G 72 -4.61 -24.16 -11.79
N ASP G 73 -4.58 -23.20 -10.90
CA ASP G 73 -5.65 -23.08 -9.96
C ASP G 73 -6.97 -22.68 -10.62
N THR G 74 -6.92 -21.79 -11.61
CA THR G 74 -8.14 -21.35 -12.28
C THR G 74 -8.74 -22.52 -13.09
N VAL G 75 -7.84 -23.24 -13.75
CA VAL G 75 -8.32 -24.40 -14.55
C VAL G 75 -8.90 -25.49 -13.66
N ALA G 76 -8.20 -25.80 -12.60
CA ALA G 76 -8.70 -26.80 -11.66
C ALA G 76 -10.07 -26.39 -11.08
N GLU G 77 -10.21 -25.12 -10.71
CA GLU G 77 -11.48 -24.71 -10.19
C GLU G 77 -12.58 -24.75 -11.24
N ARG G 78 -12.21 -24.55 -12.50
CA ARG G 78 -13.19 -24.69 -13.57
C ARG G 78 -13.71 -26.15 -13.66
N VAL G 79 -12.79 -27.10 -13.65
CA VAL G 79 -13.16 -28.54 -13.54
C VAL G 79 -14.15 -28.77 -12.40
N GLN G 80 -13.83 -28.27 -11.19
CA GLN G 80 -14.76 -28.42 -10.09
C GLN G 80 -16.12 -27.75 -10.29
N THR G 81 -16.08 -26.57 -10.92
CA THR G 81 -17.30 -25.77 -11.13
C THR G 81 -18.27 -26.53 -12.07
N LEU G 82 -17.69 -27.29 -13.00
CA LEU G 82 -18.47 -28.15 -13.91
C LEU G 82 -18.91 -29.47 -13.27
N GLY G 83 -18.54 -29.68 -12.02
CA GLY G 83 -18.92 -30.85 -11.26
C GLY G 83 -17.95 -32.02 -11.44
N GLY G 84 -16.81 -31.78 -12.11
CA GLY G 84 -15.78 -32.78 -12.29
C GLY G 84 -14.76 -32.92 -11.16
N VAL G 85 -13.70 -33.66 -11.45
CA VAL G 85 -12.64 -33.92 -10.47
C VAL G 85 -11.29 -33.52 -11.11
N ALA G 86 -10.63 -32.50 -10.52
CA ALA G 86 -9.40 -31.99 -11.11
C ALA G 86 -8.26 -32.93 -10.76
N VAL G 87 -7.33 -33.12 -11.68
CA VAL G 87 -6.14 -33.97 -11.42
C VAL G 87 -5.34 -33.47 -10.19
N GLY G 88 -5.03 -34.38 -9.25
CA GLY G 88 -4.53 -34.02 -7.91
C GLY G 88 -3.07 -34.36 -7.79
N ASP G 89 -2.77 -35.58 -7.40
CA ASP G 89 -1.38 -35.99 -7.10
C ASP G 89 -0.52 -35.96 -8.39
N PRO G 90 0.77 -35.57 -8.30
CA PRO G 90 1.56 -35.51 -9.53
C PRO G 90 1.82 -36.89 -10.20
N ARG G 91 1.71 -37.96 -9.43
CA ARG G 91 1.77 -39.30 -10.02
C ARG G 91 0.58 -39.56 -10.96
N HIS G 92 -0.56 -38.94 -10.66
CA HIS G 92 -1.65 -38.95 -11.65
C HIS G 92 -1.42 -38.04 -12.81
N VAL G 93 -0.95 -36.80 -12.55
CA VAL G 93 -0.49 -35.94 -13.63
C VAL G 93 0.37 -36.69 -14.69
N ALA G 94 1.34 -37.45 -14.17
CA ALA G 94 2.32 -38.17 -14.99
C ALA G 94 1.67 -39.11 -15.99
N GLU G 95 0.53 -39.66 -15.58
CA GLU G 95 -0.18 -40.62 -16.40
C GLU G 95 -1.05 -39.92 -17.41
N ILE G 96 -1.33 -38.62 -17.22
CA ILE G 96 -2.16 -37.89 -18.19
C ILE G 96 -1.39 -37.06 -19.20
N THR G 97 -0.30 -36.47 -18.73
CA THR G 97 0.43 -35.52 -19.51
C THR G 97 1.09 -36.12 -20.76
N THR G 98 1.29 -35.31 -21.79
CA THR G 98 2.18 -35.69 -22.89
C THR G 98 3.46 -34.84 -22.96
N VAL G 99 3.70 -34.03 -21.94
CA VAL G 99 5.00 -33.30 -21.94
C VAL G 99 6.08 -34.26 -21.46
N PRO G 100 7.15 -34.41 -22.24
CA PRO G 100 8.12 -35.41 -21.89
C PRO G 100 8.93 -35.04 -20.67
N ARG G 101 9.45 -36.06 -20.03
CA ARG G 101 10.22 -35.87 -18.83
C ARG G 101 11.62 -35.38 -19.21
N PRO G 102 12.12 -34.29 -18.56
CA PRO G 102 13.48 -33.88 -18.86
C PRO G 102 14.50 -34.75 -18.11
N PRO G 103 15.80 -34.57 -18.40
CA PRO G 103 16.83 -35.30 -17.59
C PRO G 103 16.78 -34.90 -16.14
N ASP G 104 17.22 -35.79 -15.26
CA ASP G 104 17.19 -35.49 -13.82
C ASP G 104 18.17 -34.35 -13.42
N GLY G 105 19.26 -34.20 -14.17
CA GLY G 105 20.34 -33.24 -13.83
C GLY G 105 20.15 -31.93 -14.57
N VAL G 106 21.29 -31.30 -14.89
CA VAL G 106 21.32 -29.97 -15.50
C VAL G 106 21.67 -30.03 -16.96
N GLU G 107 20.76 -29.56 -17.82
CA GLU G 107 20.95 -29.44 -19.26
C GLU G 107 21.71 -28.16 -19.61
N GLU G 108 22.18 -28.04 -20.83
CA GLU G 108 22.63 -26.71 -21.29
C GLU G 108 21.50 -25.69 -21.22
N VAL G 109 21.78 -24.44 -20.81
CA VAL G 109 20.79 -23.35 -20.92
C VAL G 109 19.91 -23.31 -22.18
N PRO G 110 20.50 -23.29 -23.38
CA PRO G 110 19.61 -23.25 -24.52
C PRO G 110 18.74 -24.51 -24.70
N SER G 111 19.17 -25.65 -24.19
CA SER G 111 18.28 -26.85 -24.18
C SER G 111 17.13 -26.69 -23.17
N MET G 112 17.40 -26.06 -22.02
CA MET G 112 16.31 -25.76 -21.08
C MET G 112 15.30 -24.85 -21.78
N LEU G 113 15.74 -23.79 -22.46
CA LEU G 113 14.83 -22.84 -23.07
C LEU G 113 14.07 -23.55 -24.18
N SER G 114 14.76 -24.39 -24.96
CA SER G 114 14.07 -25.11 -26.07
C SER G 114 12.99 -26.04 -25.51
N ARG G 115 13.26 -26.65 -24.35
CA ARG G 115 12.31 -27.59 -23.72
C ARG G 115 11.04 -26.87 -23.28
N LEU G 116 11.20 -25.67 -22.69
CA LEU G 116 10.04 -24.86 -22.37
C LEU G 116 9.20 -24.53 -23.58
N LEU G 117 9.85 -24.11 -24.65
CA LEU G 117 9.14 -23.72 -25.85
C LEU G 117 8.37 -24.93 -26.44
N GLU G 118 8.98 -26.10 -26.40
CA GLU G 118 8.23 -27.33 -26.81
C GLU G 118 7.02 -27.62 -25.96
N ALA G 119 7.12 -27.43 -24.65
CA ALA G 119 5.96 -27.57 -23.78
C ALA G 119 4.90 -26.50 -24.04
N HIS G 120 5.32 -25.24 -24.27
CA HIS G 120 4.34 -24.23 -24.69
C HIS G 120 3.60 -24.61 -25.95
N GLU G 121 4.33 -25.08 -26.95
CA GLU G 121 3.71 -25.34 -28.25
C GLU G 121 2.69 -26.47 -28.15
N LEU G 122 2.98 -27.44 -27.32
CA LEU G 122 2.10 -28.59 -27.13
C LEU G 122 0.86 -28.09 -26.43
N ILE G 123 1.02 -27.28 -25.38
CA ILE G 123 -0.18 -26.71 -24.74
C ILE G 123 -1.00 -25.82 -25.66
N LEU G 124 -0.34 -24.99 -26.47
CA LEU G 124 -1.08 -24.12 -27.39
C LEU G 124 -1.89 -24.92 -28.42
N THR G 125 -1.25 -25.95 -28.98
CA THR G 125 -1.93 -26.83 -29.94
C THR G 125 -3.17 -27.44 -29.31
N GLU G 126 -3.04 -27.98 -28.09
CA GLU G 126 -4.22 -28.50 -27.41
C GLU G 126 -5.30 -27.46 -27.13
N CYS G 127 -4.89 -26.26 -26.70
CA CYS G 127 -5.87 -25.22 -26.42
C CYS G 127 -6.73 -24.82 -27.57
N HIS G 128 -6.13 -24.65 -28.76
CA HIS G 128 -6.88 -24.23 -29.95
C HIS G 128 -7.96 -25.27 -30.22
N ASP G 129 -7.58 -26.53 -30.14
CA ASP G 129 -8.53 -27.62 -30.38
C ASP G 129 -9.61 -27.71 -29.28
N ALA G 130 -9.18 -27.70 -28.01
CA ALA G 130 -10.12 -27.76 -26.89
C ALA G 130 -11.07 -26.53 -26.90
N ALA G 131 -10.54 -25.33 -27.21
CA ALA G 131 -11.41 -24.16 -27.23
C ALA G 131 -12.48 -24.29 -28.32
N ALA G 132 -12.07 -24.72 -29.52
CA ALA G 132 -13.07 -24.87 -30.60
C ALA G 132 -14.17 -25.92 -30.25
N ARG G 133 -13.77 -27.08 -29.74
CA ARG G 133 -14.73 -28.18 -29.42
C ARG G 133 -15.66 -27.81 -28.25
N THR G 134 -15.12 -27.27 -27.13
CA THR G 134 -15.99 -26.92 -25.99
C THR G 134 -16.96 -25.81 -26.37
N GLN G 135 -16.53 -24.92 -27.23
CA GLN G 135 -17.42 -23.91 -27.81
C GLN G 135 -18.60 -24.55 -28.59
N GLU G 136 -18.28 -25.52 -29.45
CA GLU G 136 -19.31 -26.23 -30.21
C GLU G 136 -20.32 -26.92 -29.33
N TYR G 137 -19.90 -27.49 -28.21
CA TYR G 137 -20.82 -28.13 -27.29
C TYR G 137 -21.58 -27.15 -26.38
N GLY G 138 -21.30 -25.86 -26.51
CA GLY G 138 -22.00 -24.80 -25.77
C GLY G 138 -21.36 -24.33 -24.46
N ASP G 139 -20.15 -24.79 -24.14
CA ASP G 139 -19.53 -24.38 -22.86
C ASP G 139 -18.74 -23.10 -23.12
N ASP G 140 -19.49 -22.00 -23.23
CA ASP G 140 -18.91 -20.70 -23.51
C ASP G 140 -17.83 -20.30 -22.49
N GLY G 141 -18.10 -20.53 -21.22
CA GLY G 141 -17.15 -20.11 -20.17
C GLY G 141 -15.84 -20.84 -20.25
N THR G 142 -15.90 -22.13 -20.58
CA THR G 142 -14.66 -22.88 -20.76
C THR G 142 -13.85 -22.40 -21.97
N ASN G 143 -14.53 -22.13 -23.09
CA ASN G 143 -13.82 -21.63 -24.22
C ASN G 143 -13.15 -20.27 -23.82
N ASP G 144 -13.87 -19.42 -23.10
CA ASP G 144 -13.29 -18.09 -22.72
C ASP G 144 -12.03 -18.26 -21.84
N LEU G 145 -12.08 -19.18 -20.85
CA LEU G 145 -10.93 -19.46 -19.97
C LEU G 145 -9.76 -19.95 -20.83
N LEU G 146 -10.04 -20.92 -21.70
CA LEU G 146 -8.95 -21.43 -22.47
C LEU G 146 -8.34 -20.44 -23.46
N VAL G 147 -9.13 -19.58 -24.09
CA VAL G 147 -8.57 -18.60 -25.04
C VAL G 147 -7.92 -17.40 -24.27
N SER G 148 -8.68 -16.81 -23.37
CA SER G 148 -8.25 -15.47 -22.83
C SER G 148 -7.16 -15.65 -21.81
N GLU G 149 -7.10 -16.82 -21.17
CA GLU G 149 -6.14 -17.05 -20.09
C GLU G 149 -5.08 -18.04 -20.44
N VAL G 150 -5.46 -19.30 -20.74
CA VAL G 150 -4.42 -20.27 -21.06
C VAL G 150 -3.69 -19.94 -22.34
N LEU G 151 -4.41 -19.70 -23.44
CA LEU G 151 -3.76 -19.52 -24.71
C LEU G 151 -2.94 -18.22 -24.72
N ARG G 152 -3.59 -17.10 -24.38
CA ARG G 152 -2.83 -15.85 -24.39
C ARG G 152 -1.57 -15.83 -23.49
N THR G 153 -1.64 -16.47 -22.33
CA THR G 153 -0.51 -16.46 -21.39
C THR G 153 0.62 -17.28 -21.98
N ASN G 154 0.31 -18.50 -22.41
CA ASN G 154 1.36 -19.28 -23.08
C ASN G 154 1.97 -18.67 -24.35
N GLU G 155 1.18 -18.01 -25.20
CA GLU G 155 1.73 -17.34 -26.39
C GLU G 155 2.74 -16.26 -25.99
N LEU G 156 2.31 -15.41 -25.05
CA LEU G 156 3.20 -14.35 -24.59
C LEU G 156 4.48 -14.93 -23.91
N GLN G 157 4.31 -15.93 -23.06
CA GLN G 157 5.45 -16.53 -22.42
C GLN G 157 6.41 -17.13 -23.45
N ALA G 158 5.86 -17.80 -24.47
CA ALA G 158 6.73 -18.39 -25.48
C ALA G 158 7.54 -17.32 -26.20
N TRP G 159 6.95 -16.15 -26.43
CA TRP G 159 7.69 -15.03 -27.04
C TRP G 159 8.87 -14.63 -26.20
N PHE G 160 8.63 -14.40 -24.92
CA PHE G 160 9.73 -14.00 -24.01
C PHE G 160 10.83 -15.03 -24.03
N VAL G 161 10.50 -16.33 -24.03
CA VAL G 161 11.56 -17.36 -23.90
C VAL G 161 12.30 -17.42 -25.25
N ALA G 162 11.56 -17.43 -26.35
CA ALA G 162 12.15 -17.69 -27.70
C ALA G 162 13.13 -16.58 -28.09
N GLU G 163 12.82 -15.33 -27.71
CA GLU G 163 13.80 -14.24 -27.95
C GLU G 163 15.19 -14.42 -27.36
N HIS G 164 15.28 -15.13 -26.23
CA HIS G 164 16.57 -15.42 -25.59
C HIS G 164 17.41 -16.39 -26.34
N LEU G 165 16.80 -17.13 -27.26
CA LEU G 165 17.55 -18.07 -28.10
C LEU G 165 18.19 -17.49 -29.36
N VAL G 166 17.88 -16.23 -29.69
CA VAL G 166 18.35 -15.60 -30.90
C VAL G 166 19.81 -15.31 -30.72
N ASP G 167 20.61 -15.84 -31.64
CA ASP G 167 22.06 -15.64 -31.54
C ASP G 167 22.35 -14.38 -32.35
N THR G 168 22.61 -13.25 -31.70
CA THR G 168 22.73 -11.98 -32.41
C THR G 168 23.77 -11.18 -31.62
N PRO G 169 24.58 -10.35 -32.30
CA PRO G 169 25.59 -9.68 -31.45
C PRO G 169 24.96 -8.67 -30.48
N LEU G 170 25.62 -8.48 -29.34
CA LEU G 170 25.11 -7.58 -28.30
C LEU G 170 25.94 -6.31 -28.22
N VAL G 171 27.15 -6.35 -28.76
CA VAL G 171 28.08 -5.18 -28.75
C VAL G 171 28.62 -5.02 -30.19
N HIS G 172 29.15 -3.85 -30.57
CA HIS G 172 29.58 -3.67 -31.98
C HIS G 172 30.80 -4.55 -32.35
N ARG H 1 23.43 -33.28 -23.98
CA ARG H 1 24.56 -33.14 -23.01
C ARG H 1 24.02 -32.68 -21.64
N THR H 2 24.24 -33.50 -20.61
CA THR H 2 24.04 -33.09 -19.23
C THR H 2 25.33 -32.42 -18.79
N ILE H 3 25.21 -31.24 -18.20
CA ILE H 3 26.39 -30.50 -17.72
C ILE H 3 26.63 -30.66 -16.21
N GLN H 4 25.68 -31.23 -15.48
CA GLN H 4 25.93 -31.66 -14.12
C GLN H 4 24.96 -32.80 -13.85
N GLU H 5 25.45 -33.92 -13.32
CA GLU H 5 24.54 -35.05 -13.00
C GLU H 5 23.81 -34.78 -11.71
N PHE H 6 22.55 -35.23 -11.64
CA PHE H 6 21.83 -35.34 -10.37
C PHE H 6 22.65 -36.15 -9.36
N GLY H 7 22.63 -35.74 -8.11
CA GLY H 7 23.30 -36.46 -7.04
C GLY H 7 24.77 -36.13 -6.90
N THR H 8 25.26 -35.09 -7.62
CA THR H 8 26.64 -34.64 -7.47
C THR H 8 26.66 -33.21 -6.88
N VAL H 9 27.78 -32.78 -6.31
CA VAL H 9 27.93 -31.34 -5.97
C VAL H 9 29.11 -30.81 -6.77
N LYS H 10 29.07 -29.54 -7.16
CA LYS H 10 30.25 -28.97 -7.84
C LYS H 10 31.19 -28.34 -6.80
N GLN H 11 32.40 -27.96 -7.21
CA GLN H 11 33.31 -27.23 -6.29
C GLN H 11 32.64 -25.89 -6.07
N PHE H 12 32.53 -25.49 -4.82
CA PHE H 12 31.75 -24.30 -4.53
C PHE H 12 32.30 -23.60 -3.32
N PRO H 13 32.46 -22.25 -3.43
CA PRO H 13 33.14 -21.43 -2.42
C PRO H 13 32.22 -21.07 -1.21
N VAL H 14 31.63 -22.08 -0.57
CA VAL H 14 30.75 -21.79 0.56
C VAL H 14 31.30 -22.27 1.92
N ALA H 15 32.62 -22.52 2.02
CA ALA H 15 33.25 -22.84 3.32
C ALA H 15 32.73 -24.11 3.99
N LEU H 16 32.26 -25.06 3.20
CA LEU H 16 31.84 -26.38 3.71
C LEU H 16 32.49 -27.44 2.84
N THR H 17 32.81 -28.60 3.42
CA THR H 17 33.51 -29.60 2.64
C THR H 17 32.58 -30.27 1.62
N MET H 18 33.17 -30.90 0.63
CA MET H 18 32.38 -31.57 -0.39
C MET H 18 31.46 -32.61 0.23
N ASP H 19 32.00 -33.39 1.18
CA ASP H 19 31.27 -34.34 2.01
C ASP H 19 29.99 -33.81 2.61
N THR H 20 30.17 -32.75 3.39
CA THR H 20 29.09 -32.07 4.04
C THR H 20 28.04 -31.61 3.04
N ARG H 21 28.46 -30.97 1.95
CA ARG H 21 27.55 -30.43 0.93
C ARG H 21 26.75 -31.54 0.25
N LEU H 22 27.44 -32.61 -0.12
CA LEU H 22 26.82 -33.78 -0.72
C LEU H 22 25.77 -34.39 0.22
N TYR H 23 26.09 -34.53 1.52
CA TYR H 23 25.15 -35.12 2.45
C TYR H 23 23.90 -34.22 2.71
N SER H 24 24.13 -32.93 2.98
CA SER H 24 23.03 -31.97 3.09
C SER H 24 22.12 -32.01 1.86
N CYS H 25 22.70 -31.98 0.65
CA CYS H 25 21.92 -32.10 -0.58
C CYS H 25 21.05 -33.35 -0.67
N GLN H 26 21.63 -34.51 -0.30
CA GLN H 26 20.79 -35.75 -0.26
C GLN H 26 19.62 -35.63 0.74
N ARG H 27 19.89 -35.14 1.94
CA ARG H 27 18.86 -35.00 2.96
C ARG H 27 17.79 -33.98 2.50
N LEU H 28 18.27 -32.88 1.91
CA LEU H 28 17.34 -31.80 1.52
C LEU H 28 16.48 -32.27 0.37
N ASN H 29 17.03 -33.01 -0.59
CA ASN H 29 16.23 -33.54 -1.68
C ASN H 29 15.08 -34.45 -1.26
N LYS H 30 15.29 -35.20 -0.18
CA LYS H 30 14.23 -36.10 0.31
C LYS H 30 13.12 -35.25 0.95
N VAL H 31 13.51 -34.28 1.77
CA VAL H 31 12.53 -33.35 2.30
C VAL H 31 11.80 -32.62 1.17
N LEU H 32 12.52 -32.15 0.16
CA LEU H 32 11.95 -31.44 -0.95
C LEU H 32 10.95 -32.37 -1.71
N ALA H 33 11.34 -33.61 -1.98
CA ALA H 33 10.39 -34.50 -2.68
C ALA H 33 9.08 -34.70 -1.86
N ASP H 34 9.20 -34.90 -0.55
CA ASP H 34 8.03 -35.14 0.26
C ASP H 34 7.16 -33.86 0.31
N THR H 35 7.83 -32.71 0.46
CA THR H 35 7.13 -31.39 0.47
C THR H 35 6.41 -31.10 -0.84
N ARG H 36 7.01 -31.47 -1.96
CA ARG H 36 6.36 -31.37 -3.26
C ARG H 36 5.04 -32.15 -3.28
N ILE H 37 5.03 -33.38 -2.76
CA ILE H 37 3.78 -34.15 -2.70
C ILE H 37 2.78 -33.45 -1.72
N LEU H 38 3.27 -32.94 -0.58
CA LEU H 38 2.41 -32.34 0.42
C LEU H 38 1.76 -31.05 -0.14
N HIS H 39 2.55 -30.27 -0.88
CA HIS H 39 1.98 -29.06 -1.52
C HIS H 39 0.87 -29.50 -2.42
N ASP H 40 1.15 -30.53 -3.23
CA ASP H 40 0.08 -30.94 -4.16
C ASP H 40 -1.12 -31.60 -3.49
N LEU H 41 -0.94 -32.27 -2.35
CA LEU H 41 -2.07 -32.74 -1.60
C LEU H 41 -2.90 -31.53 -1.08
N TYR H 42 -2.26 -30.50 -0.54
CA TYR H 42 -3.06 -29.36 -0.11
C TYR H 42 -3.86 -28.73 -1.26
N LYS H 43 -3.25 -28.57 -2.44
CA LYS H 43 -4.03 -28.00 -3.57
C LYS H 43 -5.14 -28.97 -4.01
N LYS H 44 -4.81 -30.25 -4.05
CA LYS H 44 -5.89 -31.21 -4.44
C LYS H 44 -7.13 -31.06 -3.56
N TYR H 45 -6.90 -31.02 -2.25
CA TYR H 45 -7.98 -30.90 -1.30
C TYR H 45 -8.61 -29.50 -1.28
N HIS H 46 -7.83 -28.47 -1.56
CA HIS H 46 -8.40 -27.14 -1.81
C HIS H 46 -9.48 -27.21 -2.90
N TRP H 47 -9.21 -27.92 -4.00
CA TRP H 47 -10.14 -28.00 -5.11
C TRP H 47 -11.27 -28.96 -4.81
N LEU H 48 -10.94 -30.12 -4.24
CA LEU H 48 -11.94 -31.19 -4.05
C LEU H 48 -12.81 -31.06 -2.85
N MET H 49 -12.54 -30.10 -1.97
CA MET H 49 -13.30 -29.96 -0.73
C MET H 49 -14.83 -29.82 -0.99
N ARG H 50 -15.68 -30.30 -0.04
CA ARG H 50 -17.14 -30.15 -0.13
C ARG H 50 -17.66 -30.32 1.26
N GLY H 51 -18.88 -29.89 1.49
CA GLY H 51 -19.54 -30.08 2.77
C GLY H 51 -19.76 -28.74 3.50
N ALA H 52 -20.32 -28.81 4.71
CA ALA H 52 -20.83 -27.61 5.34
C ALA H 52 -19.71 -26.64 5.75
N THR H 53 -18.47 -27.11 5.77
CA THR H 53 -17.32 -26.22 6.13
C THR H 53 -16.44 -25.93 4.92
N PHE H 54 -17.02 -26.01 3.71
CA PHE H 54 -16.27 -25.88 2.49
C PHE H 54 -15.40 -24.62 2.42
N TYR H 55 -15.97 -23.45 2.65
CA TYR H 55 -15.19 -22.23 2.43
C TYR H 55 -14.04 -22.13 3.44
N GLN H 56 -14.32 -22.45 4.70
CA GLN H 56 -13.28 -22.37 5.72
CA GLN H 56 -13.34 -22.48 5.79
C GLN H 56 -12.14 -23.35 5.42
N LEU H 57 -12.43 -24.60 5.05
CA LEU H 57 -11.35 -25.51 4.71
C LEU H 57 -10.67 -25.19 3.37
N HIS H 58 -11.42 -24.72 2.37
CA HIS H 58 -10.87 -24.31 1.07
C HIS H 58 -9.80 -23.25 1.38
N LEU H 59 -10.17 -22.30 2.25
CA LEU H 59 -9.18 -21.22 2.55
C LEU H 59 -8.00 -21.69 3.38
N LEU H 60 -8.23 -22.52 4.37
CA LEU H 60 -7.13 -22.98 5.22
C LEU H 60 -6.12 -23.80 4.39
N LEU H 61 -6.65 -24.72 3.56
CA LEU H 61 -5.78 -25.52 2.75
C LEU H 61 -4.95 -24.68 1.76
N ASP H 62 -5.52 -23.58 1.24
CA ASP H 62 -4.76 -22.71 0.37
C ASP H 62 -3.68 -21.95 1.14
N LYS H 63 -3.99 -21.46 2.33
CA LYS H 63 -2.93 -20.83 3.16
C LYS H 63 -1.75 -21.81 3.38
N HIS H 64 -2.06 -23.05 3.75
CA HIS H 64 -1.01 -24.08 3.93
C HIS H 64 -0.27 -24.39 2.65
N ALA H 65 -0.96 -24.52 1.52
CA ALA H 65 -0.31 -24.75 0.26
C ALA H 65 0.70 -23.59 -0.03
N GLY H 66 0.25 -22.33 0.12
CA GLY H 66 1.16 -21.20 -0.14
C GLY H 66 2.43 -21.28 0.72
N GLU H 67 2.29 -21.68 1.98
CA GLU H 67 3.45 -21.79 2.88
C GLU H 67 4.39 -22.92 2.44
N GLN H 68 3.82 -24.04 2.01
CA GLN H 68 4.59 -25.16 1.50
C GLN H 68 5.35 -24.83 0.22
N LEU H 69 4.72 -24.06 -0.65
CA LEU H 69 5.31 -23.64 -1.90
C LEU H 69 6.56 -22.79 -1.62
N GLU H 70 6.47 -21.90 -0.63
CA GLU H 70 7.68 -21.13 -0.24
C GLU H 70 8.80 -22.01 0.37
N LEU H 71 8.44 -22.99 1.17
CA LEU H 71 9.40 -23.93 1.70
C LEU H 71 10.11 -24.67 0.58
N ILE H 72 9.35 -25.10 -0.44
CA ILE H 72 9.93 -25.80 -1.59
C ILE H 72 10.99 -24.92 -2.26
N ASP H 73 10.66 -23.65 -2.49
CA ASP H 73 11.61 -22.79 -3.15
C ASP H 73 12.85 -22.53 -2.27
N THR H 74 12.64 -22.32 -0.98
CA THR H 74 13.79 -22.10 -0.07
C THR H 74 14.73 -23.31 0.02
N VAL H 75 14.11 -24.47 0.14
CA VAL H 75 14.86 -25.74 0.25
C VAL H 75 15.60 -26.04 -1.04
N ALA H 76 14.97 -25.84 -2.19
CA ALA H 76 15.62 -26.05 -3.45
C ALA H 76 16.78 -25.10 -3.62
N GLU H 77 16.58 -23.82 -3.26
CA GLU H 77 17.67 -22.87 -3.41
C GLU H 77 18.82 -23.26 -2.50
N ARG H 78 18.52 -23.87 -1.35
CA ARG H 78 19.58 -24.31 -0.44
C ARG H 78 20.42 -25.41 -1.06
N VAL H 79 19.76 -26.40 -1.68
CA VAL H 79 20.47 -27.38 -2.51
C VAL H 79 21.39 -26.72 -3.55
N GLN H 80 20.89 -25.75 -4.34
CA GLN H 80 21.73 -25.05 -5.33
C GLN H 80 22.89 -24.30 -4.66
N THR H 81 22.61 -23.69 -3.50
CA THR H 81 23.62 -22.90 -2.76
C THR H 81 24.80 -23.83 -2.33
N LEU H 82 24.46 -25.10 -2.09
CA LEU H 82 25.48 -26.12 -1.71
C LEU H 82 26.14 -26.75 -2.90
N GLY H 83 25.76 -26.34 -4.10
CA GLY H 83 26.42 -26.78 -5.33
C GLY H 83 25.79 -28.07 -5.82
N GLY H 84 24.65 -28.43 -5.21
CA GLY H 84 23.85 -29.61 -5.60
C GLY H 84 22.85 -29.40 -6.71
N VAL H 85 22.07 -30.44 -7.03
CA VAL H 85 21.00 -30.37 -8.02
C VAL H 85 19.65 -30.68 -7.34
N ALA H 86 18.75 -29.69 -7.32
CA ALA H 86 17.45 -29.82 -6.65
C ALA H 86 16.56 -30.72 -7.49
N VAL H 87 15.75 -31.54 -6.81
CA VAL H 87 14.83 -32.44 -7.56
C VAL H 87 13.84 -31.60 -8.41
N GLY H 88 13.72 -31.90 -9.69
CA GLY H 88 12.95 -31.04 -10.63
C GLY H 88 11.57 -31.54 -11.05
N ASP H 89 11.53 -32.36 -12.11
CA ASP H 89 10.26 -32.87 -12.64
C ASP H 89 9.54 -33.75 -11.61
N PRO H 90 8.21 -33.65 -11.54
CA PRO H 90 7.55 -34.45 -10.52
C PRO H 90 7.65 -35.98 -10.75
N ARG H 91 8.02 -36.41 -11.96
CA ARG H 91 8.23 -37.87 -12.19
C ARG H 91 9.51 -38.34 -11.49
N HIS H 92 10.49 -37.44 -11.32
CA HIS H 92 11.59 -37.67 -10.40
C HIS H 92 11.26 -37.59 -8.94
N VAL H 93 10.46 -36.58 -8.53
CA VAL H 93 9.91 -36.50 -7.19
C VAL H 93 9.30 -37.86 -6.84
N ALA H 94 8.52 -38.41 -7.76
CA ALA H 94 7.81 -39.69 -7.46
C ALA H 94 8.74 -40.84 -7.06
N GLU H 95 9.98 -40.81 -7.56
CA GLU H 95 10.96 -41.86 -7.28
C GLU H 95 11.65 -41.68 -5.96
N ILE H 96 11.60 -40.47 -5.38
CA ILE H 96 12.34 -40.18 -4.17
C ILE H 96 11.43 -40.18 -2.95
N THR H 97 10.19 -39.66 -3.14
CA THR H 97 9.31 -39.45 -2.00
C THR H 97 8.88 -40.79 -1.38
N THR H 98 8.62 -40.76 -0.08
CA THR H 98 7.92 -41.90 0.56
C THR H 98 6.49 -41.48 1.02
N VAL H 99 6.00 -40.31 0.59
CA VAL H 99 4.59 -39.97 0.91
C VAL H 99 3.68 -40.75 -0.08
N PRO H 100 2.72 -41.55 0.43
CA PRO H 100 1.99 -42.41 -0.53
C PRO H 100 1.02 -41.63 -1.43
N ARG H 101 0.70 -42.22 -2.57
CA ARG H 101 -0.24 -41.66 -3.52
C ARG H 101 -1.68 -41.79 -2.99
N PRO H 102 -2.44 -40.68 -2.99
CA PRO H 102 -3.85 -40.86 -2.58
C PRO H 102 -4.67 -41.41 -3.77
N PRO H 103 -5.96 -41.72 -3.54
CA PRO H 103 -6.87 -42.04 -4.64
C PRO H 103 -6.96 -40.90 -5.67
N ASP H 104 -7.21 -41.24 -6.92
CA ASP H 104 -7.36 -40.25 -7.97
C ASP H 104 -8.61 -39.37 -7.76
N GLY H 105 -9.65 -39.94 -7.16
CA GLY H 105 -10.93 -39.24 -6.99
C GLY H 105 -11.02 -38.55 -5.64
N VAL H 106 -12.26 -38.38 -5.19
CA VAL H 106 -12.56 -37.64 -3.96
C VAL H 106 -12.80 -38.57 -2.77
N GLU H 107 -12.03 -38.35 -1.72
CA GLU H 107 -12.13 -39.07 -0.47
C GLU H 107 -13.10 -38.36 0.47
N GLU H 108 -13.47 -38.99 1.59
CA GLU H 108 -14.27 -38.35 2.60
C GLU H 108 -13.43 -37.24 3.22
N VAL H 109 -14.04 -36.15 3.66
CA VAL H 109 -13.29 -35.04 4.29
C VAL H 109 -12.33 -35.44 5.41
N PRO H 110 -12.80 -36.22 6.42
CA PRO H 110 -11.85 -36.56 7.48
C PRO H 110 -10.67 -37.37 6.99
N SER H 111 -10.86 -38.15 5.92
CA SER H 111 -9.77 -38.90 5.40
C SER H 111 -8.75 -38.01 4.68
N MET H 112 -9.22 -36.97 4.00
CA MET H 112 -8.28 -36.01 3.36
C MET H 112 -7.43 -35.40 4.49
N LEU H 113 -8.09 -34.96 5.55
CA LEU H 113 -7.35 -34.31 6.64
C LEU H 113 -6.35 -35.26 7.33
N SER H 114 -6.80 -36.48 7.61
CA SER H 114 -5.88 -37.49 8.11
C SER H 114 -4.69 -37.76 7.19
N ARG H 115 -4.91 -37.78 5.89
CA ARG H 115 -3.80 -38.00 4.97
C ARG H 115 -2.78 -36.86 5.02
N LEU H 116 -3.29 -35.63 5.12
CA LEU H 116 -2.39 -34.47 5.38
C LEU H 116 -1.55 -34.64 6.64
N LEU H 117 -2.18 -34.98 7.76
CA LEU H 117 -1.44 -35.22 8.99
C LEU H 117 -0.37 -36.28 8.89
N GLU H 118 -0.69 -37.40 8.23
CA GLU H 118 0.33 -38.44 8.06
C GLU H 118 1.51 -37.92 7.23
N ALA H 119 1.23 -37.08 6.23
CA ALA H 119 2.31 -36.49 5.44
C ALA H 119 3.20 -35.56 6.30
N HIS H 120 2.58 -34.68 7.07
CA HIS H 120 3.32 -33.82 7.99
C HIS H 120 4.19 -34.60 8.93
N GLU H 121 3.63 -35.64 9.56
CA GLU H 121 4.41 -36.41 10.55
C GLU H 121 5.63 -37.09 9.90
N LEU H 122 5.46 -37.60 8.70
CA LEU H 122 6.57 -38.20 7.93
C LEU H 122 7.69 -37.16 7.70
N ILE H 123 7.30 -35.93 7.35
CA ILE H 123 8.26 -34.86 7.06
C ILE H 123 8.91 -34.43 8.39
N LEU H 124 8.12 -34.33 9.46
CA LEU H 124 8.63 -33.95 10.78
C LEU H 124 9.70 -34.96 11.27
N THR H 125 9.42 -36.23 11.11
CA THR H 125 10.38 -37.29 11.53
C THR H 125 11.70 -37.17 10.75
N GLU H 126 11.60 -37.11 9.43
CA GLU H 126 12.73 -36.86 8.51
C GLU H 126 13.50 -35.62 8.92
N CYS H 127 12.76 -34.54 9.21
CA CYS H 127 13.38 -33.28 9.62
C CYS H 127 14.20 -33.34 10.88
N HIS H 128 13.66 -33.90 11.96
CA HIS H 128 14.46 -33.95 13.18
C HIS H 128 15.75 -34.71 12.92
N ASP H 129 15.68 -35.77 12.13
CA ASP H 129 16.87 -36.60 11.88
C ASP H 129 17.91 -35.87 11.01
N ALA H 130 17.45 -35.31 9.88
CA ALA H 130 18.33 -34.54 8.99
C ALA H 130 18.94 -33.35 9.73
N ALA H 131 18.17 -32.74 10.61
CA ALA H 131 18.65 -31.55 11.31
C ALA H 131 19.82 -31.94 12.22
N ALA H 132 19.62 -33.03 12.95
CA ALA H 132 20.70 -33.47 13.85
C ALA H 132 21.96 -33.93 13.07
N ARG H 133 21.79 -34.64 11.96
CA ARG H 133 22.91 -35.16 11.18
C ARG H 133 23.68 -34.05 10.42
N THR H 134 22.95 -33.14 9.75
CA THR H 134 23.61 -32.01 9.04
C THR H 134 24.36 -31.09 10.01
N GLN H 135 23.82 -30.91 11.20
CA GLN H 135 24.51 -30.16 12.26
C GLN H 135 25.86 -30.85 12.64
N GLU H 136 25.81 -32.16 12.86
CA GLU H 136 27.05 -32.93 13.14
C GLU H 136 28.11 -32.71 12.07
N TYR H 137 27.71 -32.59 10.81
CA TYR H 137 28.70 -32.32 9.79
C TYR H 137 29.11 -30.87 9.66
N GLY H 138 28.60 -29.99 10.51
CA GLY H 138 28.99 -28.59 10.51
C GLY H 138 28.15 -27.70 9.57
N ASP H 139 27.10 -28.26 8.96
CA ASP H 139 26.23 -27.43 8.06
C ASP H 139 25.24 -26.65 8.92
N ASP H 140 25.73 -25.62 9.62
CA ASP H 140 24.86 -24.81 10.50
C ASP H 140 23.68 -24.16 9.75
N GLY H 141 23.90 -23.74 8.51
CA GLY H 141 22.84 -23.01 7.78
C GLY H 141 21.70 -23.97 7.42
N THR H 142 22.06 -25.18 6.98
CA THR H 142 21.04 -26.19 6.65
C THR H 142 20.26 -26.61 7.88
N ASN H 143 20.94 -26.80 9.02
CA ASN H 143 20.26 -27.11 10.25
C ASN H 143 19.25 -26.00 10.56
N ASP H 144 19.68 -24.75 10.44
CA ASP H 144 18.77 -23.64 10.82
C ASP H 144 17.55 -23.61 9.87
N LEU H 145 17.76 -23.82 8.58
CA LEU H 145 16.64 -23.88 7.61
C LEU H 145 15.67 -25.00 7.97
N LEU H 146 16.19 -26.20 8.23
CA LEU H 146 15.33 -27.35 8.57
C LEU H 146 14.53 -27.15 9.81
N VAL H 147 15.13 -26.54 10.83
CA VAL H 147 14.44 -26.34 12.10
C VAL H 147 13.52 -25.11 12.10
N SER H 148 14.04 -23.96 11.75
CA SER H 148 13.28 -22.70 11.91
CA SER H 148 13.31 -22.68 11.89
C SER H 148 12.17 -22.57 10.88
N GLU H 149 12.35 -23.17 9.72
CA GLU H 149 11.39 -23.07 8.65
C GLU H 149 10.62 -24.37 8.40
N VAL H 150 11.30 -25.44 7.98
CA VAL H 150 10.60 -26.70 7.66
C VAL H 150 9.88 -27.30 8.89
N LEU H 151 10.60 -27.50 9.97
CA LEU H 151 10.01 -28.11 11.14
C LEU H 151 8.90 -27.25 11.76
N ARG H 152 9.18 -25.98 12.05
CA ARG H 152 8.19 -25.22 12.71
C ARG H 152 6.93 -24.97 11.87
N THR H 153 7.09 -24.82 10.56
CA THR H 153 5.91 -24.59 9.68
C THR H 153 5.04 -25.87 9.71
N ASN H 154 5.67 -27.01 9.54
CA ASN H 154 4.89 -28.28 9.52
C ASN H 154 4.24 -28.59 10.87
N GLU H 155 4.88 -28.22 11.98
CA GLU H 155 4.31 -28.46 13.27
C GLU H 155 3.05 -27.59 13.43
N LEU H 156 3.14 -26.30 13.09
CA LEU H 156 1.98 -25.45 13.23
C LEU H 156 0.82 -25.86 12.27
N GLN H 157 1.14 -26.22 11.05
CA GLN H 157 0.11 -26.65 10.09
C GLN H 157 -0.62 -27.89 10.60
N ALA H 158 0.16 -28.83 11.16
CA ALA H 158 -0.41 -30.11 11.68
C ALA H 158 -1.40 -29.81 12.80
N TRP H 159 -1.07 -28.88 13.69
CA TRP H 159 -1.99 -28.44 14.74
C TRP H 159 -3.32 -27.93 14.17
N PHE H 160 -3.26 -27.02 13.17
CA PHE H 160 -4.48 -26.44 12.58
C PHE H 160 -5.32 -27.54 11.95
N VAL H 161 -4.69 -28.43 11.19
CA VAL H 161 -5.43 -29.51 10.51
C VAL H 161 -6.00 -30.48 11.57
N ALA H 162 -5.20 -30.90 12.56
CA ALA H 162 -5.69 -31.90 13.55
C ALA H 162 -6.89 -31.42 14.35
N GLU H 163 -6.93 -30.14 14.70
CA GLU H 163 -8.06 -29.62 15.47
C GLU H 163 -9.39 -29.75 14.73
N HIS H 164 -9.37 -29.75 13.42
CA HIS H 164 -10.59 -29.97 12.64
C HIS H 164 -11.16 -31.34 12.72
N LEU H 165 -10.37 -32.30 13.19
CA LEU H 165 -10.86 -33.67 13.30
C LEU H 165 -11.39 -33.97 14.67
N VAL H 166 -11.30 -33.03 15.62
CA VAL H 166 -11.89 -33.26 16.93
C VAL H 166 -13.43 -33.34 16.88
N ASP H 167 -13.97 -34.47 17.32
CA ASP H 167 -15.44 -34.64 17.35
C ASP H 167 -15.94 -34.12 18.67
N THR H 168 -16.55 -32.94 18.65
CA THR H 168 -16.93 -32.21 19.87
C THR H 168 -18.17 -31.38 19.53
N PRO H 169 -19.08 -31.19 20.50
CA PRO H 169 -20.29 -30.45 20.15
C PRO H 169 -20.02 -28.96 19.83
N LEU H 170 -20.77 -28.40 18.87
CA LEU H 170 -20.61 -26.95 18.49
C LEU H 170 -21.69 -26.04 19.07
N VAL H 171 -22.81 -26.64 19.44
CA VAL H 171 -23.97 -25.88 19.97
C VAL H 171 -24.47 -26.68 21.20
N HIS H 172 -25.21 -26.03 22.12
CA HIS H 172 -25.68 -26.67 23.41
C HIS H 172 -26.68 -27.81 23.23
N ARG I 1 -40.42 -23.28 4.97
CA ARG I 1 -40.41 -23.10 6.46
C ARG I 1 -39.68 -21.79 6.83
N THR I 2 -40.34 -20.93 7.60
CA THR I 2 -39.77 -19.66 8.03
C THR I 2 -39.40 -19.88 9.45
N ILE I 3 -38.13 -19.72 9.81
CA ILE I 3 -37.70 -19.91 11.19
C ILE I 3 -37.81 -18.64 12.04
N GLN I 4 -37.94 -17.48 11.43
CA GLN I 4 -38.24 -16.22 12.17
C GLN I 4 -39.00 -15.32 11.23
N GLU I 5 -40.18 -14.89 11.68
CA GLU I 5 -41.01 -14.02 10.85
C GLU I 5 -40.46 -12.60 10.85
N PHE I 6 -40.64 -11.94 9.71
CA PHE I 6 -40.33 -10.52 9.63
C PHE I 6 -41.16 -9.73 10.64
N GLY I 7 -40.63 -8.62 11.18
CA GLY I 7 -41.34 -7.81 12.20
C GLY I 7 -41.36 -8.41 13.60
N THR I 8 -40.55 -9.43 13.86
CA THR I 8 -40.37 -9.98 15.21
C THR I 8 -38.93 -9.85 15.66
N VAL I 9 -38.73 -9.97 16.95
CA VAL I 9 -37.35 -10.04 17.51
C VAL I 9 -37.24 -11.28 18.35
N LYS I 10 -36.11 -11.98 18.23
CA LYS I 10 -35.86 -13.15 19.04
C LYS I 10 -35.17 -12.73 20.34
N GLN I 11 -35.22 -13.62 21.34
CA GLN I 11 -34.41 -13.44 22.56
C GLN I 11 -32.93 -13.37 22.18
N PHE I 12 -32.22 -12.40 22.74
CA PHE I 12 -30.86 -12.12 22.29
C PHE I 12 -30.17 -11.33 23.39
N PRO I 13 -28.90 -11.67 23.69
CA PRO I 13 -28.20 -11.21 24.86
C PRO I 13 -27.51 -9.86 24.67
N VAL I 14 -28.27 -8.85 24.24
CA VAL I 14 -27.66 -7.55 23.96
C VAL I 14 -28.10 -6.50 24.96
N ALA I 15 -28.61 -6.97 26.11
CA ALA I 15 -28.84 -6.06 27.29
C ALA I 15 -29.81 -4.96 26.98
N LEU I 16 -30.78 -5.24 26.10
CA LEU I 16 -31.85 -4.32 25.78
C LEU I 16 -33.17 -5.09 25.83
N THR I 17 -34.22 -4.48 26.34
CA THR I 17 -35.46 -5.25 26.47
C THR I 17 -36.13 -5.54 25.14
N MET I 18 -36.98 -6.56 25.14
CA MET I 18 -37.67 -7.00 23.94
CA MET I 18 -37.67 -7.00 23.93
C MET I 18 -38.51 -5.88 23.28
N ASP I 19 -39.30 -5.14 24.08
CA ASP I 19 -40.07 -4.06 23.50
C ASP I 19 -39.15 -2.94 22.93
N THR I 20 -38.08 -2.59 23.64
CA THR I 20 -37.08 -1.61 23.12
C THR I 20 -36.50 -2.06 21.74
N ARG I 21 -36.09 -3.31 21.69
CA ARG I 21 -35.47 -3.86 20.47
C ARG I 21 -36.48 -3.91 19.36
N LEU I 22 -37.72 -4.25 19.66
CA LEU I 22 -38.73 -4.26 18.59
C LEU I 22 -38.99 -2.89 17.96
N TYR I 23 -39.03 -1.84 18.79
CA TYR I 23 -39.27 -0.53 18.30
C TYR I 23 -38.06 -0.05 17.45
N SER I 24 -36.84 -0.25 17.96
CA SER I 24 -35.64 0.17 17.24
C SER I 24 -35.60 -0.54 15.88
N CYS I 25 -35.92 -1.83 15.85
CA CYS I 25 -35.97 -2.54 14.54
C CYS I 25 -36.95 -1.96 13.55
N GLN I 26 -38.14 -1.58 14.03
CA GLN I 26 -39.15 -0.96 13.20
CA GLN I 26 -39.14 -0.96 13.18
C GLN I 26 -38.62 0.36 12.62
N ARG I 27 -38.04 1.21 13.47
CA ARG I 27 -37.54 2.49 13.00
C ARG I 27 -36.35 2.28 12.01
N LEU I 28 -35.45 1.37 12.38
CA LEU I 28 -34.27 1.12 11.52
C LEU I 28 -34.70 0.55 10.18
N ASN I 29 -35.70 -0.33 10.16
CA ASN I 29 -36.16 -0.88 8.87
C ASN I 29 -36.77 0.21 7.93
N LYS I 30 -37.39 1.24 8.48
CA LYS I 30 -37.95 2.28 7.61
C LYS I 30 -36.79 3.11 7.04
N VAL I 31 -35.81 3.44 7.89
CA VAL I 31 -34.58 4.12 7.40
C VAL I 31 -33.89 3.28 6.33
N LEU I 32 -33.78 1.98 6.58
CA LEU I 32 -33.11 1.07 5.69
C LEU I 32 -33.86 1.00 4.34
N ALA I 33 -35.17 0.87 4.38
CA ALA I 33 -35.90 0.81 3.12
C ALA I 33 -35.71 2.12 2.29
N ASP I 34 -35.82 3.25 2.95
CA ASP I 34 -35.63 4.51 2.28
C ASP I 34 -34.18 4.67 1.76
N THR I 35 -33.19 4.21 2.54
CA THR I 35 -31.77 4.28 2.10
C THR I 35 -31.52 3.36 0.91
N ARG I 36 -32.19 2.20 0.88
CA ARG I 36 -32.05 1.29 -0.27
C ARG I 36 -32.53 1.98 -1.56
N ILE I 37 -33.63 2.71 -1.47
CA ILE I 37 -34.10 3.51 -2.64
C ILE I 37 -33.08 4.58 -3.02
N LEU I 38 -32.57 5.30 -2.02
CA LEU I 38 -31.65 6.39 -2.26
C LEU I 38 -30.34 5.87 -2.90
N HIS I 39 -29.85 4.71 -2.43
CA HIS I 39 -28.68 4.11 -3.06
C HIS I 39 -28.91 3.83 -4.54
N ASP I 40 -30.04 3.21 -4.83
CA ASP I 40 -30.40 2.92 -6.19
C ASP I 40 -30.72 4.15 -7.03
N LEU I 41 -31.22 5.25 -6.44
CA LEU I 41 -31.32 6.51 -7.19
C LEU I 41 -29.90 7.05 -7.53
N TYR I 42 -28.94 7.02 -6.59
CA TYR I 42 -27.58 7.46 -6.91
C TYR I 42 -26.96 6.64 -8.01
N LYS I 43 -27.10 5.34 -7.93
CA LYS I 43 -26.59 4.49 -9.04
C LYS I 43 -27.32 4.79 -10.37
N LYS I 44 -28.67 4.87 -10.34
CA LYS I 44 -29.41 5.22 -11.57
C LYS I 44 -28.84 6.45 -12.24
N TYR I 45 -28.66 7.50 -11.48
CA TYR I 45 -28.12 8.74 -12.01
C TYR I 45 -26.63 8.70 -12.39
N HIS I 46 -25.84 7.89 -11.70
CA HIS I 46 -24.45 7.63 -12.05
C HIS I 46 -24.45 7.11 -13.48
N TRP I 47 -25.38 6.20 -13.78
CA TRP I 47 -25.38 5.66 -15.16
C TRP I 47 -26.01 6.56 -16.19
N LEU I 48 -27.11 7.22 -15.81
CA LEU I 48 -27.94 7.98 -16.79
C LEU I 48 -27.48 9.39 -17.02
N MET I 49 -26.51 9.85 -16.21
CA MET I 49 -26.00 11.24 -16.35
C MET I 49 -25.55 11.56 -17.77
N ARG I 50 -25.67 12.84 -18.15
CA ARG I 50 -25.21 13.36 -19.45
C ARG I 50 -25.05 14.86 -19.30
N GLY I 51 -24.33 15.49 -20.23
CA GLY I 51 -24.19 16.95 -20.22
C GLY I 51 -22.75 17.34 -19.99
N ALA I 52 -22.49 18.65 -19.99
CA ALA I 52 -21.12 19.18 -19.92
C ALA I 52 -20.40 18.84 -18.59
N THR I 53 -21.17 18.49 -17.55
CA THR I 53 -20.52 18.11 -16.27
C THR I 53 -20.62 16.62 -16.00
N PHE I 54 -20.77 15.84 -17.09
CA PHE I 54 -20.95 14.41 -16.89
C PHE I 54 -19.95 13.73 -15.95
N TYR I 55 -18.66 13.87 -16.27
CA TYR I 55 -17.67 13.11 -15.49
C TYR I 55 -17.70 13.52 -14.01
N GLN I 56 -17.78 14.81 -13.76
CA GLN I 56 -17.77 15.31 -12.37
CA GLN I 56 -17.84 15.37 -12.41
C GLN I 56 -19.01 14.73 -11.64
N LEU I 57 -20.19 14.76 -12.27
CA LEU I 57 -21.35 14.25 -11.58
C LEU I 57 -21.38 12.72 -11.49
N HIS I 58 -20.93 12.06 -12.55
CA HIS I 58 -20.80 10.58 -12.51
C HIS I 58 -19.95 10.16 -11.29
N LEU I 59 -18.81 10.82 -11.12
CA LEU I 59 -17.94 10.52 -9.94
C LEU I 59 -18.59 10.87 -8.59
N LEU I 60 -19.19 12.05 -8.49
CA LEU I 60 -19.83 12.49 -7.22
C LEU I 60 -20.93 11.50 -6.82
N LEU I 61 -21.72 11.08 -7.80
CA LEU I 61 -22.89 10.28 -7.48
C LEU I 61 -22.43 8.88 -7.10
N ASP I 62 -21.37 8.40 -7.72
CA ASP I 62 -20.81 7.13 -7.26
C ASP I 62 -20.17 7.21 -5.85
N LYS I 63 -19.48 8.32 -5.51
CA LYS I 63 -18.97 8.49 -4.13
C LYS I 63 -20.17 8.38 -3.15
N HIS I 64 -21.28 9.08 -3.42
CA HIS I 64 -22.43 9.05 -2.51
C HIS I 64 -23.07 7.70 -2.46
N ALA I 65 -23.21 7.06 -3.64
CA ALA I 65 -23.70 5.65 -3.64
C ALA I 65 -22.88 4.70 -2.72
N GLY I 66 -21.55 4.79 -2.80
CA GLY I 66 -20.71 3.88 -2.04
C GLY I 66 -20.94 4.19 -0.54
N GLU I 67 -21.09 5.46 -0.17
CA GLU I 67 -21.31 5.78 1.25
C GLU I 67 -22.70 5.25 1.73
N GLN I 68 -23.71 5.36 0.86
CA GLN I 68 -25.06 4.90 1.20
C GLN I 68 -25.06 3.39 1.31
N LEU I 69 -24.24 2.75 0.48
CA LEU I 69 -24.17 1.28 0.52
C LEU I 69 -23.58 0.79 1.87
N GLU I 70 -22.59 1.51 2.40
CA GLU I 70 -22.08 1.17 3.72
C GLU I 70 -23.08 1.47 4.81
N LEU I 71 -23.85 2.55 4.66
CA LEU I 71 -24.97 2.80 5.64
C LEU I 71 -25.97 1.66 5.68
N ILE I 72 -26.35 1.16 4.51
CA ILE I 72 -27.25 0.05 4.44
C ILE I 72 -26.74 -1.13 5.23
N ASP I 73 -25.46 -1.50 4.99
CA ASP I 73 -24.95 -2.66 5.66
C ASP I 73 -24.89 -2.46 7.16
N THR I 74 -24.52 -1.25 7.59
CA THR I 74 -24.38 -1.02 9.01
C THR I 74 -25.77 -1.00 9.73
N VAL I 75 -26.72 -0.34 9.10
CA VAL I 75 -28.11 -0.35 9.61
C VAL I 75 -28.70 -1.77 9.63
N ALA I 76 -28.57 -2.52 8.54
CA ALA I 76 -29.07 -3.90 8.57
C ALA I 76 -28.43 -4.74 9.68
N GLU I 77 -27.12 -4.63 9.83
CA GLU I 77 -26.43 -5.38 10.90
C GLU I 77 -26.89 -4.95 12.27
N ARG I 78 -27.25 -3.68 12.43
CA ARG I 78 -27.80 -3.22 13.69
C ARG I 78 -29.18 -3.91 13.97
N VAL I 79 -30.03 -4.04 12.97
CA VAL I 79 -31.30 -4.72 13.15
C VAL I 79 -31.05 -6.17 13.57
N GLN I 80 -30.11 -6.85 12.89
CA GLN I 80 -29.75 -8.20 13.31
C GLN I 80 -29.18 -8.30 14.71
N THR I 81 -28.30 -7.38 15.06
CA THR I 81 -27.68 -7.31 16.37
C THR I 81 -28.75 -7.23 17.46
N LEU I 82 -29.85 -6.56 17.13
CA LEU I 82 -31.01 -6.42 18.08
C LEU I 82 -31.96 -7.64 18.06
N GLY I 83 -31.61 -8.62 17.25
CA GLY I 83 -32.45 -9.84 17.15
C GLY I 83 -33.60 -9.77 16.14
N GLY I 84 -33.58 -8.76 15.29
CA GLY I 84 -34.72 -8.50 14.38
C GLY I 84 -34.41 -9.02 13.00
N VAL I 85 -35.21 -8.64 12.03
CA VAL I 85 -35.03 -9.16 10.66
C VAL I 85 -34.95 -7.93 9.76
N ALA I 86 -33.79 -7.73 9.14
CA ALA I 86 -33.57 -6.57 8.24
C ALA I 86 -34.35 -6.76 6.94
N VAL I 87 -34.93 -5.70 6.38
CA VAL I 87 -35.63 -5.84 5.07
CA VAL I 87 -35.63 -5.84 5.08
C VAL I 87 -34.66 -6.33 3.98
N GLY I 88 -35.10 -7.35 3.22
CA GLY I 88 -34.25 -8.08 2.28
C GLY I 88 -34.48 -7.72 0.84
N ASP I 89 -35.43 -8.42 0.22
CA ASP I 89 -35.66 -8.26 -1.23
C ASP I 89 -36.21 -6.86 -1.54
N PRO I 90 -35.84 -6.26 -2.70
CA PRO I 90 -36.32 -4.89 -2.99
C PRO I 90 -37.85 -4.81 -3.14
N ARG I 91 -38.49 -5.96 -3.44
CA ARG I 91 -39.95 -5.94 -3.51
C ARG I 91 -40.60 -5.71 -2.14
N HIS I 92 -39.89 -6.09 -1.07
CA HIS I 92 -40.35 -5.77 0.30
C HIS I 92 -39.98 -4.34 0.59
N VAL I 93 -38.77 -3.92 0.21
CA VAL I 93 -38.38 -2.49 0.38
C VAL I 93 -39.51 -1.57 -0.17
N ALA I 94 -39.99 -1.90 -1.36
CA ALA I 94 -41.04 -1.17 -2.04
C ALA I 94 -42.30 -0.97 -1.19
N GLU I 95 -42.61 -1.95 -0.35
CA GLU I 95 -43.78 -1.89 0.53
C GLU I 95 -43.60 -1.04 1.76
N ILE I 96 -42.36 -0.78 2.13
CA ILE I 96 -42.07 -0.02 3.38
C ILE I 96 -41.70 1.43 3.11
N THR I 97 -40.97 1.67 2.03
CA THR I 97 -40.38 3.00 1.78
C THR I 97 -41.44 4.04 1.52
N THR I 98 -41.18 5.28 1.89
CA THR I 98 -42.01 6.35 1.31
C THR I 98 -41.26 7.25 0.30
N VAL I 99 -40.12 6.78 -0.25
CA VAL I 99 -39.41 7.56 -1.28
C VAL I 99 -40.10 7.26 -2.60
N PRO I 100 -40.60 8.28 -3.35
CA PRO I 100 -41.39 8.01 -4.56
C PRO I 100 -40.58 7.39 -5.67
N ARG I 101 -41.26 6.66 -6.56
CA ARG I 101 -40.57 6.00 -7.68
C ARG I 101 -40.32 7.05 -8.75
N PRO I 102 -39.07 7.12 -9.27
CA PRO I 102 -38.80 8.07 -10.36
C PRO I 102 -39.37 7.56 -11.69
N PRO I 103 -39.35 8.39 -12.75
CA PRO I 103 -39.65 7.87 -14.07
C PRO I 103 -38.70 6.71 -14.45
N ASP I 104 -39.16 5.76 -15.26
CA ASP I 104 -38.28 4.71 -15.75
C ASP I 104 -37.10 5.18 -16.64
N GLY I 105 -37.29 6.27 -17.36
CA GLY I 105 -36.26 6.72 -18.30
C GLY I 105 -35.42 7.85 -17.67
N VAL I 106 -34.99 8.77 -18.51
CA VAL I 106 -33.97 9.74 -18.13
C VAL I 106 -34.64 11.04 -17.92
N GLU I 107 -34.47 11.61 -16.73
CA GLU I 107 -34.95 12.93 -16.42
C GLU I 107 -33.93 14.00 -16.80
N GLU I 108 -34.34 15.27 -16.74
CA GLU I 108 -33.38 16.33 -16.88
C GLU I 108 -32.46 16.31 -15.67
N VAL I 109 -31.20 16.72 -15.86
CA VAL I 109 -30.18 16.70 -14.84
C VAL I 109 -30.60 17.43 -13.58
N PRO I 110 -31.08 18.69 -13.69
CA PRO I 110 -31.51 19.27 -12.43
C PRO I 110 -32.74 18.58 -11.73
N SER I 111 -33.61 17.90 -12.47
CA SER I 111 -34.64 17.09 -11.76
C SER I 111 -34.05 15.88 -11.04
N MET I 112 -33.00 15.29 -11.61
CA MET I 112 -32.31 14.19 -10.91
C MET I 112 -31.82 14.70 -9.58
N LEU I 113 -31.10 15.82 -9.62
CA LEU I 113 -30.49 16.33 -8.38
C LEU I 113 -31.56 16.68 -7.36
N SER I 114 -32.61 17.38 -7.80
CA SER I 114 -33.74 17.71 -6.89
C SER I 114 -34.38 16.49 -6.31
N ARG I 115 -34.52 15.40 -7.08
CA ARG I 115 -35.09 14.18 -6.52
C ARG I 115 -34.19 13.58 -5.42
N LEU I 116 -32.86 13.60 -5.63
CA LEU I 116 -31.96 13.17 -4.57
C LEU I 116 -32.14 14.00 -3.32
N LEU I 117 -32.28 15.32 -3.48
CA LEU I 117 -32.39 16.18 -2.29
C LEU I 117 -33.69 15.87 -1.53
N GLU I 118 -34.75 15.62 -2.28
CA GLU I 118 -36.04 15.27 -1.63
C GLU I 118 -35.94 13.96 -0.87
N ALA I 119 -35.17 13.00 -1.40
CA ALA I 119 -34.97 11.76 -0.67
C ALA I 119 -34.13 11.95 0.58
N HIS I 120 -33.02 12.69 0.46
CA HIS I 120 -32.23 13.07 1.64
C HIS I 120 -33.09 13.73 2.69
N GLU I 121 -33.90 14.71 2.30
CA GLU I 121 -34.67 15.45 3.29
C GLU I 121 -35.68 14.53 4.02
N LEU I 122 -36.29 13.60 3.29
CA LEU I 122 -37.17 12.60 3.89
C LEU I 122 -36.42 11.75 4.92
N ILE I 123 -35.20 11.30 4.60
CA ILE I 123 -34.45 10.41 5.47
C ILE I 123 -34.01 11.22 6.72
N LEU I 124 -33.59 12.45 6.51
CA LEU I 124 -33.16 13.31 7.65
C LEU I 124 -34.30 13.58 8.65
N THR I 125 -35.49 13.91 8.14
CA THR I 125 -36.66 14.14 9.02
C THR I 125 -36.94 12.88 9.81
N GLU I 126 -36.99 11.71 9.15
CA GLU I 126 -37.17 10.45 9.88
C GLU I 126 -36.12 10.19 10.93
N CYS I 127 -34.88 10.45 10.54
CA CYS I 127 -33.72 10.20 11.41
CA CYS I 127 -33.76 10.21 11.39
C CYS I 127 -33.76 11.03 12.69
N HIS I 128 -34.08 12.31 12.60
CA HIS I 128 -34.14 13.10 13.86
C HIS I 128 -35.18 12.49 14.79
N ASP I 129 -36.32 12.13 14.24
CA ASP I 129 -37.41 11.61 15.07
C ASP I 129 -37.03 10.22 15.64
N ALA I 130 -36.54 9.32 14.79
CA ALA I 130 -36.06 8.02 15.28
C ALA I 130 -34.92 8.10 16.30
N ALA I 131 -33.97 9.03 16.15
CA ALA I 131 -32.85 9.15 17.07
C ALA I 131 -33.43 9.57 18.46
N ALA I 132 -34.35 10.54 18.48
CA ALA I 132 -34.96 10.97 19.75
C ALA I 132 -35.73 9.82 20.47
N ARG I 133 -36.57 9.11 19.74
CA ARG I 133 -37.42 8.03 20.32
C ARG I 133 -36.60 6.82 20.77
N THR I 134 -35.62 6.36 19.97
CA THR I 134 -34.85 5.23 20.39
C THR I 134 -34.00 5.56 21.57
N GLN I 135 -33.49 6.80 21.61
CA GLN I 135 -32.76 7.27 22.79
C GLN I 135 -33.66 7.23 24.06
N GLU I 136 -34.86 7.77 23.99
CA GLU I 136 -35.79 7.75 25.14
C GLU I 136 -36.03 6.35 25.65
N TYR I 137 -36.10 5.38 24.73
CA TYR I 137 -36.26 3.98 25.15
C TYR I 137 -34.98 3.25 25.60
N GLY I 138 -33.87 3.98 25.65
CA GLY I 138 -32.64 3.47 26.21
C GLY I 138 -31.67 2.85 25.19
N ASP I 139 -32.03 2.87 23.91
CA ASP I 139 -31.15 2.23 22.90
C ASP I 139 -30.07 3.22 22.42
N ASP I 140 -29.10 3.42 23.31
CA ASP I 140 -28.02 4.37 23.11
C ASP I 140 -27.27 4.11 21.78
N GLY I 141 -27.00 2.84 21.48
CA GLY I 141 -26.18 2.53 20.33
C GLY I 141 -26.93 2.86 19.05
N THR I 142 -28.25 2.63 19.05
CA THR I 142 -29.04 2.91 17.83
C THR I 142 -29.10 4.40 17.62
N ASN I 143 -29.27 5.15 18.69
CA ASN I 143 -29.22 6.61 18.55
C ASN I 143 -27.88 7.08 17.95
N ASP I 144 -26.80 6.50 18.45
CA ASP I 144 -25.47 6.95 17.98
C ASP I 144 -25.31 6.62 16.47
N LEU I 145 -25.83 5.45 16.07
CA LEU I 145 -25.78 5.05 14.63
C LEU I 145 -26.56 6.05 13.79
N LEU I 146 -27.78 6.36 14.22
CA LEU I 146 -28.66 7.25 13.48
C LEU I 146 -28.09 8.63 13.41
N VAL I 147 -27.45 9.11 14.49
CA VAL I 147 -26.95 10.47 14.42
C VAL I 147 -25.56 10.60 13.73
N SER I 148 -24.61 9.84 14.21
CA SER I 148 -23.23 10.00 13.83
CA SER I 148 -23.23 10.02 13.80
C SER I 148 -23.00 9.51 12.38
N GLU I 149 -23.78 8.52 11.97
CA GLU I 149 -23.54 7.93 10.63
C GLU I 149 -24.68 8.31 9.67
N VAL I 150 -25.93 7.96 9.98
CA VAL I 150 -27.00 8.23 9.00
C VAL I 150 -27.28 9.73 8.78
N LEU I 151 -27.51 10.45 9.87
CA LEU I 151 -27.83 11.84 9.81
C LEU I 151 -26.66 12.63 9.20
N ARG I 152 -25.46 12.51 9.77
CA ARG I 152 -24.35 13.29 9.30
C ARG I 152 -24.00 13.03 7.85
N THR I 153 -24.10 11.77 7.43
CA THR I 153 -23.77 11.48 6.04
C THR I 153 -24.77 12.11 5.10
N ASN I 154 -26.07 11.96 5.41
CA ASN I 154 -27.08 12.53 4.55
C ASN I 154 -27.00 14.07 4.49
N GLU I 155 -26.64 14.69 5.61
CA GLU I 155 -26.59 16.13 5.62
C GLU I 155 -25.44 16.64 4.73
N LEU I 156 -24.27 16.02 4.86
CA LEU I 156 -23.13 16.37 3.99
C LEU I 156 -23.41 16.14 2.52
N GLN I 157 -23.99 14.97 2.18
CA GLN I 157 -24.32 14.68 0.77
C GLN I 157 -25.28 15.67 0.20
N ALA I 158 -26.31 16.05 0.96
CA ALA I 158 -27.30 16.95 0.50
C ALA I 158 -26.62 18.31 0.21
N TRP I 159 -25.64 18.72 1.00
CA TRP I 159 -24.90 19.96 0.71
C TRP I 159 -24.19 19.87 -0.63
N PHE I 160 -23.40 18.83 -0.84
CA PHE I 160 -22.69 18.64 -2.11
C PHE I 160 -23.66 18.63 -3.28
N VAL I 161 -24.77 17.90 -3.20
CA VAL I 161 -25.76 17.88 -4.29
C VAL I 161 -26.38 19.29 -4.51
N ALA I 162 -26.86 19.93 -3.43
CA ALA I 162 -27.59 21.21 -3.54
C ALA I 162 -26.73 22.30 -4.14
N GLU I 163 -25.42 22.28 -3.87
CA GLU I 163 -24.60 23.37 -4.44
C GLU I 163 -24.55 23.34 -5.99
N HIS I 164 -24.75 22.15 -6.60
CA HIS I 164 -24.73 22.04 -8.03
C HIS I 164 -25.95 22.64 -8.71
N LEU I 165 -27.00 22.90 -7.92
CA LEU I 165 -28.22 23.52 -8.49
C LEU I 165 -28.20 25.04 -8.42
N VAL I 166 -27.18 25.62 -7.83
CA VAL I 166 -27.13 27.09 -7.68
C VAL I 166 -26.86 27.64 -9.07
N ASP I 167 -27.79 28.43 -9.60
CA ASP I 167 -27.59 29.13 -10.89
C ASP I 167 -26.75 30.40 -10.65
N THR I 168 -25.46 30.39 -11.00
CA THR I 168 -24.58 31.53 -10.69
C THR I 168 -23.53 31.58 -11.81
N PRO I 169 -23.04 32.79 -12.19
CA PRO I 169 -22.09 32.82 -13.32
C PRO I 169 -20.78 32.07 -12.95
N LEU I 170 -20.19 31.39 -13.93
CA LEU I 170 -18.93 30.70 -13.68
C LEU I 170 -17.72 31.41 -14.30
N VAL I 171 -18.00 32.28 -15.28
CA VAL I 171 -16.96 33.07 -16.00
C VAL I 171 -17.43 34.54 -16.00
N HIS I 172 -16.53 35.51 -16.16
CA HIS I 172 -16.93 36.94 -16.05
C HIS I 172 -17.79 37.34 -17.22
N ARG J 1 -40.58 16.00 -17.17
CA ARG J 1 -40.14 15.76 -18.59
C ARG J 1 -39.10 14.64 -18.68
N THR J 2 -39.41 13.60 -19.46
CA THR J 2 -38.48 12.57 -19.85
C THR J 2 -37.61 13.10 -21.02
N ILE J 3 -36.29 13.03 -20.90
CA ILE J 3 -35.46 13.34 -22.06
C ILE J 3 -35.11 12.11 -22.93
N GLN J 4 -35.16 10.90 -22.38
CA GLN J 4 -35.07 9.67 -23.17
C GLN J 4 -35.95 8.64 -22.51
N GLU J 5 -36.82 7.97 -23.26
CA GLU J 5 -37.70 6.96 -22.71
C GLU J 5 -36.94 5.70 -22.47
N PHE J 6 -37.33 5.00 -21.39
CA PHE J 6 -36.83 3.66 -21.18
C PHE J 6 -37.20 2.77 -22.40
N GLY J 7 -36.33 1.83 -22.73
CA GLY J 7 -36.54 0.90 -23.87
C GLY J 7 -36.29 1.49 -25.25
N THR J 8 -35.64 2.66 -25.32
CA THR J 8 -35.14 3.21 -26.60
C THR J 8 -33.60 3.29 -26.60
N VAL J 9 -33.02 3.49 -27.79
CA VAL J 9 -31.59 3.81 -27.89
C VAL J 9 -31.44 5.14 -28.63
N LYS J 10 -30.40 5.90 -28.30
CA LYS J 10 -30.19 7.12 -29.05
C LYS J 10 -29.28 6.86 -30.21
N GLN J 11 -29.20 7.83 -31.13
CA GLN J 11 -28.18 7.76 -32.15
C GLN J 11 -26.86 7.83 -31.36
N PHE J 12 -25.99 6.84 -31.54
CA PHE J 12 -24.73 6.79 -30.79
C PHE J 12 -23.57 6.32 -31.67
N PRO J 13 -22.39 6.99 -31.54
CA PRO J 13 -21.24 6.71 -32.43
C PRO J 13 -20.39 5.49 -31.98
N VAL J 14 -21.01 4.30 -31.88
CA VAL J 14 -20.28 3.11 -31.46
C VAL J 14 -20.25 1.98 -32.53
N ALA J 15 -20.40 2.33 -33.82
CA ALA J 15 -20.22 1.35 -34.94
C ALA J 15 -21.12 0.13 -34.86
N LEU J 16 -22.27 0.28 -34.24
CA LEU J 16 -23.25 -0.85 -34.16
C LEU J 16 -24.59 -0.29 -34.62
N THR J 17 -25.35 -1.05 -35.42
CA THR J 17 -26.67 -0.59 -35.88
C THR J 17 -27.67 -0.33 -34.72
N MET J 18 -28.62 0.58 -34.94
CA MET J 18 -29.71 0.80 -34.02
C MET J 18 -30.43 -0.51 -33.62
N ASP J 19 -30.64 -1.45 -34.57
CA ASP J 19 -31.34 -2.70 -34.21
C ASP J 19 -30.48 -3.55 -33.24
N THR J 20 -29.19 -3.63 -33.54
CA THR J 20 -28.22 -4.38 -32.73
C THR J 20 -28.13 -3.80 -31.33
N ARG J 21 -28.05 -2.50 -31.23
CA ARG J 21 -28.00 -1.86 -29.91
C ARG J 21 -29.27 -2.00 -29.10
N LEU J 22 -30.41 -1.83 -29.74
CA LEU J 22 -31.66 -2.01 -29.06
C LEU J 22 -31.83 -3.42 -28.51
N TYR J 23 -31.51 -4.41 -29.32
CA TYR J 23 -31.62 -5.80 -28.89
C TYR J 23 -30.65 -6.10 -27.71
N SER J 24 -29.41 -5.65 -27.83
CA SER J 24 -28.42 -5.93 -26.75
C SER J 24 -28.92 -5.27 -25.46
N CYS J 25 -29.43 -4.04 -25.56
CA CYS J 25 -29.95 -3.37 -24.36
C CYS J 25 -31.13 -4.10 -23.70
N GLN J 26 -32.08 -4.66 -24.51
CA GLN J 26 -33.14 -5.48 -23.91
C GLN J 26 -32.57 -6.71 -23.24
N ARG J 27 -31.62 -7.43 -23.86
CA ARG J 27 -31.09 -8.62 -23.22
C ARG J 27 -30.29 -8.22 -21.93
N LEU J 28 -29.52 -7.13 -22.06
CA LEU J 28 -28.67 -6.72 -20.90
C LEU J 28 -29.56 -6.31 -19.75
N ASN J 29 -30.67 -5.61 -20.03
CA ASN J 29 -31.53 -5.17 -18.96
C ASN J 29 -32.19 -6.31 -18.21
N LYS J 30 -32.48 -7.40 -18.90
CA LYS J 30 -33.04 -8.55 -18.19
C LYS J 30 -31.99 -9.16 -17.27
N VAL J 31 -30.79 -9.34 -17.76
CA VAL J 31 -29.70 -9.85 -16.94
C VAL J 31 -29.51 -8.92 -15.74
N LEU J 32 -29.53 -7.62 -16.01
CA LEU J 32 -29.32 -6.59 -14.94
C LEU J 32 -30.41 -6.70 -13.88
N ALA J 33 -31.68 -6.80 -14.29
CA ALA J 33 -32.81 -6.96 -13.34
C ALA J 33 -32.62 -8.22 -12.50
N ASP J 34 -32.30 -9.37 -13.11
CA ASP J 34 -32.07 -10.59 -12.34
C ASP J 34 -30.85 -10.48 -11.38
N THR J 35 -29.82 -9.83 -11.85
CA THR J 35 -28.60 -9.67 -11.08
C THR J 35 -28.85 -8.69 -9.91
N ARG J 36 -29.61 -7.64 -10.15
CA ARG J 36 -30.08 -6.81 -9.00
C ARG J 36 -30.77 -7.60 -7.87
N ILE J 37 -31.66 -8.55 -8.26
CA ILE J 37 -32.32 -9.36 -7.21
C ILE J 37 -31.28 -10.28 -6.53
N LEU J 38 -30.37 -10.84 -7.30
CA LEU J 38 -29.38 -11.78 -6.79
C LEU J 38 -28.40 -11.07 -5.83
N HIS J 39 -28.04 -9.84 -6.18
CA HIS J 39 -27.18 -9.05 -5.24
C HIS J 39 -27.91 -8.91 -3.90
N ASP J 40 -29.17 -8.49 -3.96
CA ASP J 40 -29.95 -8.25 -2.78
C ASP J 40 -30.25 -9.56 -2.03
N LEU J 41 -30.36 -10.70 -2.71
CA LEU J 41 -30.47 -11.97 -1.99
C LEU J 41 -29.16 -12.31 -1.22
N TYR J 42 -28.01 -12.04 -1.83
CA TYR J 42 -26.77 -12.36 -1.17
C TYR J 42 -26.63 -11.43 0.06
N LYS J 43 -26.97 -10.14 -0.06
CA LYS J 43 -26.91 -9.23 1.13
C LYS J 43 -27.95 -9.63 2.21
N LYS J 44 -29.16 -9.97 1.78
CA LYS J 44 -30.18 -10.53 2.71
C LYS J 44 -29.62 -11.69 3.54
N TYR J 45 -29.00 -12.67 2.91
CA TYR J 45 -28.55 -13.84 3.62
C TYR J 45 -27.23 -13.55 4.39
N HIS J 46 -26.40 -12.63 3.90
CA HIS J 46 -25.21 -12.13 4.67
C HIS J 46 -25.75 -11.61 6.01
N TRP J 47 -26.87 -10.88 6.02
CA TRP J 47 -27.42 -10.36 7.31
C TRP J 47 -28.14 -11.36 8.16
N LEU J 48 -28.98 -12.18 7.51
CA LEU J 48 -29.89 -13.09 8.24
C LEU J 48 -29.26 -14.39 8.63
N MET J 49 -28.03 -14.64 8.18
CA MET J 49 -27.36 -15.91 8.45
C MET J 49 -27.29 -16.22 9.96
N ARG J 50 -27.27 -17.51 10.28
CA ARG J 50 -27.15 -17.98 11.68
C ARG J 50 -26.71 -19.43 11.68
N GLY J 51 -26.25 -19.95 12.81
CA GLY J 51 -25.83 -21.33 12.89
C GLY J 51 -24.34 -21.47 13.10
N ALA J 52 -23.90 -22.72 13.16
CA ALA J 52 -22.52 -23.05 13.53
C ALA J 52 -21.48 -22.54 12.49
N THR J 53 -21.96 -22.21 11.27
CA THR J 53 -21.03 -21.81 10.20
C THR J 53 -21.30 -20.35 9.87
N PHE J 54 -21.82 -19.60 10.84
CA PHE J 54 -22.27 -18.21 10.58
C PHE J 54 -21.13 -17.42 9.98
N TYR J 55 -19.98 -17.39 10.63
CA TYR J 55 -18.96 -16.39 10.15
C TYR J 55 -18.45 -16.76 8.74
N GLN J 56 -18.19 -18.05 8.49
CA GLN J 56 -17.85 -18.55 7.17
CA GLN J 56 -17.79 -18.45 7.16
C GLN J 56 -18.86 -18.09 6.08
N LEU J 57 -20.14 -18.34 6.33
CA LEU J 57 -21.13 -18.01 5.29
C LEU J 57 -21.36 -16.52 5.16
N HIS J 58 -21.34 -15.83 6.31
CA HIS J 58 -21.46 -14.37 6.32
C HIS J 58 -20.38 -13.77 5.41
N LEU J 59 -19.15 -14.23 5.54
CA LEU J 59 -18.05 -13.76 4.67
C LEU J 59 -18.18 -14.14 3.21
N LEU J 60 -18.55 -15.39 2.99
CA LEU J 60 -18.68 -15.90 1.63
C LEU J 60 -19.78 -15.18 0.90
N LEU J 61 -20.91 -14.97 1.56
CA LEU J 61 -22.02 -14.27 0.91
C LEU J 61 -21.66 -12.82 0.61
N ASP J 62 -20.92 -12.16 1.51
CA ASP J 62 -20.48 -10.82 1.17
C ASP J 62 -19.48 -10.77 0.00
N LYS J 63 -18.61 -11.78 -0.13
CA LYS J 63 -17.66 -11.81 -1.21
C LYS J 63 -18.48 -11.89 -2.50
N HIS J 64 -19.49 -12.78 -2.50
CA HIS J 64 -20.32 -12.89 -3.72
C HIS J 64 -21.15 -11.66 -4.02
N ALA J 65 -21.69 -11.01 -2.98
CA ALA J 65 -22.45 -9.76 -3.18
C ALA J 65 -21.55 -8.70 -3.82
N GLY J 66 -20.32 -8.52 -3.33
CA GLY J 66 -19.42 -7.51 -3.89
C GLY J 66 -19.14 -7.78 -5.36
N GLU J 67 -18.98 -9.04 -5.71
CA GLU J 67 -18.76 -9.39 -7.12
C GLU J 67 -20.00 -9.13 -7.98
N GLN J 68 -21.20 -9.42 -7.44
CA GLN J 68 -22.45 -9.15 -8.18
C GLN J 68 -22.66 -7.65 -8.33
N LEU J 69 -22.29 -6.87 -7.30
CA LEU J 69 -22.48 -5.42 -7.44
C LEU J 69 -21.60 -4.87 -8.55
N GLU J 70 -20.37 -5.36 -8.69
CA GLU J 70 -19.48 -4.91 -9.76
C GLU J 70 -20.06 -5.35 -11.15
N LEU J 71 -20.61 -6.55 -11.23
CA LEU J 71 -21.33 -6.96 -12.48
C LEU J 71 -22.50 -6.01 -12.83
N ILE J 72 -23.31 -5.61 -11.85
CA ILE J 72 -24.42 -4.68 -12.07
C ILE J 72 -23.88 -3.41 -12.71
N ASP J 73 -22.85 -2.80 -12.10
CA ASP J 73 -22.29 -1.55 -12.64
C ASP J 73 -21.75 -1.73 -14.05
N THR J 74 -21.07 -2.83 -14.31
CA THR J 74 -20.44 -3.03 -15.61
C THR J 74 -21.54 -3.25 -16.69
N VAL J 75 -22.54 -4.02 -16.34
CA VAL J 75 -23.67 -4.25 -17.28
C VAL J 75 -24.49 -2.99 -17.54
N ALA J 76 -24.80 -2.21 -16.50
CA ALA J 76 -25.51 -0.96 -16.67
C ALA J 76 -24.73 -0.02 -17.55
N GLU J 77 -23.42 0.12 -17.28
CA GLU J 77 -22.60 0.97 -18.13
C GLU J 77 -22.55 0.49 -19.60
N ARG J 78 -22.62 -0.83 -19.79
CA ARG J 78 -22.70 -1.34 -21.17
C ARG J 78 -24.01 -0.89 -21.88
N VAL J 79 -25.14 -0.99 -21.17
CA VAL J 79 -26.39 -0.43 -21.69
C VAL J 79 -26.24 1.02 -22.07
N GLN J 80 -25.65 1.84 -21.18
CA GLN J 80 -25.49 3.25 -21.52
C GLN J 80 -24.54 3.47 -22.72
N THR J 81 -23.47 2.67 -22.79
CA THR J 81 -22.52 2.74 -23.86
C THR J 81 -23.21 2.44 -25.21
N LEU J 82 -24.24 1.61 -25.19
CA LEU J 82 -24.98 1.29 -26.44
C LEU J 82 -26.06 2.33 -26.74
N GLY J 83 -26.15 3.38 -25.91
CA GLY J 83 -27.14 4.46 -26.16
C GLY J 83 -28.48 4.18 -25.50
N GLY J 84 -28.55 3.12 -24.72
CA GLY J 84 -29.82 2.70 -24.07
C GLY J 84 -30.01 3.30 -22.67
N VAL J 85 -31.00 2.76 -21.98
CA VAL J 85 -31.34 3.18 -20.61
C VAL J 85 -31.31 1.99 -19.67
N ALA J 86 -30.34 2.02 -18.74
CA ALA J 86 -30.22 0.92 -17.75
C ALA J 86 -31.40 0.95 -16.76
N VAL J 87 -31.89 -0.23 -16.37
CA VAL J 87 -32.97 -0.27 -15.37
C VAL J 87 -32.53 0.37 -14.03
N GLY J 88 -33.35 1.27 -13.50
CA GLY J 88 -32.91 2.11 -12.34
C GLY J 88 -33.53 1.70 -11.01
N ASP J 89 -34.67 2.27 -10.68
CA ASP J 89 -35.33 2.03 -9.40
C ASP J 89 -35.72 0.56 -9.24
N PRO J 90 -35.54 0.01 -8.01
CA PRO J 90 -35.89 -1.41 -7.81
C PRO J 90 -37.38 -1.76 -8.13
N ARG J 91 -38.26 -0.77 -8.13
CA ARG J 91 -39.66 -1.06 -8.47
C ARG J 91 -39.81 -1.34 -9.95
N HIS J 92 -38.90 -0.79 -10.77
CA HIS J 92 -38.82 -1.21 -12.17
C HIS J 92 -38.18 -2.57 -12.33
N VAL J 93 -37.06 -2.82 -11.61
CA VAL J 93 -36.43 -4.14 -11.60
C VAL J 93 -37.48 -5.25 -11.38
N ALA J 94 -38.38 -5.00 -10.42
CA ALA J 94 -39.49 -5.91 -10.00
C ALA J 94 -40.35 -6.33 -11.18
N GLU J 95 -40.52 -5.41 -12.11
CA GLU J 95 -41.39 -5.63 -13.25
C GLU J 95 -40.72 -6.38 -14.38
N ILE J 96 -39.38 -6.47 -14.36
CA ILE J 96 -38.62 -7.07 -15.44
C ILE J 96 -38.06 -8.45 -15.04
N THR J 97 -37.67 -8.59 -13.76
CA THR J 97 -36.95 -9.82 -13.34
C THR J 97 -37.87 -11.05 -13.38
N THR J 98 -37.31 -12.23 -13.60
CA THR J 98 -38.09 -13.42 -13.32
C THR J 98 -37.55 -14.22 -12.11
N VAL J 99 -36.65 -13.64 -11.31
CA VAL J 99 -36.21 -14.31 -10.09
C VAL J 99 -37.30 -14.11 -9.03
N PRO J 100 -37.83 -15.23 -8.46
CA PRO J 100 -38.96 -15.16 -7.52
C PRO J 100 -38.59 -14.41 -6.23
N ARG J 101 -39.58 -13.73 -5.66
CA ARG J 101 -39.39 -13.06 -4.35
C ARG J 101 -39.29 -14.09 -3.20
N PRO J 102 -38.28 -13.94 -2.31
CA PRO J 102 -38.21 -14.87 -1.15
C PRO J 102 -39.20 -14.49 -0.08
N PRO J 103 -39.37 -15.32 0.98
CA PRO J 103 -40.14 -14.92 2.15
C PRO J 103 -39.52 -13.64 2.74
N ASP J 104 -40.35 -12.79 3.34
CA ASP J 104 -39.82 -11.55 4.01
C ASP J 104 -38.95 -11.87 5.20
N GLY J 105 -39.25 -13.02 5.83
CA GLY J 105 -38.55 -13.42 7.07
C GLY J 105 -37.32 -14.30 6.83
N VAL J 106 -36.95 -15.04 7.86
CA VAL J 106 -35.71 -15.85 7.84
C VAL J 106 -36.04 -17.29 7.49
N GLU J 107 -35.48 -17.78 6.36
CA GLU J 107 -35.62 -19.20 5.96
C GLU J 107 -34.59 -20.09 6.63
N GLU J 108 -34.75 -21.42 6.53
CA GLU J 108 -33.65 -22.33 6.92
C GLU J 108 -32.39 -22.10 6.07
N VAL J 109 -31.21 -22.28 6.68
CA VAL J 109 -29.93 -22.08 5.95
C VAL J 109 -29.85 -22.80 4.60
N PRO J 110 -30.12 -24.13 4.56
CA PRO J 110 -30.04 -24.83 3.27
C PRO J 110 -31.06 -24.31 2.25
N SER J 111 -32.20 -23.78 2.69
CA SER J 111 -33.12 -23.15 1.73
C SER J 111 -32.61 -21.84 1.17
N MET J 112 -31.94 -21.07 2.01
CA MET J 112 -31.33 -19.82 1.51
C MET J 112 -30.34 -20.21 0.41
N LEU J 113 -29.46 -21.22 0.68
CA LEU J 113 -28.42 -21.60 -0.28
C LEU J 113 -29.08 -22.10 -1.58
N SER J 114 -30.11 -22.94 -1.44
CA SER J 114 -30.84 -23.43 -2.64
C SER J 114 -31.47 -22.32 -3.49
N ARG J 115 -32.03 -21.30 -2.84
CA ARG J 115 -32.61 -20.16 -3.55
C ARG J 115 -31.53 -19.40 -4.36
N LEU J 116 -30.35 -19.19 -3.77
CA LEU J 116 -29.22 -18.60 -4.48
C LEU J 116 -28.88 -19.45 -5.71
N LEU J 117 -28.82 -20.80 -5.55
CA LEU J 117 -28.47 -21.67 -6.69
C LEU J 117 -29.50 -21.58 -7.82
N GLU J 118 -30.77 -21.52 -7.41
CA GLU J 118 -31.83 -21.30 -8.39
C GLU J 118 -31.73 -19.98 -9.15
N ALA J 119 -31.40 -18.88 -8.44
CA ALA J 119 -31.17 -17.62 -9.12
C ALA J 119 -29.95 -17.69 -10.08
N HIS J 120 -28.84 -18.30 -9.65
CA HIS J 120 -27.68 -18.43 -10.56
C HIS J 120 -28.06 -19.21 -11.79
N GLU J 121 -28.78 -20.32 -11.61
CA GLU J 121 -29.14 -21.15 -12.78
C GLU J 121 -30.01 -20.38 -13.79
N LEU J 122 -30.95 -19.58 -13.27
CA LEU J 122 -31.80 -18.71 -14.09
C LEU J 122 -30.97 -17.74 -14.95
N ILE J 123 -30.07 -17.00 -14.27
CA ILE J 123 -29.15 -16.09 -14.93
C ILE J 123 -28.21 -16.81 -15.92
N LEU J 124 -27.66 -17.95 -15.54
CA LEU J 124 -26.74 -18.74 -16.45
C LEU J 124 -27.52 -19.16 -17.75
N THR J 125 -28.76 -19.60 -17.57
CA THR J 125 -29.57 -20.02 -18.76
C THR J 125 -29.81 -18.83 -19.71
N GLU J 126 -30.19 -17.70 -19.14
CA GLU J 126 -30.38 -16.45 -19.89
C GLU J 126 -29.10 -15.98 -20.56
N CYS J 127 -27.97 -16.06 -19.85
CA CYS J 127 -26.68 -15.65 -20.39
C CYS J 127 -26.21 -16.42 -21.59
N HIS J 128 -26.31 -17.74 -21.55
CA HIS J 128 -25.88 -18.53 -22.76
C HIS J 128 -26.68 -18.10 -23.98
N ASP J 129 -28.00 -17.97 -23.80
CA ASP J 129 -28.88 -17.56 -24.90
C ASP J 129 -28.56 -16.14 -25.38
N ALA J 130 -28.48 -15.17 -24.45
CA ALA J 130 -28.17 -13.78 -24.83
C ALA J 130 -26.79 -13.66 -25.45
N ALA J 131 -25.81 -14.41 -24.94
CA ALA J 131 -24.46 -14.45 -25.57
C ALA J 131 -24.50 -14.89 -27.04
N ALA J 132 -25.20 -15.99 -27.30
CA ALA J 132 -25.31 -16.48 -28.69
C ALA J 132 -26.02 -15.44 -29.59
N ARG J 133 -27.13 -14.87 -29.14
CA ARG J 133 -27.92 -13.96 -29.98
C ARG J 133 -27.27 -12.63 -30.21
N THR J 134 -26.68 -12.04 -29.16
CA THR J 134 -25.92 -10.77 -29.36
C THR J 134 -24.72 -10.98 -30.26
N GLN J 135 -24.06 -12.15 -30.16
CA GLN J 135 -22.96 -12.44 -31.08
C GLN J 135 -23.45 -12.51 -32.55
N GLU J 136 -24.59 -13.17 -32.77
CA GLU J 136 -25.15 -13.24 -34.13
C GLU J 136 -25.45 -11.88 -34.72
N TYR J 137 -25.92 -10.94 -33.89
CA TYR J 137 -26.16 -9.57 -34.35
C TYR J 137 -24.90 -8.73 -34.51
N GLY J 138 -23.72 -9.24 -34.13
CA GLY J 138 -22.49 -8.48 -34.39
C GLY J 138 -22.01 -7.67 -33.17
N ASP J 139 -22.67 -7.84 -32.02
CA ASP J 139 -22.26 -7.08 -30.79
C ASP J 139 -21.19 -7.88 -30.02
N ASP J 140 -19.99 -7.91 -30.59
CA ASP J 140 -18.87 -8.68 -30.04
C ASP J 140 -18.60 -8.31 -28.58
N GLY J 141 -18.66 -7.00 -28.30
CA GLY J 141 -18.30 -6.48 -26.94
C GLY J 141 -19.31 -6.96 -25.91
N THR J 142 -20.59 -6.96 -26.27
CA THR J 142 -21.62 -7.44 -25.36
C THR J 142 -21.48 -8.94 -25.14
N ASN J 143 -21.19 -9.69 -26.19
CA ASN J 143 -20.99 -11.10 -26.00
C ASN J 143 -19.84 -11.38 -25.02
N ASP J 144 -18.74 -10.63 -25.17
CA ASP J 144 -17.56 -10.84 -24.33
C ASP J 144 -17.87 -10.54 -22.87
N LEU J 145 -18.59 -9.43 -22.61
CA LEU J 145 -19.05 -9.08 -21.25
C LEU J 145 -19.92 -10.20 -20.68
N LEU J 146 -20.86 -10.72 -21.46
CA LEU J 146 -21.74 -11.74 -20.92
C LEU J 146 -21.04 -13.05 -20.62
N VAL J 147 -20.09 -13.44 -21.44
CA VAL J 147 -19.38 -14.68 -21.24
C VAL J 147 -18.27 -14.51 -20.19
N SER J 148 -17.39 -13.53 -20.35
CA SER J 148 -16.16 -13.57 -19.55
C SER J 148 -16.45 -13.09 -18.15
N GLU J 149 -17.46 -12.26 -18.01
CA GLU J 149 -17.82 -11.73 -16.69
C GLU J 149 -19.06 -12.34 -16.05
N VAL J 150 -20.24 -12.15 -16.68
CA VAL J 150 -21.49 -12.58 -16.08
C VAL J 150 -21.49 -14.08 -15.92
N LEU J 151 -21.28 -14.79 -17.03
CA LEU J 151 -21.33 -16.24 -17.00
C LEU J 151 -20.29 -16.85 -16.10
N ARG J 152 -19.03 -16.51 -16.32
CA ARG J 152 -18.00 -17.10 -15.54
C ARG J 152 -18.12 -16.81 -14.03
N THR J 153 -18.49 -15.58 -13.69
CA THR J 153 -18.68 -15.28 -12.26
C THR J 153 -19.82 -16.06 -11.63
N ASN J 154 -20.98 -16.12 -12.31
CA ASN J 154 -22.06 -16.91 -11.75
C ASN J 154 -21.76 -18.41 -11.65
N GLU J 155 -21.10 -18.96 -12.67
CA GLU J 155 -20.65 -20.37 -12.59
C GLU J 155 -19.79 -20.66 -11.36
N LEU J 156 -18.75 -19.83 -11.13
CA LEU J 156 -17.87 -20.05 -10.02
C LEU J 156 -18.62 -19.89 -8.69
N GLN J 157 -19.42 -18.83 -8.58
CA GLN J 157 -20.18 -18.63 -7.36
C GLN J 157 -21.13 -19.81 -7.01
N ALA J 158 -21.80 -20.35 -8.01
CA ALA J 158 -22.72 -21.47 -7.81
C ALA J 158 -21.97 -22.67 -7.28
N TRP J 159 -20.73 -22.89 -7.75
CA TRP J 159 -19.89 -23.96 -7.20
C TRP J 159 -19.63 -23.79 -5.71
N PHE J 160 -19.20 -22.61 -5.30
CA PHE J 160 -18.89 -22.32 -3.90
C PHE J 160 -20.14 -22.51 -3.06
N VAL J 161 -21.30 -22.10 -3.55
CA VAL J 161 -22.50 -22.22 -2.74
C VAL J 161 -22.92 -23.69 -2.67
N ALA J 162 -22.91 -24.34 -3.83
CA ALA J 162 -23.42 -25.73 -3.93
C ALA J 162 -22.65 -26.70 -3.07
N GLU J 163 -21.33 -26.49 -2.93
CA GLU J 163 -20.52 -27.38 -2.08
C GLU J 163 -20.91 -27.35 -0.63
N HIS J 164 -21.45 -26.23 -0.14
CA HIS J 164 -21.94 -26.15 1.25
C HIS J 164 -23.20 -26.95 1.52
N LEU J 165 -23.90 -27.34 0.47
CA LEU J 165 -25.11 -28.17 0.64
C LEU J 165 -24.81 -29.66 0.63
N VAL J 166 -23.57 -30.07 0.34
CA VAL J 166 -23.20 -31.49 0.35
C VAL J 166 -23.28 -32.07 1.78
N ASP J 167 -24.13 -33.07 2.01
CA ASP J 167 -24.20 -33.71 3.33
C ASP J 167 -23.16 -34.81 3.42
N THR J 168 -22.09 -34.60 4.18
CA THR J 168 -20.95 -35.56 4.16
C THR J 168 -20.28 -35.49 5.53
N PRO J 169 -19.72 -36.60 6.03
CA PRO J 169 -19.14 -36.50 7.36
C PRO J 169 -17.92 -35.52 7.39
N LEU J 170 -17.75 -34.80 8.51
CA LEU J 170 -16.59 -33.86 8.65
C LEU J 170 -15.51 -34.36 9.62
N VAL J 171 -15.90 -35.32 10.47
CA VAL J 171 -15.01 -35.92 11.45
C VAL J 171 -15.18 -37.46 11.34
N HIS J 172 -14.21 -38.25 11.83
CA HIS J 172 -14.28 -39.74 11.70
C HIS J 172 -15.39 -40.35 12.56
N ALA J 173 -16.04 -41.41 12.04
CA ALA J 173 -17.18 -42.11 12.71
C ALA J 173 -16.89 -42.52 14.16
N THR K 2 -10.23 28.02 -35.36
CA THR K 2 -9.02 27.75 -34.52
C THR K 2 -8.75 28.91 -33.54
N ILE K 3 -9.00 28.68 -32.26
CA ILE K 3 -9.01 29.77 -31.25
C ILE K 3 -7.62 30.23 -30.72
N GLN K 4 -6.57 29.45 -31.00
CA GLN K 4 -5.21 29.93 -30.73
C GLN K 4 -4.26 29.22 -31.68
N GLU K 5 -3.49 30.01 -32.44
CA GLU K 5 -2.50 29.45 -33.32
C GLU K 5 -1.31 28.91 -32.56
N PHE K 6 -0.75 27.85 -33.09
CA PHE K 6 0.55 27.36 -32.66
C PHE K 6 1.62 28.46 -32.79
N GLY K 7 2.55 28.54 -31.85
CA GLY K 7 3.55 29.60 -31.85
C GLY K 7 3.14 30.94 -31.26
N THR K 8 1.94 31.05 -30.67
CA THR K 8 1.55 32.31 -30.00
C THR K 8 1.36 32.02 -28.52
N VAL K 9 1.33 33.04 -27.68
CA VAL K 9 1.05 32.85 -26.28
C VAL K 9 -0.14 33.74 -25.94
N LYS K 10 -0.92 33.33 -24.95
CA LYS K 10 -2.03 34.22 -24.56
C LYS K 10 -1.58 35.14 -23.44
N GLN K 11 -2.35 36.20 -23.20
CA GLN K 11 -2.02 37.10 -22.09
C GLN K 11 -2.19 36.25 -20.81
N PHE K 12 -1.13 36.06 -20.04
CA PHE K 12 -1.15 35.25 -18.81
C PHE K 12 -0.45 36.03 -17.70
N PRO K 13 -1.04 36.04 -16.48
CA PRO K 13 -0.61 36.89 -15.35
C PRO K 13 0.50 36.22 -14.53
N VAL K 14 1.46 35.58 -15.21
CA VAL K 14 2.49 34.77 -14.56
C VAL K 14 3.86 35.44 -14.49
N ALA K 15 3.87 36.76 -14.29
CA ALA K 15 5.09 37.53 -14.01
C ALA K 15 6.25 37.31 -15.02
N LEU K 16 5.94 37.04 -16.29
CA LEU K 16 6.94 36.92 -17.32
C LEU K 16 6.38 37.67 -18.51
N THR K 17 7.25 38.41 -19.22
CA THR K 17 6.81 39.18 -20.38
C THR K 17 6.43 38.26 -21.53
N MET K 18 5.64 38.82 -22.45
CA MET K 18 5.23 38.07 -23.61
C MET K 18 6.44 37.58 -24.39
N ASP K 19 7.47 38.42 -24.52
CA ASP K 19 8.62 37.98 -25.29
C ASP K 19 9.36 36.82 -24.60
N THR K 20 9.47 36.85 -23.27
CA THR K 20 10.12 35.77 -22.57
C THR K 20 9.30 34.49 -22.76
N ARG K 21 7.98 34.60 -22.64
CA ARG K 21 7.12 33.39 -22.74
C ARG K 21 7.14 32.81 -24.11
N LEU K 22 7.10 33.67 -25.13
CA LEU K 22 7.23 33.21 -26.52
C LEU K 22 8.52 32.45 -26.74
N TYR K 23 9.62 33.00 -26.23
CA TYR K 23 10.95 32.42 -26.48
C TYR K 23 11.01 31.03 -25.77
N SER K 24 10.60 31.01 -24.49
CA SER K 24 10.60 29.73 -23.72
C SER K 24 9.78 28.64 -24.40
N CYS K 25 8.59 29.00 -24.83
CA CYS K 25 7.72 28.01 -25.57
C CYS K 25 8.37 27.46 -26.84
N GLN K 26 9.06 28.32 -27.61
CA GLN K 26 9.78 27.90 -28.81
CA GLN K 26 9.73 27.82 -28.81
C GLN K 26 10.86 26.84 -28.43
N ARG K 27 11.66 27.16 -27.42
CA ARG K 27 12.71 26.29 -26.94
C ARG K 27 12.14 24.97 -26.36
N LEU K 28 11.10 25.06 -25.54
CA LEU K 28 10.52 23.86 -24.88
C LEU K 28 9.92 22.97 -25.96
N ASN K 29 9.26 23.56 -26.95
CA ASN K 29 8.62 22.69 -27.98
C ASN K 29 9.62 21.90 -28.79
N LYS K 30 10.82 22.46 -29.02
CA LYS K 30 11.85 21.68 -29.73
C LYS K 30 12.28 20.49 -28.83
N VAL K 31 12.57 20.78 -27.56
CA VAL K 31 12.95 19.68 -26.61
C VAL K 31 11.81 18.64 -26.55
N LEU K 32 10.59 19.14 -26.56
CA LEU K 32 9.41 18.27 -26.47
C LEU K 32 9.32 17.38 -27.68
N ALA K 33 9.48 17.96 -28.87
CA ALA K 33 9.35 17.13 -30.10
C ALA K 33 10.43 16.04 -30.10
N ASP K 34 11.67 16.40 -29.73
CA ASP K 34 12.75 15.41 -29.72
C ASP K 34 12.50 14.32 -28.63
N THR K 35 11.96 14.72 -27.47
CA THR K 35 11.66 13.74 -26.38
C THR K 35 10.52 12.80 -26.85
N ARG K 36 9.55 13.36 -27.60
CA ARG K 36 8.45 12.49 -28.14
C ARG K 36 9.07 11.38 -28.98
N ILE K 37 10.01 11.76 -29.86
CA ILE K 37 10.64 10.73 -30.69
C ILE K 37 11.40 9.71 -29.84
N LEU K 38 12.16 10.21 -28.85
CA LEU K 38 12.96 9.32 -28.00
C LEU K 38 12.06 8.35 -27.20
N HIS K 39 10.90 8.83 -26.72
CA HIS K 39 9.99 7.91 -26.00
C HIS K 39 9.59 6.79 -26.95
N ASP K 40 9.27 7.16 -28.17
CA ASP K 40 8.79 6.13 -29.15
C ASP K 40 9.94 5.25 -29.59
N LEU K 41 11.17 5.75 -29.60
CA LEU K 41 12.32 4.85 -29.87
C LEU K 41 12.50 3.82 -28.74
N TYR K 42 12.42 4.28 -27.48
CA TYR K 42 12.44 3.34 -26.38
C TYR K 42 11.36 2.27 -26.48
N LYS K 43 10.12 2.66 -26.83
CA LYS K 43 9.04 1.66 -26.89
C LYS K 43 9.31 0.72 -28.08
N LYS K 44 9.72 1.31 -29.19
CA LYS K 44 10.03 0.45 -30.39
C LYS K 44 11.05 -0.65 -30.02
N TYR K 45 12.13 -0.26 -29.35
CA TYR K 45 13.16 -1.25 -28.97
C TYR K 45 12.76 -2.18 -27.81
N HIS K 46 11.89 -1.70 -26.91
CA HIS K 46 11.25 -2.58 -25.87
C HIS K 46 10.54 -3.72 -26.59
N TRP K 47 9.80 -3.41 -27.66
CA TRP K 47 9.06 -4.49 -28.40
C TRP K 47 9.95 -5.30 -29.29
N LEU K 48 10.86 -4.64 -30.02
CA LEU K 48 11.68 -5.35 -31.05
C LEU K 48 12.92 -6.05 -30.51
N MET K 49 13.25 -5.82 -29.25
CA MET K 49 14.49 -6.48 -28.66
C MET K 49 14.54 -8.02 -28.85
N ARG K 50 15.75 -8.56 -28.96
CA ARG K 50 15.95 -10.02 -29.00
C ARG K 50 17.37 -10.33 -28.60
N GLY K 51 17.70 -11.59 -28.31
CA GLY K 51 19.06 -11.90 -27.94
C GLY K 51 19.14 -12.40 -26.50
N ALA K 52 20.33 -12.86 -26.11
CA ALA K 52 20.48 -13.51 -24.83
C ALA K 52 20.23 -12.53 -23.63
N THR K 53 20.19 -11.22 -23.90
CA THR K 53 19.87 -10.24 -22.80
C THR K 53 18.51 -9.60 -22.98
N PHE K 54 17.63 -10.33 -23.66
CA PHE K 54 16.30 -9.79 -24.03
C PHE K 54 15.59 -9.25 -22.78
N TYR K 55 15.41 -10.08 -21.75
CA TYR K 55 14.53 -9.60 -20.65
C TYR K 55 15.13 -8.36 -19.94
N GLN K 56 16.46 -8.38 -19.73
CA GLN K 56 17.15 -7.23 -19.08
C GLN K 56 16.92 -5.96 -19.90
N LEU K 57 17.14 -6.02 -21.22
CA LEU K 57 17.03 -4.80 -22.05
C LEU K 57 15.58 -4.41 -22.23
N HIS K 58 14.70 -5.41 -22.36
CA HIS K 58 13.24 -5.17 -22.41
C HIS K 58 12.85 -4.32 -21.20
N LEU K 59 13.29 -4.71 -20.02
CA LEU K 59 12.84 -4.04 -18.81
C LEU K 59 13.50 -2.65 -18.73
N LEU K 60 14.78 -2.59 -19.07
CA LEU K 60 15.51 -1.30 -18.97
C LEU K 60 14.85 -0.27 -19.92
N LEU K 61 14.60 -0.69 -21.14
CA LEU K 61 14.02 0.23 -22.15
C LEU K 61 12.65 0.72 -21.72
N ASP K 62 11.87 -0.16 -21.05
CA ASP K 62 10.56 0.27 -20.55
C ASP K 62 10.68 1.27 -19.38
N LYS K 63 11.67 1.07 -18.52
CA LYS K 63 11.89 2.00 -17.39
C LYS K 63 12.22 3.37 -18.00
N HIS K 64 13.12 3.41 -18.99
CA HIS K 64 13.47 4.68 -19.65
C HIS K 64 12.30 5.29 -20.37
N ALA K 65 11.46 4.47 -21.03
CA ALA K 65 10.30 5.04 -21.74
C ALA K 65 9.36 5.70 -20.73
N GLY K 66 9.14 5.05 -19.56
CA GLY K 66 8.20 5.61 -18.59
C GLY K 66 8.70 6.98 -18.10
N GLU K 67 10.00 7.06 -17.92
CA GLU K 67 10.58 8.34 -17.38
C GLU K 67 10.49 9.43 -18.50
N GLN K 68 10.72 9.02 -19.75
CA GLN K 68 10.56 9.95 -20.91
C GLN K 68 9.11 10.41 -21.07
N LEU K 69 8.17 9.49 -20.83
CA LEU K 69 6.77 9.85 -20.89
C LEU K 69 6.41 10.96 -19.87
N GLU K 70 6.94 10.84 -18.66
CA GLU K 70 6.70 11.86 -17.64
C GLU K 70 7.35 13.19 -18.06
N LEU K 71 8.54 13.11 -18.69
CA LEU K 71 9.20 14.35 -19.17
C LEU K 71 8.32 15.04 -20.18
N ILE K 72 7.74 14.25 -21.09
CA ILE K 72 6.87 14.82 -22.07
C ILE K 72 5.73 15.62 -21.43
N ASP K 73 5.07 15.03 -20.44
CA ASP K 73 3.92 15.66 -19.86
C ASP K 73 4.32 16.92 -19.09
N THR K 74 5.42 16.84 -18.37
CA THR K 74 5.88 17.99 -17.58
C THR K 74 6.28 19.15 -18.53
N VAL K 75 7.06 18.85 -19.56
CA VAL K 75 7.45 19.92 -20.56
C VAL K 75 6.22 20.50 -21.26
N ALA K 76 5.31 19.64 -21.75
CA ALA K 76 4.09 20.17 -22.37
C ALA K 76 3.28 21.05 -21.42
N GLU K 77 3.15 20.64 -20.17
CA GLU K 77 2.38 21.45 -19.26
C GLU K 77 3.13 22.76 -18.95
N ARG K 78 4.47 22.77 -19.04
CA ARG K 78 5.26 24.05 -18.89
C ARG K 78 4.94 24.99 -20.06
N VAL K 79 4.82 24.45 -21.28
CA VAL K 79 4.41 25.27 -22.46
C VAL K 79 3.04 25.87 -22.21
N GLN K 80 2.13 25.08 -21.66
CA GLN K 80 0.73 25.58 -21.43
C GLN K 80 0.73 26.61 -20.33
N THR K 81 1.57 26.37 -19.33
CA THR K 81 1.66 27.26 -18.14
C THR K 81 2.15 28.67 -18.59
N LEU K 82 3.03 28.69 -19.59
CA LEU K 82 3.56 29.93 -20.18
C LEU K 82 2.58 30.60 -21.16
N GLY K 83 1.43 29.96 -21.42
CA GLY K 83 0.42 30.51 -22.33
C GLY K 83 0.51 30.06 -23.77
N GLY K 84 1.44 29.14 -24.07
CA GLY K 84 1.67 28.68 -25.41
C GLY K 84 0.85 27.44 -25.77
N VAL K 85 1.24 26.83 -26.88
CA VAL K 85 0.61 25.63 -27.38
C VAL K 85 1.67 24.53 -27.53
N ALA K 86 1.52 23.43 -26.79
CA ALA K 86 2.46 22.29 -26.84
C ALA K 86 2.24 21.54 -28.12
N VAL K 87 3.31 21.05 -28.74
CA VAL K 87 3.16 20.24 -29.96
CA VAL K 87 3.19 20.25 -29.96
C VAL K 87 2.32 19.03 -29.67
N GLY K 88 1.30 18.79 -30.53
CA GLY K 88 0.35 17.75 -30.25
C GLY K 88 0.50 16.51 -31.09
N ASP K 89 -0.08 16.53 -32.29
CA ASP K 89 -0.05 15.31 -33.15
C ASP K 89 1.40 14.94 -33.56
N PRO K 90 1.75 13.66 -33.64
CA PRO K 90 3.11 13.28 -33.99
C PRO K 90 3.52 13.73 -35.43
N ARG K 91 2.55 14.05 -36.29
CA ARG K 91 2.90 14.53 -37.66
C ARG K 91 3.41 15.97 -37.54
N HIS K 92 3.02 16.66 -36.49
CA HIS K 92 3.66 17.95 -36.19
C HIS K 92 5.01 17.77 -35.53
N VAL K 93 5.09 16.85 -34.58
CA VAL K 93 6.39 16.51 -33.97
C VAL K 93 7.44 16.21 -35.07
N ALA K 94 7.01 15.47 -36.11
CA ALA K 94 7.92 15.10 -37.19
C ALA K 94 8.53 16.28 -37.93
N GLU K 95 7.79 17.37 -38.00
CA GLU K 95 8.25 18.62 -38.65
C GLU K 95 9.19 19.42 -37.80
N ILE K 96 9.16 19.25 -36.50
CA ILE K 96 10.00 20.05 -35.58
C ILE K 96 11.28 19.32 -35.16
N THR K 97 11.20 18.01 -34.96
CA THR K 97 12.27 17.25 -34.37
C THR K 97 13.50 17.21 -35.29
N THR K 98 14.67 17.03 -34.68
CA THR K 98 15.85 16.66 -35.47
C THR K 98 16.39 15.27 -35.14
N VAL K 99 15.66 14.46 -34.33
CA VAL K 99 16.00 13.03 -34.13
C VAL K 99 15.64 12.27 -35.42
N PRO K 100 16.62 11.61 -36.03
CA PRO K 100 16.42 10.90 -37.31
C PRO K 100 15.43 9.74 -37.21
N ARG K 101 14.80 9.38 -38.32
CA ARG K 101 13.90 8.28 -38.31
C ARG K 101 14.69 7.00 -38.46
N PRO K 102 14.46 6.01 -37.60
CA PRO K 102 15.15 4.73 -37.75
C PRO K 102 14.50 3.89 -38.87
N PRO K 103 15.13 2.79 -39.25
CA PRO K 103 14.53 1.83 -40.20
C PRO K 103 13.19 1.35 -39.66
N ASP K 104 12.25 1.05 -40.56
CA ASP K 104 10.94 0.53 -40.15
C ASP K 104 11.04 -0.86 -39.47
N GLY K 105 12.02 -1.68 -39.87
CA GLY K 105 12.16 -3.02 -39.36
C GLY K 105 13.10 -3.10 -38.16
N VAL K 106 13.71 -4.26 -37.99
CA VAL K 106 14.51 -4.55 -36.79
CA VAL K 106 14.51 -4.61 -36.81
C VAL K 106 16.02 -4.44 -37.06
N GLU K 107 16.68 -3.56 -36.33
CA GLU K 107 18.15 -3.35 -36.39
C GLU K 107 18.91 -4.36 -35.51
N GLU K 108 20.23 -4.46 -35.65
CA GLU K 108 21.03 -5.17 -34.66
C GLU K 108 20.93 -4.44 -33.33
N VAL K 109 21.02 -5.23 -32.28
CA VAL K 109 20.90 -4.76 -30.93
C VAL K 109 21.89 -3.61 -30.61
N PRO K 110 23.19 -3.78 -30.93
CA PRO K 110 24.06 -2.63 -30.65
C PRO K 110 23.76 -1.36 -31.48
N SER K 111 23.17 -1.51 -32.69
CA SER K 111 22.72 -0.34 -33.46
C SER K 111 21.55 0.35 -32.76
N MET K 112 20.63 -0.45 -32.16
CA MET K 112 19.46 0.10 -31.46
C MET K 112 20.04 0.94 -30.29
N LEU K 113 20.97 0.36 -29.51
CA LEU K 113 21.50 1.11 -28.38
C LEU K 113 22.23 2.40 -28.80
N SER K 114 23.01 2.34 -29.89
CA SER K 114 23.75 3.51 -30.36
C SER K 114 22.79 4.59 -30.80
N ARG K 115 21.65 4.19 -31.40
CA ARG K 115 20.70 5.17 -31.84
C ARG K 115 20.08 5.92 -30.67
N LEU K 116 19.77 5.17 -29.59
CA LEU K 116 19.20 5.79 -28.39
C LEU K 116 20.26 6.81 -27.88
N LEU K 117 21.54 6.42 -27.84
CA LEU K 117 22.57 7.35 -27.33
C LEU K 117 22.69 8.57 -28.14
N GLU K 118 22.65 8.41 -29.48
CA GLU K 118 22.63 9.58 -30.38
C GLU K 118 21.48 10.57 -30.05
N ALA K 119 20.29 10.01 -29.77
CA ALA K 119 19.12 10.81 -29.46
C ALA K 119 19.34 11.54 -28.12
N HIS K 120 19.84 10.84 -27.13
CA HIS K 120 20.17 11.44 -25.84
C HIS K 120 21.13 12.60 -25.99
N GLU K 121 22.24 12.39 -26.70
CA GLU K 121 23.20 13.48 -26.88
C GLU K 121 22.65 14.71 -27.59
N LEU K 122 21.82 14.46 -28.59
CA LEU K 122 21.17 15.51 -29.33
C LEU K 122 20.29 16.36 -28.40
N ILE K 123 19.52 15.67 -27.56
CA ILE K 123 18.63 16.35 -26.61
C ILE K 123 19.46 17.04 -25.57
N LEU K 124 20.49 16.38 -25.08
CA LEU K 124 21.35 16.98 -24.04
C LEU K 124 22.00 18.28 -24.53
N THR K 125 22.54 18.25 -25.72
CA THR K 125 23.14 19.47 -26.30
C THR K 125 22.13 20.60 -26.43
N GLU K 126 20.91 20.34 -26.93
CA GLU K 126 19.90 21.38 -27.12
CA GLU K 126 19.98 21.44 -27.09
C GLU K 126 19.45 21.88 -25.72
N CYS K 127 19.36 20.94 -24.76
CA CYS K 127 18.97 21.28 -23.41
CA CYS K 127 18.97 21.31 -23.40
C CYS K 127 19.92 22.25 -22.67
N HIS K 128 21.23 22.02 -22.79
CA HIS K 128 22.20 22.94 -22.18
C HIS K 128 22.02 24.35 -22.73
N ASP K 129 21.88 24.45 -24.05
CA ASP K 129 21.67 25.76 -24.68
C ASP K 129 20.31 26.36 -24.30
N ALA K 130 19.22 25.61 -24.43
CA ALA K 130 17.91 26.15 -24.02
C ALA K 130 17.88 26.60 -22.54
N ALA K 131 18.50 25.82 -21.64
CA ALA K 131 18.50 26.18 -20.21
C ALA K 131 19.24 27.53 -20.06
N ALA K 132 20.35 27.66 -20.77
CA ALA K 132 21.15 28.91 -20.63
C ALA K 132 20.39 30.14 -21.11
N ARG K 133 19.78 30.00 -22.27
CA ARG K 133 19.05 31.09 -22.92
C ARG K 133 17.77 31.47 -22.23
N THR K 134 16.97 30.47 -21.78
CA THR K 134 15.71 30.83 -21.06
C THR K 134 16.08 31.50 -19.73
N GLN K 135 17.20 31.09 -19.13
CA GLN K 135 17.63 31.79 -17.90
C GLN K 135 17.97 33.27 -18.19
N GLU K 136 18.69 33.51 -19.29
CA GLU K 136 19.04 34.85 -19.69
C GLU K 136 17.81 35.71 -19.93
N TYR K 137 16.71 35.11 -20.41
CA TYR K 137 15.43 35.83 -20.56
C TYR K 137 14.69 36.01 -19.23
N GLY K 138 15.17 35.40 -18.13
CA GLY K 138 14.55 35.63 -16.80
C GLY K 138 13.56 34.53 -16.43
N ASP K 139 13.52 33.46 -17.26
CA ASP K 139 12.55 32.39 -16.99
C ASP K 139 13.22 31.29 -16.13
N ASP K 140 13.31 31.61 -14.82
CA ASP K 140 13.96 30.75 -13.87
C ASP K 140 13.30 29.37 -13.78
N GLY K 141 11.95 29.31 -13.85
CA GLY K 141 11.20 28.05 -13.64
C GLY K 141 11.50 27.14 -14.82
N THR K 142 11.54 27.71 -16.02
CA THR K 142 11.88 26.90 -17.19
C THR K 142 13.29 26.36 -17.15
N ASN K 143 14.22 27.22 -16.75
CA ASN K 143 15.60 26.72 -16.64
C ASN K 143 15.64 25.57 -15.63
N ASP K 144 14.99 25.72 -14.48
CA ASP K 144 15.04 24.66 -13.45
C ASP K 144 14.46 23.33 -14.00
N LEU K 145 13.34 23.41 -14.69
CA LEU K 145 12.76 22.20 -15.37
C LEU K 145 13.74 21.54 -16.34
N LEU K 146 14.33 22.31 -17.25
CA LEU K 146 15.23 21.75 -18.22
C LEU K 146 16.45 21.09 -17.60
N VAL K 147 17.02 21.73 -16.57
CA VAL K 147 18.20 21.13 -15.95
C VAL K 147 17.83 19.98 -14.99
N SER K 148 16.95 20.24 -14.02
CA SER K 148 16.72 19.25 -12.94
CA SER K 148 16.66 19.28 -12.94
C SER K 148 15.99 18.00 -13.43
N GLU K 149 15.16 18.15 -14.45
CA GLU K 149 14.40 17.03 -14.98
C GLU K 149 14.92 16.54 -16.32
N VAL K 150 14.85 17.37 -17.37
CA VAL K 150 15.26 16.86 -18.70
C VAL K 150 16.76 16.47 -18.75
N LEU K 151 17.64 17.39 -18.36
CA LEU K 151 19.06 17.10 -18.52
C LEU K 151 19.48 15.95 -17.61
N ARG K 152 19.14 16.02 -16.34
CA ARG K 152 19.60 14.96 -15.41
C ARG K 152 19.04 13.57 -15.77
N THR K 153 17.81 13.54 -16.26
CA THR K 153 17.20 12.25 -16.58
C THR K 153 17.93 11.65 -17.81
N ASN K 154 18.10 12.46 -18.85
CA ASN K 154 18.81 12.01 -20.05
C ASN K 154 20.25 11.61 -19.80
N GLU K 155 20.93 12.33 -18.90
CA GLU K 155 22.33 11.99 -18.63
C GLU K 155 22.38 10.63 -17.95
N LEU K 156 21.51 10.38 -16.94
CA LEU K 156 21.55 9.11 -16.22
C LEU K 156 21.12 7.97 -17.18
N GLN K 157 20.13 8.24 -18.03
CA GLN K 157 19.74 7.21 -19.02
C GLN K 157 20.83 6.85 -19.97
N ALA K 158 21.53 7.85 -20.50
CA ALA K 158 22.64 7.61 -21.46
C ALA K 158 23.72 6.73 -20.78
N TRP K 159 24.01 7.00 -19.50
CA TRP K 159 24.94 6.14 -18.74
C TRP K 159 24.55 4.66 -18.74
N PHE K 160 23.30 4.36 -18.34
CA PHE K 160 22.79 2.99 -18.26
C PHE K 160 22.88 2.35 -19.63
N VAL K 161 22.49 3.07 -20.69
CA VAL K 161 22.52 2.47 -22.02
C VAL K 161 23.96 2.28 -22.48
N ALA K 162 24.80 3.30 -22.31
CA ALA K 162 26.19 3.24 -22.86
C ALA K 162 27.02 2.10 -22.24
N GLU K 163 26.76 1.75 -20.97
CA GLU K 163 27.61 0.75 -20.35
C GLU K 163 27.30 -0.61 -20.99
N HIS K 164 26.11 -0.79 -21.54
CA HIS K 164 25.79 -2.06 -22.24
C HIS K 164 26.57 -2.30 -23.51
N LEU K 165 27.08 -1.23 -24.11
CA LEU K 165 27.86 -1.36 -25.36
C LEU K 165 29.34 -1.68 -25.08
N VAL K 166 29.76 -1.70 -23.84
CA VAL K 166 31.19 -1.95 -23.48
C VAL K 166 31.52 -3.42 -23.76
N ASP K 167 32.49 -3.69 -24.64
CA ASP K 167 32.82 -5.07 -24.98
C ASP K 167 33.96 -5.45 -24.06
N THR K 168 33.69 -6.32 -23.08
CA THR K 168 34.62 -6.59 -22.00
C THR K 168 34.18 -7.98 -21.53
N PRO K 169 35.12 -8.83 -21.06
CA PRO K 169 34.67 -10.20 -20.81
C PRO K 169 33.76 -10.26 -19.56
N LEU K 170 32.87 -11.26 -19.54
CA LEU K 170 31.90 -11.39 -18.41
C LEU K 170 32.23 -12.62 -17.58
N VAL K 171 33.02 -13.52 -18.16
CA VAL K 171 33.40 -14.77 -17.51
C VAL K 171 34.93 -14.84 -17.75
N HIS K 172 35.68 -15.51 -16.88
CA HIS K 172 37.17 -15.48 -16.98
C HIS K 172 37.83 -15.89 -18.28
N ARG L 1 22.53 -2.87 -41.08
CA ARG L 1 22.01 -4.22 -41.49
C ARG L 1 20.69 -4.51 -40.77
N THR L 2 19.60 -4.61 -41.52
CA THR L 2 18.27 -4.94 -40.99
C THR L 2 18.17 -6.45 -40.78
N ILE L 3 17.94 -6.89 -39.54
CA ILE L 3 17.84 -8.32 -39.24
C ILE L 3 16.42 -8.91 -39.46
N GLN L 4 15.40 -8.07 -39.50
CA GLN L 4 14.09 -8.50 -39.96
C GLN L 4 13.37 -7.33 -40.56
N GLU L 5 12.80 -7.55 -41.74
CA GLU L 5 12.12 -6.48 -42.47
C GLU L 5 10.74 -6.23 -41.85
N PHE L 6 10.32 -4.95 -41.82
CA PHE L 6 8.91 -4.68 -41.50
C PHE L 6 8.01 -5.44 -42.47
N GLY L 7 6.87 -5.94 -42.00
CA GLY L 7 5.86 -6.52 -42.89
C GLY L 7 6.13 -8.00 -43.16
N THR L 8 7.06 -8.59 -42.42
CA THR L 8 7.33 -10.04 -42.49
C THR L 8 7.09 -10.69 -41.12
N VAL L 9 6.91 -12.00 -41.09
CA VAL L 9 6.90 -12.74 -39.82
C VAL L 9 8.02 -13.77 -39.84
N LYS L 10 8.56 -14.04 -38.68
CA LYS L 10 9.61 -15.05 -38.63
C LYS L 10 9.03 -16.41 -38.32
N GLN L 11 9.84 -17.44 -38.53
CA GLN L 11 9.53 -18.78 -38.05
C GLN L 11 9.34 -18.66 -36.52
N PHE L 12 8.17 -19.05 -36.00
CA PHE L 12 7.90 -18.83 -34.56
C PHE L 12 7.08 -19.96 -33.91
N PRO L 13 7.51 -20.42 -32.70
CA PRO L 13 6.91 -21.56 -31.95
C PRO L 13 5.51 -21.35 -31.30
N VAL L 14 4.60 -20.65 -31.99
CA VAL L 14 3.26 -20.37 -31.44
C VAL L 14 2.06 -21.04 -32.16
N ALA L 15 2.25 -22.23 -32.73
CA ALA L 15 1.12 -23.09 -33.21
C ALA L 15 0.09 -22.40 -34.13
N LEU L 16 0.55 -21.44 -34.94
CA LEU L 16 -0.31 -20.78 -35.94
C LEU L 16 0.50 -20.72 -37.21
N THR L 17 -0.16 -20.83 -38.36
CA THR L 17 0.58 -20.82 -39.66
C THR L 17 1.18 -19.46 -39.97
N MET L 18 2.21 -19.48 -40.80
CA MET L 18 2.85 -18.28 -41.27
C MET L 18 1.82 -17.33 -41.91
N ASP L 19 0.91 -17.86 -42.74
CA ASP L 19 -0.07 -16.98 -43.36
C ASP L 19 -1.04 -16.35 -42.34
N THR L 20 -1.46 -17.14 -41.36
CA THR L 20 -2.40 -16.65 -40.32
C THR L 20 -1.66 -15.56 -39.52
N ARG L 21 -0.40 -15.81 -39.16
CA ARG L 21 0.35 -14.80 -38.35
C ARG L 21 0.60 -13.51 -39.13
N LEU L 22 0.95 -13.63 -40.41
CA LEU L 22 1.21 -12.45 -41.23
C LEU L 22 -0.02 -11.59 -41.33
N TYR L 23 -1.15 -12.23 -41.55
CA TYR L 23 -2.40 -11.49 -41.67
C TYR L 23 -2.80 -10.80 -40.34
N SER L 24 -2.73 -11.54 -39.25
CA SER L 24 -3.03 -10.94 -37.93
C SER L 24 -2.09 -9.73 -37.68
N CYS L 25 -0.82 -9.86 -38.00
CA CYS L 25 0.11 -8.73 -37.81
C CYS L 25 -0.25 -7.48 -38.66
N GLN L 26 -0.68 -7.69 -39.90
CA GLN L 26 -1.08 -6.55 -40.73
C GLN L 26 -2.27 -5.88 -40.09
N ARG L 27 -3.23 -6.66 -39.64
CA ARG L 27 -4.46 -6.07 -39.08
C ARG L 27 -4.11 -5.35 -37.75
N LEU L 28 -3.29 -5.99 -36.94
CA LEU L 28 -2.90 -5.40 -35.62
C LEU L 28 -2.14 -4.11 -35.80
N ASN L 29 -1.25 -4.08 -36.80
CA ASN L 29 -0.48 -2.87 -37.09
C ASN L 29 -1.30 -1.69 -37.50
N LYS L 30 -2.42 -1.92 -38.18
CA LYS L 30 -3.28 -0.83 -38.54
C LYS L 30 -4.01 -0.31 -37.28
N VAL L 31 -4.57 -1.23 -36.47
CA VAL L 31 -5.20 -0.86 -35.18
C VAL L 31 -4.15 -0.10 -34.34
N LEU L 32 -2.94 -0.65 -34.30
CA LEU L 32 -1.85 0.05 -33.55
C LEU L 32 -1.57 1.48 -34.01
N ALA L 33 -1.42 1.66 -35.34
CA ALA L 33 -1.14 3.02 -35.86
C ALA L 33 -2.27 3.97 -35.53
N ASP L 34 -3.53 3.55 -35.66
CA ASP L 34 -4.64 4.45 -35.35
C ASP L 34 -4.69 4.79 -33.82
N THR L 35 -4.40 3.79 -32.99
CA THR L 35 -4.48 3.98 -31.54
CA THR L 35 -4.44 3.93 -31.51
C THR L 35 -3.30 4.85 -31.06
N ARG L 36 -2.15 4.72 -31.71
CA ARG L 36 -1.00 5.65 -31.45
C ARG L 36 -1.44 7.08 -31.71
N ILE L 37 -2.16 7.34 -32.84
CA ILE L 37 -2.69 8.69 -33.06
C ILE L 37 -3.68 9.07 -31.98
N LEU L 38 -4.56 8.14 -31.63
CA LEU L 38 -5.60 8.50 -30.63
C LEU L 38 -5.02 8.83 -29.25
N HIS L 39 -3.99 8.10 -28.86
CA HIS L 39 -3.36 8.37 -27.57
C HIS L 39 -2.83 9.78 -27.62
N ASP L 40 -2.16 10.12 -28.71
CA ASP L 40 -1.58 11.44 -28.82
C ASP L 40 -2.64 12.54 -28.91
N LEU L 41 -3.78 12.24 -29.52
CA LEU L 41 -4.92 13.25 -29.44
C LEU L 41 -5.40 13.45 -28.03
N TYR L 42 -5.57 12.34 -27.26
CA TYR L 42 -5.97 12.49 -25.85
C TYR L 42 -4.96 13.35 -25.08
N LYS L 43 -3.68 13.13 -25.32
CA LYS L 43 -2.69 13.96 -24.55
C LYS L 43 -2.67 15.42 -25.05
N LYS L 44 -2.77 15.64 -26.38
CA LYS L 44 -2.90 16.96 -26.94
C LYS L 44 -4.04 17.72 -26.24
N TYR L 45 -5.21 17.11 -26.16
CA TYR L 45 -6.35 17.81 -25.56
C TYR L 45 -6.27 17.88 -24.05
N HIS L 46 -5.61 16.92 -23.40
CA HIS L 46 -5.32 17.03 -21.93
C HIS L 46 -4.58 18.33 -21.71
N TRP L 47 -3.58 18.64 -22.56
CA TRP L 47 -2.79 19.89 -22.35
C TRP L 47 -3.56 21.10 -22.85
N LEU L 48 -4.20 21.00 -24.02
CA LEU L 48 -4.76 22.25 -24.64
C LEU L 48 -6.12 22.66 -24.14
N MET L 49 -6.77 21.80 -23.34
CA MET L 49 -8.16 22.05 -22.83
C MET L 49 -8.27 23.42 -22.18
N ARG L 50 -9.45 24.01 -22.28
CA ARG L 50 -9.79 25.23 -21.56
C ARG L 50 -11.24 25.34 -21.31
N GLY L 51 -11.60 26.29 -20.45
CA GLY L 51 -13.00 26.57 -20.15
C GLY L 51 -13.48 26.11 -18.78
N ALA L 52 -14.78 26.29 -18.51
CA ALA L 52 -15.37 26.11 -17.18
C ALA L 52 -15.24 24.69 -16.63
N THR L 53 -15.06 23.72 -17.54
CA THR L 53 -14.91 22.34 -17.13
C THR L 53 -13.48 21.86 -17.32
N PHE L 54 -12.52 22.78 -17.23
CA PHE L 54 -11.11 22.40 -17.54
C PHE L 54 -10.64 21.23 -16.70
N TYR L 55 -10.79 21.31 -15.39
CA TYR L 55 -10.11 20.26 -14.59
C TYR L 55 -10.76 18.87 -14.83
N GLN L 56 -12.10 18.84 -14.90
CA GLN L 56 -12.83 17.62 -15.20
CA GLN L 56 -12.71 17.53 -15.12
C GLN L 56 -12.34 16.98 -16.49
N LEU L 57 -12.27 17.80 -17.57
CA LEU L 57 -11.93 17.16 -18.85
C LEU L 57 -10.44 16.83 -18.92
N HIS L 58 -9.62 17.70 -18.29
CA HIS L 58 -8.16 17.40 -18.15
C HIS L 58 -7.94 16.03 -17.51
N LEU L 59 -8.67 15.71 -16.46
CA LEU L 59 -8.47 14.43 -15.79
C LEU L 59 -9.07 13.30 -16.64
N LEU L 60 -10.23 13.55 -17.23
CA LEU L 60 -10.87 12.48 -18.06
C LEU L 60 -9.97 12.11 -19.22
N LEU L 61 -9.46 13.14 -19.90
CA LEU L 61 -8.65 12.87 -21.11
C LEU L 61 -7.39 12.11 -20.72
N ASP L 62 -6.84 12.44 -19.54
CA ASP L 62 -5.62 11.70 -19.12
C ASP L 62 -5.94 10.23 -18.78
N LYS L 63 -7.09 9.99 -18.15
CA LYS L 63 -7.51 8.62 -17.84
C LYS L 63 -7.57 7.83 -19.14
N HIS L 64 -8.20 8.41 -20.14
CA HIS L 64 -8.33 7.67 -21.42
C HIS L 64 -7.01 7.48 -22.12
N ALA L 65 -6.15 8.50 -22.09
CA ALA L 65 -4.76 8.40 -22.62
C ALA L 65 -4.00 7.23 -21.97
N GLY L 66 -4.06 7.16 -20.63
CA GLY L 66 -3.45 6.01 -19.89
C GLY L 66 -3.92 4.63 -20.41
N GLU L 67 -5.19 4.51 -20.61
CA GLU L 67 -5.79 3.25 -21.11
C GLU L 67 -5.35 2.93 -22.52
N GLN L 68 -5.32 3.96 -23.39
CA GLN L 68 -4.84 3.79 -24.78
C GLN L 68 -3.34 3.40 -24.77
N LEU L 69 -2.55 3.99 -23.85
CA LEU L 69 -1.15 3.65 -23.83
C LEU L 69 -0.91 2.17 -23.52
N GLU L 70 -1.72 1.63 -22.60
CA GLU L 70 -1.66 0.20 -22.26
C GLU L 70 -2.10 -0.64 -23.48
N LEU L 71 -3.13 -0.18 -24.19
CA LEU L 71 -3.61 -0.96 -25.39
C LEU L 71 -2.48 -1.01 -26.42
N ILE L 72 -1.77 0.11 -26.58
CA ILE L 72 -0.66 0.17 -27.52
C ILE L 72 0.38 -0.90 -27.19
N ASP L 73 0.76 -1.00 -25.91
CA ASP L 73 1.82 -1.91 -25.55
C ASP L 73 1.32 -3.34 -25.74
N THR L 74 0.05 -3.59 -25.42
CA THR L 74 -0.48 -4.96 -25.50
C THR L 74 -0.63 -5.42 -26.98
N VAL L 75 -1.09 -4.52 -27.80
CA VAL L 75 -1.22 -4.85 -29.25
C VAL L 75 0.18 -5.05 -29.85
N ALA L 76 1.11 -4.14 -29.50
CA ALA L 76 2.50 -4.26 -30.01
C ALA L 76 3.15 -5.57 -29.58
N GLU L 77 2.99 -5.94 -28.30
CA GLU L 77 3.60 -7.20 -27.87
C GLU L 77 2.89 -8.38 -28.59
N ARG L 78 1.62 -8.18 -28.97
CA ARG L 78 0.87 -9.29 -29.70
C ARG L 78 1.48 -9.47 -31.10
N VAL L 79 1.76 -8.38 -31.79
CA VAL L 79 2.51 -8.40 -33.08
C VAL L 79 3.82 -9.19 -32.94
N GLN L 80 4.60 -8.88 -31.90
CA GLN L 80 5.86 -9.54 -31.67
C GLN L 80 5.66 -11.00 -31.32
N THR L 81 4.63 -11.32 -30.53
CA THR L 81 4.35 -12.69 -30.08
C THR L 81 4.07 -13.56 -31.36
N LEU L 82 3.54 -12.93 -32.39
CA LEU L 82 3.21 -13.67 -33.64
C LEU L 82 4.42 -13.72 -34.61
N GLY L 83 5.56 -13.20 -34.16
CA GLY L 83 6.78 -13.15 -34.98
C GLY L 83 6.90 -11.98 -35.92
N GLY L 84 6.02 -10.97 -35.81
CA GLY L 84 6.01 -9.85 -36.74
C GLY L 84 6.77 -8.67 -36.18
N VAL L 85 6.57 -7.51 -36.79
CA VAL L 85 7.28 -6.30 -36.41
C VAL L 85 6.27 -5.21 -36.14
N ALA L 86 6.18 -4.76 -34.88
CA ALA L 86 5.26 -3.66 -34.48
C ALA L 86 5.70 -2.31 -35.07
N VAL L 87 4.75 -1.48 -35.49
CA VAL L 87 5.09 -0.15 -36.02
CA VAL L 87 5.07 -0.15 -36.02
C VAL L 87 5.77 0.67 -34.90
N GLY L 88 6.87 1.33 -35.24
CA GLY L 88 7.74 1.97 -34.20
C GLY L 88 7.64 3.46 -34.18
N ASP L 89 8.46 4.11 -35.01
CA ASP L 89 8.56 5.53 -35.09
C ASP L 89 7.27 6.11 -35.54
N PRO L 90 6.86 7.24 -34.93
CA PRO L 90 5.63 7.89 -35.36
C PRO L 90 5.59 8.33 -36.81
N ARG L 91 6.75 8.49 -37.43
CA ARG L 91 6.75 8.81 -38.85
C ARG L 91 6.30 7.60 -39.69
N HIS L 92 6.51 6.40 -39.18
CA HIS L 92 5.95 5.20 -39.83
C HIS L 92 4.48 5.10 -39.53
N VAL L 93 4.09 5.36 -38.27
CA VAL L 93 2.66 5.42 -37.92
C VAL L 93 1.91 6.31 -38.91
N ALA L 94 2.45 7.49 -39.20
CA ALA L 94 1.76 8.45 -40.06
C ALA L 94 1.45 7.91 -41.44
N GLU L 95 2.30 7.03 -41.91
CA GLU L 95 2.10 6.38 -43.23
C GLU L 95 1.07 5.27 -43.22
N ILE L 96 0.75 4.73 -42.05
CA ILE L 96 -0.18 3.58 -41.97
C ILE L 96 -1.56 4.04 -41.52
N THR L 97 -1.60 5.03 -40.62
CA THR L 97 -2.85 5.42 -39.99
C THR L 97 -3.85 6.03 -40.96
N THR L 98 -5.14 5.87 -40.66
CA THR L 98 -6.14 6.69 -41.39
C THR L 98 -6.84 7.71 -40.46
N VAL L 99 -6.31 7.94 -39.25
CA VAL L 99 -6.92 8.95 -38.38
C VAL L 99 -6.38 10.30 -38.86
N PRO L 100 -7.25 11.27 -39.19
CA PRO L 100 -6.67 12.51 -39.77
C PRO L 100 -5.87 13.34 -38.80
N ARG L 101 -4.99 14.16 -39.35
CA ARG L 101 -4.25 15.14 -38.49
C ARG L 101 -5.09 16.35 -38.03
N PRO L 102 -5.03 16.73 -36.73
CA PRO L 102 -5.81 17.88 -36.24
C PRO L 102 -5.04 19.17 -36.60
N PRO L 103 -5.63 20.35 -36.42
CA PRO L 103 -4.79 21.53 -36.55
C PRO L 103 -3.63 21.51 -35.55
N ASP L 104 -2.55 22.21 -35.89
CA ASP L 104 -1.42 22.38 -34.94
C ASP L 104 -1.81 23.16 -33.68
N GLY L 105 -2.75 24.11 -33.80
CA GLY L 105 -3.12 24.98 -32.69
C GLY L 105 -4.32 24.44 -31.88
N VAL L 106 -5.10 25.35 -31.31
CA VAL L 106 -6.16 24.95 -30.38
CA VAL L 106 -6.15 25.03 -30.32
C VAL L 106 -7.52 25.13 -31.02
N GLU L 107 -8.29 24.05 -31.04
CA GLU L 107 -9.66 24.02 -31.62
C GLU L 107 -10.64 24.39 -30.52
N GLU L 108 -11.89 24.63 -30.90
CA GLU L 108 -12.95 24.73 -29.88
C GLU L 108 -13.16 23.40 -29.16
N VAL L 109 -13.60 23.48 -27.92
CA VAL L 109 -13.82 22.25 -27.12
C VAL L 109 -14.70 21.19 -27.80
N PRO L 110 -15.88 21.60 -28.34
CA PRO L 110 -16.70 20.59 -29.02
C PRO L 110 -16.06 19.95 -30.22
N SER L 111 -15.16 20.65 -30.91
CA SER L 111 -14.43 20.06 -32.00
C SER L 111 -13.42 19.03 -31.51
N MET L 112 -12.76 19.32 -30.39
CA MET L 112 -11.79 18.37 -29.86
C MET L 112 -12.51 17.08 -29.53
N LEU L 113 -13.63 17.19 -28.83
CA LEU L 113 -14.35 16.03 -28.34
C LEU L 113 -14.94 15.25 -29.53
N SER L 114 -15.46 15.95 -30.55
CA SER L 114 -15.94 15.25 -31.76
C SER L 114 -14.84 14.54 -32.51
N ARG L 115 -13.65 15.13 -32.58
CA ARG L 115 -12.55 14.48 -33.24
C ARG L 115 -12.19 13.16 -32.52
N LEU L 116 -12.19 13.18 -31.19
CA LEU L 116 -11.92 11.92 -30.44
C LEU L 116 -12.97 10.85 -30.81
N LEU L 117 -14.23 11.25 -30.82
CA LEU L 117 -15.34 10.27 -31.15
C LEU L 117 -15.17 9.74 -32.53
N GLU L 118 -14.78 10.61 -33.47
CA GLU L 118 -14.55 10.11 -34.85
C GLU L 118 -13.42 9.11 -34.88
N ALA L 119 -12.35 9.38 -34.12
CA ALA L 119 -11.25 8.36 -34.05
C ALA L 119 -11.69 7.08 -33.38
N HIS L 120 -12.46 7.19 -32.29
CA HIS L 120 -12.98 5.94 -31.68
C HIS L 120 -13.82 5.15 -32.68
N GLU L 121 -14.68 5.84 -33.42
CA GLU L 121 -15.56 5.05 -34.36
C GLU L 121 -14.76 4.38 -35.46
N LEU L 122 -13.73 5.06 -35.93
CA LEU L 122 -12.83 4.52 -36.95
C LEU L 122 -12.16 3.25 -36.42
N ILE L 123 -11.59 3.32 -35.21
CA ILE L 123 -10.97 2.13 -34.61
C ILE L 123 -11.97 0.99 -34.37
N LEU L 124 -13.18 1.35 -33.92
CA LEU L 124 -14.18 0.35 -33.61
C LEU L 124 -14.60 -0.39 -34.88
N THR L 125 -14.79 0.37 -35.95
CA THR L 125 -15.23 -0.23 -37.28
C THR L 125 -14.17 -1.22 -37.71
N GLU L 126 -12.91 -0.80 -37.68
CA GLU L 126 -11.74 -1.66 -38.01
C GLU L 126 -11.68 -2.89 -37.12
N CYS L 127 -11.89 -2.69 -35.82
CA CYS L 127 -11.80 -3.81 -34.87
C CYS L 127 -12.82 -4.92 -35.10
N HIS L 128 -14.07 -4.53 -35.40
CA HIS L 128 -15.13 -5.55 -35.66
C HIS L 128 -14.71 -6.42 -36.81
N ASP L 129 -14.23 -5.77 -37.85
CA ASP L 129 -13.82 -6.49 -39.08
C ASP L 129 -12.58 -7.35 -38.83
N ALA L 130 -11.53 -6.78 -38.23
CA ALA L 130 -10.35 -7.58 -37.88
C ALA L 130 -10.63 -8.74 -36.93
N ALA L 131 -11.54 -8.56 -35.98
CA ALA L 131 -11.82 -9.60 -34.99
C ALA L 131 -12.43 -10.80 -35.73
N ALA L 132 -13.36 -10.49 -36.61
CA ALA L 132 -14.03 -11.51 -37.44
C ALA L 132 -13.04 -12.25 -38.34
N ARG L 133 -12.22 -11.52 -39.07
CA ARG L 133 -11.28 -12.19 -40.04
C ARG L 133 -10.16 -12.95 -39.36
N THR L 134 -9.61 -12.41 -38.25
CA THR L 134 -8.57 -13.15 -37.58
C THR L 134 -9.12 -14.41 -36.94
N GLN L 135 -10.36 -14.34 -36.46
CA GLN L 135 -10.98 -15.51 -35.88
C GLN L 135 -11.21 -16.63 -36.98
N GLU L 136 -11.73 -16.26 -38.13
CA GLU L 136 -11.86 -17.25 -39.25
C GLU L 136 -10.55 -17.98 -39.60
N TYR L 137 -9.42 -17.27 -39.54
CA TYR L 137 -8.12 -17.90 -39.78
C TYR L 137 -7.55 -18.67 -38.59
N GLY L 138 -8.31 -18.75 -37.48
CA GLY L 138 -7.91 -19.56 -36.32
C GLY L 138 -7.09 -18.83 -35.23
N ASP L 139 -6.89 -17.51 -35.38
CA ASP L 139 -6.08 -16.75 -34.39
C ASP L 139 -6.98 -16.29 -33.22
N ASP L 140 -7.30 -17.25 -32.34
CA ASP L 140 -8.23 -17.05 -31.23
C ASP L 140 -7.73 -15.95 -30.29
N GLY L 141 -6.43 -15.95 -30.00
CA GLY L 141 -5.86 -15.00 -29.03
C GLY L 141 -5.95 -13.59 -29.54
N THR L 142 -5.69 -13.42 -30.84
CA THR L 142 -5.78 -12.10 -31.43
C THR L 142 -7.22 -11.60 -31.42
N ASN L 143 -8.16 -12.49 -31.77
CA ASN L 143 -9.57 -12.07 -31.72
C ASN L 143 -9.94 -11.66 -30.27
N ASP L 144 -9.55 -12.46 -29.29
CA ASP L 144 -9.86 -12.15 -27.88
C ASP L 144 -9.26 -10.76 -27.46
N LEU L 145 -8.04 -10.47 -27.86
CA LEU L 145 -7.43 -9.16 -27.56
C LEU L 145 -8.21 -8.04 -28.20
N LEU L 146 -8.56 -8.22 -29.48
CA LEU L 146 -9.27 -7.13 -30.15
C LEU L 146 -10.67 -6.85 -29.55
N VAL L 147 -11.36 -7.90 -29.14
CA VAL L 147 -12.71 -7.75 -28.59
C VAL L 147 -12.68 -7.31 -27.12
N SER L 148 -11.97 -8.06 -26.31
CA SER L 148 -12.05 -7.89 -24.86
CA SER L 148 -12.03 -7.91 -24.86
C SER L 148 -11.31 -6.63 -24.41
N GLU L 149 -10.27 -6.26 -25.15
CA GLU L 149 -9.51 -5.06 -24.74
C GLU L 149 -9.75 -3.90 -25.68
N VAL L 150 -9.44 -4.04 -26.96
CA VAL L 150 -9.49 -2.87 -27.81
C VAL L 150 -10.92 -2.43 -28.02
N LEU L 151 -11.81 -3.35 -28.40
CA LEU L 151 -13.18 -2.92 -28.63
C LEU L 151 -13.86 -2.37 -27.38
N ARG L 152 -13.82 -3.16 -26.30
CA ARG L 152 -14.54 -2.78 -25.12
C ARG L 152 -14.05 -1.43 -24.56
N THR L 153 -12.76 -1.23 -24.63
CA THR L 153 -12.20 0.01 -24.07
C THR L 153 -12.64 1.20 -24.92
N ASN L 154 -12.51 1.10 -26.24
CA ASN L 154 -12.95 2.20 -27.10
C ASN L 154 -14.46 2.48 -27.00
N GLU L 155 -15.28 1.46 -26.83
CA GLU L 155 -16.73 1.70 -26.71
C GLU L 155 -17.02 2.49 -25.43
N LEU L 156 -16.44 2.06 -24.33
CA LEU L 156 -16.69 2.72 -23.06
C LEU L 156 -16.15 4.18 -23.08
N GLN L 157 -14.96 4.38 -23.66
CA GLN L 157 -14.40 5.75 -23.69
C GLN L 157 -15.28 6.64 -24.55
N ALA L 158 -15.80 6.11 -25.67
CA ALA L 158 -16.65 6.89 -26.55
C ALA L 158 -17.93 7.30 -25.82
N TRP L 159 -18.46 6.43 -24.96
CA TRP L 159 -19.60 6.82 -24.14
C TRP L 159 -19.25 8.01 -23.24
N PHE L 160 -18.15 7.91 -22.48
CA PHE L 160 -17.79 9.01 -21.59
C PHE L 160 -17.66 10.33 -22.34
N VAL L 161 -16.99 10.31 -23.51
CA VAL L 161 -16.73 11.55 -24.25
C VAL L 161 -18.05 12.07 -24.83
N ALA L 162 -18.83 11.21 -25.48
CA ALA L 162 -20.11 11.67 -26.11
C ALA L 162 -21.07 12.34 -25.12
N GLU L 163 -21.12 11.88 -23.84
CA GLU L 163 -22.11 12.46 -22.91
C GLU L 163 -21.76 13.89 -22.63
N HIS L 164 -20.49 14.23 -22.73
CA HIS L 164 -20.09 15.65 -22.48
C HIS L 164 -20.54 16.62 -23.54
N LEU L 165 -20.87 16.08 -24.71
CA LEU L 165 -21.36 16.88 -25.84
C LEU L 165 -22.87 17.16 -25.79
N VAL L 166 -23.61 16.48 -24.92
CA VAL L 166 -25.06 16.62 -24.82
C VAL L 166 -25.41 17.99 -24.27
N ASP L 167 -26.18 18.75 -25.05
CA ASP L 167 -26.56 20.11 -24.65
C ASP L 167 -27.86 19.99 -23.87
N THR L 168 -27.81 20.13 -22.55
CA THR L 168 -28.98 19.85 -21.71
C THR L 168 -28.86 20.73 -20.47
N PRO L 169 -29.97 21.23 -19.90
CA PRO L 169 -29.80 22.17 -18.79
C PRO L 169 -29.15 21.48 -17.58
N LEU L 170 -28.32 22.24 -16.87
CA LEU L 170 -27.66 21.78 -15.62
C LEU L 170 -28.31 22.32 -14.35
N VAL L 171 -29.07 23.42 -14.48
CA VAL L 171 -29.75 24.04 -13.32
C VAL L 171 -31.23 24.27 -13.77
N HIS L 172 -32.18 24.42 -12.83
CA HIS L 172 -33.63 24.75 -13.14
C HIS L 172 -33.83 26.08 -13.81
FE FE M . -12.70 19.23 2.60
FE FE N . 7.70 20.02 8.82
FE FE O . 19.08 0.25 13.58
NA NA P . 15.16 -17.65 12.63
FE FE Q . 21.85 3.15 -7.31
FE FE R . -1.98 4.11 22.77
FE FE S . -2.65 -16.25 16.51
FE FE T . -8.00 -21.11 -5.55
FE FE U . 13.13 -18.36 -5.65
FE FE V . -21.40 -6.46 6.51
FE FE W . -19.29 2.82 -12.51
NA NA X . 5.60 -16.65 -7.37
FE FE Y . -0.49 15.79 -16.85
NA NA Z . 14.97 20.08 -7.80
FE FE AA . 5.34 -4.00 -22.22
NA NA BA . -1.07 7.95 -17.17
#